data_2DMO
#
_entry.id   2DMO
#
_entity_poly.entity_id   1
_entity_poly.type   'polypeptide(L)'
_entity_poly.pdbx_seq_one_letter_code
;GSSGSSGEAHRVLFGFVPETKEELQVMPGNIVFVLKKGNDNWATVMFNGQKGLVPCNYLEPVSGPSSG
;
_entity_poly.pdbx_strand_id   A
#
# COMPACT_ATOMS: atom_id res chain seq x y z
N GLY A 1 -8.91 -17.44 -1.49
CA GLY A 1 -9.56 -16.35 -0.78
C GLY A 1 -9.35 -16.43 0.72
N SER A 2 -8.80 -15.37 1.29
CA SER A 2 -8.55 -15.33 2.73
C SER A 2 -9.16 -14.07 3.36
N SER A 3 -9.01 -13.94 4.67
CA SER A 3 -9.54 -12.79 5.38
C SER A 3 -8.83 -11.50 4.97
N GLY A 4 -9.37 -10.37 5.41
CA GLY A 4 -8.77 -9.10 5.07
C GLY A 4 -9.35 -8.50 3.81
N SER A 5 -8.48 -7.97 2.95
CA SER A 5 -8.91 -7.35 1.71
C SER A 5 -9.83 -6.16 1.98
N SER A 6 -9.33 -5.21 2.75
CA SER A 6 -10.10 -4.02 3.10
C SER A 6 -9.25 -2.76 2.96
N GLY A 7 -9.59 -1.92 1.99
CA GLY A 7 -8.85 -0.69 1.77
C GLY A 7 -8.72 -0.33 0.31
N GLU A 8 -7.90 0.67 0.01
CA GLU A 8 -7.70 1.11 -1.37
C GLU A 8 -6.49 0.41 -1.99
N ALA A 9 -6.73 -0.34 -3.07
CA ALA A 9 -5.66 -1.05 -3.75
C ALA A 9 -4.72 -0.08 -4.47
N HIS A 10 -3.42 -0.22 -4.22
CA HIS A 10 -2.43 0.64 -4.83
C HIS A 10 -1.28 -0.18 -5.41
N ARG A 11 -0.84 0.18 -6.61
CA ARG A 11 0.25 -0.52 -7.27
C ARG A 11 1.59 0.11 -6.94
N VAL A 12 2.47 -0.65 -6.30
CA VAL A 12 3.79 -0.16 -5.93
C VAL A 12 4.64 0.10 -7.16
N LEU A 13 5.31 1.25 -7.17
CA LEU A 13 6.17 1.63 -8.29
C LEU A 13 7.64 1.65 -7.87
N PHE A 14 8.51 1.25 -8.79
CA PHE A 14 9.94 1.22 -8.51
C PHE A 14 10.43 2.58 -8.02
N GLY A 15 11.42 2.56 -7.14
CA GLY A 15 11.96 3.79 -6.59
C GLY A 15 12.61 3.60 -5.23
N PHE A 16 11.78 3.48 -4.20
CA PHE A 16 12.27 3.29 -2.84
C PHE A 16 12.29 1.81 -2.47
N VAL A 17 13.18 1.44 -1.56
CA VAL A 17 13.30 0.06 -1.12
C VAL A 17 13.01 -0.06 0.37
N PRO A 18 11.72 -0.25 0.71
CA PRO A 18 11.27 -0.38 2.11
C PRO A 18 11.73 -1.70 2.72
N GLU A 19 12.98 -1.74 3.18
CA GLU A 19 13.53 -2.95 3.80
C GLU A 19 13.76 -2.73 5.29
N THR A 20 12.77 -3.10 6.11
CA THR A 20 12.87 -2.96 7.54
C THR A 20 11.82 -3.81 8.25
N LYS A 21 11.87 -3.82 9.58
CA LYS A 21 10.94 -4.60 10.38
C LYS A 21 9.53 -4.00 10.32
N GLU A 22 9.47 -2.67 10.33
CA GLU A 22 8.18 -1.97 10.27
C GLU A 22 7.61 -2.01 8.86
N GLU A 23 8.34 -1.40 7.92
CA GLU A 23 7.90 -1.37 6.54
C GLU A 23 7.74 -2.78 5.97
N LEU A 24 6.58 -3.05 5.39
CA LEU A 24 6.30 -4.37 4.81
C LEU A 24 7.04 -4.55 3.49
N GLN A 25 7.94 -5.52 3.46
CA GLN A 25 8.71 -5.81 2.25
C GLN A 25 7.81 -6.35 1.14
N VAL A 26 7.45 -5.48 0.21
CA VAL A 26 6.59 -5.86 -0.90
C VAL A 26 7.39 -5.91 -2.20
N MET A 27 6.73 -6.38 -3.27
CA MET A 27 7.38 -6.48 -4.57
C MET A 27 6.85 -5.41 -5.52
N PRO A 28 7.63 -5.10 -6.57
CA PRO A 28 7.26 -4.10 -7.56
C PRO A 28 6.10 -4.55 -8.44
N GLY A 29 5.01 -3.80 -8.41
CA GLY A 29 3.84 -4.14 -9.20
C GLY A 29 2.85 -5.00 -8.45
N ASN A 30 2.93 -4.97 -7.11
CA ASN A 30 2.04 -5.76 -6.28
C ASN A 30 0.85 -4.92 -5.81
N ILE A 31 -0.22 -5.60 -5.42
CA ILE A 31 -1.43 -4.92 -4.95
C ILE A 31 -1.47 -4.88 -3.43
N VAL A 32 -1.65 -3.69 -2.87
CA VAL A 32 -1.72 -3.52 -1.43
C VAL A 32 -2.87 -2.59 -1.04
N PHE A 33 -3.64 -3.02 -0.04
CA PHE A 33 -4.78 -2.24 0.43
C PHE A 33 -4.34 -1.19 1.44
N VAL A 34 -4.47 0.09 1.09
CA VAL A 34 -4.09 1.18 1.97
C VAL A 34 -5.13 1.40 3.06
N LEU A 35 -4.68 1.35 4.31
CA LEU A 35 -5.58 1.54 5.45
C LEU A 35 -5.78 3.03 5.73
N LYS A 36 -4.67 3.74 5.92
CA LYS A 36 -4.72 5.17 6.20
C LYS A 36 -3.56 5.90 5.53
N LYS A 37 -3.54 7.21 5.68
CA LYS A 37 -2.47 8.03 5.08
C LYS A 37 -2.10 9.19 6.00
N GLY A 38 -0.88 9.14 6.52
CA GLY A 38 -0.41 10.19 7.42
C GLY A 38 0.37 11.26 6.68
N ASN A 39 0.81 12.27 7.42
CA ASN A 39 1.57 13.37 6.84
C ASN A 39 3.06 13.24 7.15
N ASP A 40 3.54 12.00 7.14
CA ASP A 40 4.95 11.74 7.43
C ASP A 40 5.58 10.89 6.32
N ASN A 41 5.02 10.99 5.11
CA ASN A 41 5.52 10.24 3.98
C ASN A 41 5.52 8.74 4.27
N TRP A 42 4.59 8.32 5.12
CA TRP A 42 4.48 6.90 5.48
C TRP A 42 3.01 6.48 5.56
N ALA A 43 2.58 5.69 4.58
CA ALA A 43 1.20 5.21 4.55
C ALA A 43 1.11 3.76 4.99
N THR A 44 0.01 3.41 5.66
CA THR A 44 -0.19 2.05 6.14
C THR A 44 -0.90 1.20 5.09
N VAL A 45 -0.36 0.00 4.85
CA VAL A 45 -0.95 -0.92 3.88
C VAL A 45 -1.16 -2.30 4.47
N MET A 46 -1.69 -3.22 3.67
CA MET A 46 -1.94 -4.58 4.12
C MET A 46 -1.63 -5.57 3.01
N PHE A 47 -0.97 -6.67 3.38
CA PHE A 47 -0.61 -7.70 2.41
C PHE A 47 -0.56 -9.07 3.07
N ASN A 48 -1.38 -9.99 2.59
CA ASN A 48 -1.43 -11.34 3.13
C ASN A 48 -1.66 -11.30 4.64
N GLY A 49 -2.34 -10.26 5.11
CA GLY A 49 -2.62 -10.14 6.52
C GLY A 49 -1.44 -9.54 7.29
N GLN A 50 -0.61 -8.78 6.60
CA GLN A 50 0.54 -8.15 7.21
C GLN A 50 0.51 -6.63 7.03
N LYS A 51 0.72 -5.91 8.11
CA LYS A 51 0.71 -4.44 8.07
C LYS A 51 2.13 -3.90 8.01
N GLY A 52 2.31 -2.79 7.29
CA GLY A 52 3.62 -2.18 7.17
C GLY A 52 3.56 -0.79 6.57
N LEU A 53 4.58 0.02 6.85
CA LEU A 53 4.63 1.38 6.34
C LEU A 53 5.32 1.42 4.97
N VAL A 54 4.88 2.34 4.12
CA VAL A 54 5.45 2.48 2.79
C VAL A 54 5.30 3.90 2.27
N PRO A 55 6.18 4.29 1.34
CA PRO A 55 6.16 5.63 0.73
C PRO A 55 4.95 5.84 -0.17
N CYS A 56 4.15 6.86 0.15
CA CYS A 56 2.96 7.17 -0.63
C CYS A 56 3.34 7.80 -1.97
N ASN A 57 4.49 8.46 -2.00
CA ASN A 57 4.97 9.10 -3.23
C ASN A 57 5.26 8.07 -4.31
N TYR A 58 5.68 6.88 -3.89
CA TYR A 58 5.99 5.81 -4.82
C TYR A 58 4.85 4.80 -4.91
N LEU A 59 3.63 5.31 -5.02
CA LEU A 59 2.44 4.47 -5.11
C LEU A 59 1.43 5.05 -6.08
N GLU A 60 0.58 4.20 -6.64
CA GLU A 60 -0.44 4.64 -7.59
C GLU A 60 -1.80 4.04 -7.24
N PRO A 61 -2.85 4.87 -7.31
CA PRO A 61 -4.22 4.45 -7.00
C PRO A 61 -4.78 3.49 -8.05
N VAL A 62 -5.25 2.33 -7.59
CA VAL A 62 -5.81 1.32 -8.48
C VAL A 62 -7.30 1.14 -8.22
N SER A 63 -8.10 2.14 -8.58
CA SER A 63 -9.54 2.08 -8.38
C SER A 63 -10.17 1.12 -9.38
N GLY A 64 -11.49 0.96 -9.27
CA GLY A 64 -12.21 0.07 -10.17
C GLY A 64 -13.12 0.81 -11.11
N PRO A 65 -14.03 0.07 -11.78
CA PRO A 65 -14.97 0.64 -12.74
C PRO A 65 -16.04 1.51 -12.06
N SER A 66 -16.41 1.12 -10.85
CA SER A 66 -17.43 1.85 -10.09
C SER A 66 -16.82 3.10 -9.46
N SER A 67 -17.17 4.26 -10.01
CA SER A 67 -16.67 5.53 -9.50
C SER A 67 -17.66 6.65 -9.76
N GLY A 68 -17.35 7.85 -9.27
CA GLY A 68 -18.22 8.99 -9.45
C GLY A 68 -19.54 8.83 -8.73
N GLY A 1 -13.75 -7.85 9.75
CA GLY A 1 -14.76 -8.81 9.32
C GLY A 1 -14.68 -9.12 7.84
N SER A 2 -15.75 -8.80 7.12
CA SER A 2 -15.80 -9.04 5.69
C SER A 2 -15.20 -7.87 4.91
N SER A 3 -15.04 -8.05 3.60
CA SER A 3 -14.47 -7.02 2.76
C SER A 3 -15.52 -5.97 2.40
N GLY A 4 -15.12 -4.70 2.45
CA GLY A 4 -16.04 -3.62 2.13
C GLY A 4 -15.33 -2.31 1.87
N SER A 5 -14.46 -2.30 0.87
CA SER A 5 -13.70 -1.09 0.52
C SER A 5 -12.93 -0.58 1.72
N SER A 6 -12.58 -1.48 2.63
CA SER A 6 -11.84 -1.11 3.82
C SER A 6 -10.44 -0.62 3.47
N GLY A 7 -9.88 -1.16 2.38
CA GLY A 7 -8.56 -0.76 1.95
C GLY A 7 -8.50 -0.44 0.47
N GLU A 8 -7.88 0.68 0.14
CA GLU A 8 -7.76 1.11 -1.25
C GLU A 8 -6.55 0.45 -1.92
N ALA A 9 -6.81 -0.35 -2.95
CA ALA A 9 -5.74 -1.02 -3.67
C ALA A 9 -4.89 -0.04 -4.45
N HIS A 10 -3.57 -0.22 -4.39
CA HIS A 10 -2.64 0.66 -5.09
C HIS A 10 -1.47 -0.12 -5.66
N ARG A 11 -0.88 0.38 -6.73
CA ARG A 11 0.25 -0.28 -7.37
C ARG A 11 1.57 0.36 -6.94
N VAL A 12 2.45 -0.44 -6.35
CA VAL A 12 3.73 0.04 -5.89
C VAL A 12 4.64 0.41 -7.06
N LEU A 13 5.11 1.65 -7.07
CA LEU A 13 5.99 2.13 -8.14
C LEU A 13 7.45 1.91 -7.78
N PHE A 14 8.15 1.14 -8.61
CA PHE A 14 9.57 0.86 -8.39
C PHE A 14 10.36 2.15 -8.21
N GLY A 15 11.29 2.15 -7.26
CA GLY A 15 12.10 3.33 -7.01
C GLY A 15 12.68 3.35 -5.62
N PHE A 16 12.01 2.66 -4.69
CA PHE A 16 12.47 2.61 -3.30
C PHE A 16 12.50 1.17 -2.80
N VAL A 17 13.54 0.84 -2.02
CA VAL A 17 13.68 -0.50 -1.48
C VAL A 17 13.52 -0.50 0.04
N PRO A 18 12.27 -0.65 0.50
CA PRO A 18 11.95 -0.66 1.92
C PRO A 18 12.45 -1.93 2.61
N GLU A 19 13.75 -1.96 2.93
CA GLU A 19 14.35 -3.10 3.59
C GLU A 19 14.65 -2.79 5.05
N THR A 20 13.71 -3.16 5.93
CA THR A 20 13.88 -2.92 7.36
C THR A 20 12.91 -3.77 8.17
N LYS A 21 13.02 -3.68 9.50
CA LYS A 21 12.14 -4.43 10.39
C LYS A 21 10.84 -3.69 10.63
N GLU A 22 10.88 -2.37 10.50
CA GLU A 22 9.70 -1.54 10.70
C GLU A 22 8.84 -1.51 9.44
N GLU A 23 9.46 -1.26 8.30
CA GLU A 23 8.75 -1.19 7.03
C GLU A 23 8.43 -2.60 6.52
N LEU A 24 7.45 -2.69 5.63
CA LEU A 24 7.04 -3.97 5.06
C LEU A 24 7.76 -4.23 3.73
N GLN A 25 8.26 -5.44 3.57
CA GLN A 25 8.96 -5.82 2.35
C GLN A 25 7.97 -6.16 1.24
N VAL A 26 7.92 -5.28 0.23
CA VAL A 26 7.01 -5.49 -0.90
C VAL A 26 7.77 -5.53 -2.22
N MET A 27 7.16 -6.11 -3.24
CA MET A 27 7.78 -6.22 -4.55
C MET A 27 7.34 -5.06 -5.45
N PRO A 28 8.14 -4.78 -6.49
CA PRO A 28 7.86 -3.71 -7.44
C PRO A 28 6.66 -4.02 -8.33
N GLY A 29 5.66 -3.14 -8.28
CA GLY A 29 4.47 -3.34 -9.08
C GLY A 29 3.50 -4.32 -8.44
N ASN A 30 3.46 -4.35 -7.12
CA ASN A 30 2.58 -5.24 -6.39
C ASN A 30 1.31 -4.51 -5.96
N ILE A 31 0.31 -5.28 -5.53
CA ILE A 31 -0.96 -4.71 -5.09
C ILE A 31 -1.07 -4.74 -3.56
N VAL A 32 -1.34 -3.58 -2.98
CA VAL A 32 -1.48 -3.47 -1.53
C VAL A 32 -2.69 -2.63 -1.15
N PHE A 33 -3.37 -3.02 -0.08
CA PHE A 33 -4.55 -2.30 0.39
C PHE A 33 -4.17 -1.24 1.41
N VAL A 34 -4.28 0.03 1.01
CA VAL A 34 -3.96 1.15 1.90
C VAL A 34 -5.02 1.33 2.97
N LEU A 35 -4.58 1.63 4.18
CA LEU A 35 -5.49 1.84 5.30
C LEU A 35 -5.56 3.32 5.68
N LYS A 36 -4.44 3.86 6.12
CA LYS A 36 -4.37 5.27 6.51
C LYS A 36 -3.22 5.98 5.80
N LYS A 37 -3.43 7.25 5.47
CA LYS A 37 -2.41 8.04 4.80
C LYS A 37 -2.22 9.39 5.49
N GLY A 38 -1.03 9.58 6.07
CA GLY A 38 -0.75 10.83 6.75
C GLY A 38 0.16 11.74 5.94
N ASN A 39 0.72 12.75 6.60
CA ASN A 39 1.61 13.69 5.94
C ASN A 39 3.06 13.49 6.38
N ASP A 40 3.52 12.24 6.27
CA ASP A 40 4.89 11.90 6.66
C ASP A 40 5.49 10.89 5.70
N ASN A 41 4.99 10.88 4.46
CA ASN A 41 5.48 9.95 3.45
C ASN A 41 5.45 8.51 3.97
N TRP A 42 4.49 8.22 4.83
CA TRP A 42 4.36 6.88 5.40
C TRP A 42 2.89 6.47 5.47
N ALA A 43 2.51 5.50 4.66
CA ALA A 43 1.14 5.01 4.64
C ALA A 43 1.06 3.55 5.09
N THR A 44 0.09 3.24 5.93
CA THR A 44 -0.08 1.88 6.43
C THR A 44 -0.86 1.02 5.43
N VAL A 45 -0.18 0.03 4.86
CA VAL A 45 -0.81 -0.85 3.89
C VAL A 45 -0.95 -2.26 4.45
N MET A 46 -1.71 -3.11 3.75
CA MET A 46 -1.92 -4.48 4.18
C MET A 46 -1.49 -5.47 3.09
N PHE A 47 -0.47 -6.25 3.37
CA PHE A 47 0.05 -7.23 2.42
C PHE A 47 0.00 -8.64 3.01
N ASN A 48 -0.75 -9.53 2.35
CA ASN A 48 -0.87 -10.90 2.82
C ASN A 48 -1.33 -10.95 4.27
N GLY A 49 -2.23 -10.04 4.63
CA GLY A 49 -2.74 -9.99 5.99
C GLY A 49 -1.72 -9.46 6.98
N GLN A 50 -0.74 -8.72 6.47
CA GLN A 50 0.31 -8.16 7.32
C GLN A 50 0.31 -6.64 7.25
N LYS A 51 0.47 -5.99 8.39
CA LYS A 51 0.48 -4.53 8.46
C LYS A 51 1.92 -4.01 8.43
N GLY A 52 2.09 -2.83 7.86
CA GLY A 52 3.41 -2.22 7.77
C GLY A 52 3.36 -0.79 7.31
N LEU A 53 4.48 -0.31 6.75
CA LEU A 53 4.56 1.07 6.27
C LEU A 53 5.25 1.12 4.91
N VAL A 54 4.82 2.07 4.08
CA VAL A 54 5.39 2.23 2.75
C VAL A 54 5.25 3.67 2.26
N PRO A 55 6.12 4.06 1.32
CA PRO A 55 6.11 5.41 0.74
C PRO A 55 4.90 5.65 -0.15
N CYS A 56 4.12 6.67 0.17
CA CYS A 56 2.93 7.01 -0.61
C CYS A 56 3.31 7.55 -1.99
N ASN A 57 4.44 8.25 -2.05
CA ASN A 57 4.92 8.82 -3.30
C ASN A 57 5.12 7.74 -4.35
N TYR A 58 5.46 6.54 -3.90
CA TYR A 58 5.69 5.42 -4.80
C TYR A 58 4.46 4.51 -4.86
N LEU A 59 3.29 5.12 -5.04
CA LEU A 59 2.04 4.37 -5.12
C LEU A 59 1.10 4.98 -6.14
N GLU A 60 0.28 4.13 -6.77
CA GLU A 60 -0.67 4.59 -7.77
C GLU A 60 -2.05 3.98 -7.54
N PRO A 61 -3.09 4.81 -7.67
CA PRO A 61 -4.48 4.37 -7.48
C PRO A 61 -4.95 3.44 -8.59
N VAL A 62 -5.11 2.16 -8.24
CA VAL A 62 -5.56 1.16 -9.21
C VAL A 62 -7.09 1.15 -9.32
N SER A 63 -7.60 1.91 -10.27
CA SER A 63 -9.05 2.00 -10.49
C SER A 63 -9.36 2.57 -11.86
N GLY A 64 -10.64 2.57 -12.22
CA GLY A 64 -11.06 3.09 -13.50
C GLY A 64 -12.48 2.71 -13.86
N PRO A 65 -12.91 3.07 -15.08
CA PRO A 65 -14.26 2.77 -15.57
C PRO A 65 -14.46 1.27 -15.83
N SER A 66 -15.62 0.92 -16.36
CA SER A 66 -15.94 -0.47 -16.64
C SER A 66 -15.97 -0.72 -18.15
N SER A 67 -14.80 -0.91 -18.74
CA SER A 67 -14.69 -1.15 -20.18
C SER A 67 -15.44 -0.08 -20.96
N GLY A 68 -15.28 1.17 -20.54
CA GLY A 68 -15.95 2.27 -21.22
C GLY A 68 -15.19 3.58 -21.09
N GLY A 1 -25.17 -2.66 7.88
CA GLY A 1 -23.95 -3.24 8.39
C GLY A 1 -22.74 -2.87 7.54
N SER A 2 -21.61 -3.52 7.83
CA SER A 2 -20.38 -3.25 7.09
C SER A 2 -20.08 -4.38 6.12
N SER A 3 -19.06 -4.19 5.28
CA SER A 3 -18.67 -5.19 4.30
C SER A 3 -17.45 -5.97 4.77
N GLY A 4 -16.32 -5.26 4.90
CA GLY A 4 -15.09 -5.90 5.33
C GLY A 4 -14.07 -4.89 5.86
N SER A 5 -13.55 -4.07 4.96
CA SER A 5 -12.56 -3.07 5.35
C SER A 5 -12.47 -1.97 4.30
N SER A 6 -11.80 -0.87 4.66
CA SER A 6 -11.65 0.26 3.75
C SER A 6 -10.21 0.38 3.27
N GLY A 7 -9.81 -0.51 2.37
CA GLY A 7 -8.46 -0.49 1.85
C GLY A 7 -8.40 -0.08 0.40
N GLU A 8 -7.51 0.87 0.08
CA GLU A 8 -7.37 1.35 -1.29
C GLU A 8 -6.28 0.57 -2.03
N ALA A 9 -6.67 -0.10 -3.10
CA ALA A 9 -5.73 -0.88 -3.89
C ALA A 9 -4.76 0.03 -4.65
N HIS A 10 -3.46 -0.16 -4.42
CA HIS A 10 -2.45 0.64 -5.08
C HIS A 10 -1.41 -0.25 -5.76
N ARG A 11 -0.74 0.29 -6.77
CA ARG A 11 0.27 -0.45 -7.50
C ARG A 11 1.62 0.25 -7.44
N VAL A 12 2.67 -0.50 -7.16
CA VAL A 12 4.02 0.05 -7.07
C VAL A 12 4.62 0.25 -8.45
N LEU A 13 5.36 1.34 -8.62
CA LEU A 13 6.01 1.64 -9.89
C LEU A 13 7.52 1.47 -9.80
N PHE A 14 7.95 0.57 -8.92
CA PHE A 14 9.38 0.30 -8.74
C PHE A 14 10.12 1.58 -8.39
N GLY A 15 9.60 2.32 -7.41
CA GLY A 15 10.22 3.56 -7.00
C GLY A 15 11.10 3.38 -5.77
N PHE A 16 10.47 3.09 -4.64
CA PHE A 16 11.19 2.90 -3.39
C PHE A 16 11.10 1.45 -2.93
N VAL A 17 12.16 0.98 -2.25
CA VAL A 17 12.20 -0.38 -1.76
C VAL A 17 12.28 -0.41 -0.23
N PRO A 18 11.11 -0.40 0.42
CA PRO A 18 11.02 -0.43 1.88
C PRO A 18 11.44 -1.78 2.47
N GLU A 19 12.74 -1.93 2.71
CA GLU A 19 13.27 -3.17 3.27
C GLU A 19 13.77 -2.96 4.69
N THR A 20 12.89 -3.23 5.66
CA THR A 20 13.25 -3.06 7.07
C THR A 20 12.36 -3.92 7.95
N LYS A 21 12.64 -3.92 9.25
CA LYS A 21 11.87 -4.70 10.21
C LYS A 21 10.52 -4.04 10.49
N GLU A 22 10.47 -2.71 10.33
CA GLU A 22 9.24 -1.97 10.56
C GLU A 22 8.37 -1.96 9.31
N GLU A 23 8.89 -1.39 8.23
CA GLU A 23 8.16 -1.31 6.97
C GLU A 23 7.72 -2.70 6.52
N LEU A 24 6.98 -2.75 5.41
CA LEU A 24 6.49 -4.00 4.87
C LEU A 24 7.07 -4.26 3.47
N GLN A 25 7.95 -5.25 3.36
CA GLN A 25 8.57 -5.59 2.09
C GLN A 25 7.51 -5.80 1.01
N VAL A 26 7.63 -5.04 -0.07
CA VAL A 26 6.68 -5.14 -1.18
C VAL A 26 7.40 -5.39 -2.50
N MET A 27 6.64 -5.74 -3.52
CA MET A 27 7.20 -6.02 -4.84
C MET A 27 6.62 -5.07 -5.89
N PRO A 28 7.35 -4.90 -7.00
CA PRO A 28 6.93 -4.02 -8.09
C PRO A 28 5.72 -4.57 -8.85
N GLY A 29 4.66 -3.76 -8.91
CA GLY A 29 3.46 -4.19 -9.60
C GLY A 29 2.57 -5.06 -8.73
N ASN A 30 2.60 -4.82 -7.42
CA ASN A 30 1.80 -5.60 -6.49
C ASN A 30 0.52 -4.84 -6.12
N ILE A 31 -0.33 -5.48 -5.32
CA ILE A 31 -1.58 -4.87 -4.90
C ILE A 31 -1.73 -4.92 -3.38
N VAL A 32 -1.68 -3.75 -2.74
CA VAL A 32 -1.81 -3.66 -1.30
C VAL A 32 -3.04 -2.84 -0.91
N PHE A 33 -3.55 -3.09 0.29
CA PHE A 33 -4.72 -2.38 0.79
C PHE A 33 -4.32 -1.28 1.77
N VAL A 34 -4.31 -0.05 1.30
CA VAL A 34 -3.94 1.09 2.14
C VAL A 34 -5.00 1.36 3.20
N LEU A 35 -4.62 1.19 4.46
CA LEU A 35 -5.55 1.42 5.56
C LEU A 35 -5.73 2.90 5.83
N LYS A 36 -4.63 3.59 6.13
CA LYS A 36 -4.67 5.02 6.40
C LYS A 36 -3.42 5.71 5.85
N LYS A 37 -3.56 6.99 5.54
CA LYS A 37 -2.44 7.77 5.00
C LYS A 37 -1.78 8.60 6.09
N GLY A 38 -0.45 8.64 6.09
CA GLY A 38 0.27 9.40 7.09
C GLY A 38 0.69 10.76 6.59
N ASN A 39 1.08 11.64 7.50
CA ASN A 39 1.50 12.99 7.15
C ASN A 39 2.99 13.02 6.83
N ASP A 40 3.74 12.09 7.41
CA ASP A 40 5.18 12.01 7.19
C ASP A 40 5.50 11.05 6.05
N ASN A 41 4.72 11.13 4.98
CA ASN A 41 4.92 10.28 3.82
C ASN A 41 4.99 8.81 4.24
N TRP A 42 4.13 8.43 5.17
CA TRP A 42 4.09 7.05 5.66
C TRP A 42 2.65 6.53 5.68
N ALA A 43 2.29 5.76 4.65
CA ALA A 43 0.95 5.20 4.56
C ALA A 43 0.95 3.72 4.94
N THR A 44 0.04 3.33 5.81
CA THR A 44 -0.07 1.95 6.25
C THR A 44 -0.83 1.10 5.24
N VAL A 45 -0.32 -0.09 4.97
CA VAL A 45 -0.95 -1.00 4.02
C VAL A 45 -1.12 -2.39 4.61
N MET A 46 -1.67 -3.30 3.83
CA MET A 46 -1.88 -4.67 4.27
C MET A 46 -1.59 -5.66 3.15
N PHE A 47 -0.72 -6.62 3.43
CA PHE A 47 -0.36 -7.64 2.45
C PHE A 47 -0.41 -9.04 3.06
N ASN A 48 -1.42 -9.81 2.64
CA ASN A 48 -1.58 -11.17 3.14
C ASN A 48 -1.74 -11.17 4.67
N GLY A 49 -2.26 -10.07 5.21
CA GLY A 49 -2.45 -9.98 6.63
C GLY A 49 -1.22 -9.48 7.35
N GLN A 50 -0.62 -8.42 6.83
CA GLN A 50 0.58 -7.84 7.43
C GLN A 50 0.56 -6.32 7.35
N LYS A 51 0.52 -5.68 8.51
CA LYS A 51 0.50 -4.22 8.59
C LYS A 51 1.92 -3.65 8.62
N GLY A 52 2.17 -2.65 7.78
CA GLY A 52 3.49 -2.03 7.75
C GLY A 52 3.43 -0.58 7.33
N LEU A 53 4.53 -0.09 6.75
CA LEU A 53 4.60 1.29 6.30
C LEU A 53 5.22 1.38 4.91
N VAL A 54 4.70 2.30 4.10
CA VAL A 54 5.21 2.50 2.74
C VAL A 54 4.97 3.92 2.26
N PRO A 55 5.78 4.36 1.29
CA PRO A 55 5.68 5.71 0.73
C PRO A 55 4.41 5.89 -0.12
N CYS A 56 3.68 6.96 0.14
CA CYS A 56 2.46 7.25 -0.59
C CYS A 56 2.75 7.94 -1.92
N ASN A 57 3.87 8.66 -1.97
CA ASN A 57 4.28 9.36 -3.18
C ASN A 57 4.77 8.38 -4.24
N TYR A 58 5.29 7.24 -3.78
CA TYR A 58 5.79 6.22 -4.69
C TYR A 58 4.75 5.14 -4.94
N LEU A 59 3.48 5.54 -4.94
CA LEU A 59 2.39 4.61 -5.16
C LEU A 59 1.41 5.16 -6.19
N GLU A 60 0.66 4.27 -6.84
CA GLU A 60 -0.31 4.67 -7.85
C GLU A 60 -1.69 4.09 -7.53
N PRO A 61 -2.74 4.92 -7.71
CA PRO A 61 -4.11 4.51 -7.45
C PRO A 61 -4.62 3.51 -8.47
N VAL A 62 -4.96 2.31 -8.00
CA VAL A 62 -5.45 1.26 -8.88
C VAL A 62 -6.98 1.24 -8.90
N SER A 63 -7.59 1.67 -7.79
CA SER A 63 -9.03 1.70 -7.67
C SER A 63 -9.62 2.92 -8.40
N GLY A 64 -10.87 2.82 -8.80
CA GLY A 64 -11.52 3.92 -9.49
C GLY A 64 -12.91 4.19 -8.96
N PRO A 65 -13.56 5.24 -9.50
CA PRO A 65 -14.91 5.64 -9.08
C PRO A 65 -15.96 4.64 -9.53
N SER A 66 -16.16 3.60 -8.74
CA SER A 66 -17.14 2.56 -9.06
C SER A 66 -18.55 3.01 -8.67
N SER A 67 -18.73 3.31 -7.39
CA SER A 67 -20.03 3.75 -6.88
C SER A 67 -20.28 5.21 -7.22
N GLY A 68 -21.18 5.45 -8.17
CA GLY A 68 -21.49 6.80 -8.57
C GLY A 68 -22.50 6.85 -9.71
N GLY A 1 -12.33 12.34 12.25
CA GLY A 1 -13.03 11.62 13.28
C GLY A 1 -12.46 10.22 13.50
N SER A 2 -11.95 9.62 12.43
CA SER A 2 -11.39 8.28 12.51
C SER A 2 -12.43 7.26 12.94
N SER A 3 -13.67 7.47 12.48
CA SER A 3 -14.77 6.57 12.82
C SER A 3 -14.97 5.52 11.74
N GLY A 4 -14.58 5.86 10.52
CA GLY A 4 -14.73 4.92 9.41
C GLY A 4 -13.58 5.00 8.43
N SER A 5 -13.31 3.90 7.74
CA SER A 5 -12.22 3.85 6.77
C SER A 5 -12.31 2.59 5.91
N SER A 6 -11.64 2.61 4.77
CA SER A 6 -11.66 1.49 3.84
C SER A 6 -10.30 1.32 3.16
N GLY A 7 -10.00 0.09 2.75
CA GLY A 7 -8.73 -0.17 2.09
C GLY A 7 -8.83 -0.05 0.58
N GLU A 8 -7.97 0.77 -0.01
CA GLU A 8 -7.96 0.97 -1.46
C GLU A 8 -6.77 0.26 -2.11
N ALA A 9 -7.03 -0.42 -3.21
CA ALA A 9 -5.99 -1.14 -3.92
C ALA A 9 -5.04 -0.18 -4.63
N HIS A 10 -3.75 -0.34 -4.39
CA HIS A 10 -2.74 0.52 -5.01
C HIS A 10 -1.61 -0.30 -5.61
N ARG A 11 -1.02 0.19 -6.69
CA ARG A 11 0.07 -0.50 -7.36
C ARG A 11 1.42 0.01 -6.89
N VAL A 12 2.23 -0.89 -6.34
CA VAL A 12 3.55 -0.52 -5.84
C VAL A 12 4.50 -0.19 -6.98
N LEU A 13 5.00 1.03 -7.00
CA LEU A 13 5.93 1.47 -8.05
C LEU A 13 7.38 1.37 -7.57
N PHE A 14 8.24 0.85 -8.44
CA PHE A 14 9.64 0.70 -8.11
C PHE A 14 10.27 2.04 -7.72
N GLY A 15 11.09 2.03 -6.69
CA GLY A 15 11.73 3.25 -6.24
C GLY A 15 12.32 3.12 -4.85
N PHE A 16 11.46 2.92 -3.85
CA PHE A 16 11.90 2.78 -2.48
C PHE A 16 11.71 1.34 -1.99
N VAL A 17 12.75 0.80 -1.34
CA VAL A 17 12.70 -0.55 -0.83
C VAL A 17 12.69 -0.58 0.70
N PRO A 18 11.49 -0.49 1.28
CA PRO A 18 11.30 -0.49 2.74
C PRO A 18 11.63 -1.85 3.36
N GLU A 19 12.88 -2.03 3.74
CA GLU A 19 13.32 -3.28 4.35
C GLU A 19 13.72 -3.07 5.80
N THR A 20 12.77 -3.27 6.71
CA THR A 20 13.02 -3.10 8.14
C THR A 20 12.13 -4.00 8.98
N LYS A 21 12.22 -3.87 10.29
CA LYS A 21 11.42 -4.67 11.20
C LYS A 21 10.02 -4.08 11.35
N GLU A 22 9.91 -2.77 11.14
CA GLU A 22 8.63 -2.09 11.25
C GLU A 22 7.92 -2.02 9.90
N GLU A 23 8.65 -1.56 8.88
CA GLU A 23 8.10 -1.44 7.54
C GLU A 23 7.81 -2.82 6.94
N LEU A 24 7.13 -2.84 5.81
CA LEU A 24 6.79 -4.09 5.14
C LEU A 24 7.50 -4.19 3.80
N GLN A 25 8.09 -5.35 3.54
CA GLN A 25 8.81 -5.58 2.28
C GLN A 25 7.83 -5.90 1.16
N VAL A 26 7.77 -5.02 0.17
CA VAL A 26 6.88 -5.21 -0.97
C VAL A 26 7.66 -5.32 -2.28
N MET A 27 7.09 -6.01 -3.25
CA MET A 27 7.73 -6.19 -4.54
C MET A 27 7.23 -5.16 -5.55
N PRO A 28 8.03 -4.91 -6.60
CA PRO A 28 7.68 -3.95 -7.65
C PRO A 28 6.51 -4.43 -8.52
N GLY A 29 5.52 -3.56 -8.69
CA GLY A 29 4.37 -3.92 -9.49
C GLY A 29 3.38 -4.78 -8.74
N ASN A 30 3.42 -4.70 -7.41
CA ASN A 30 2.51 -5.48 -6.58
C ASN A 30 1.28 -4.67 -6.19
N ILE A 31 0.35 -5.31 -5.49
CA ILE A 31 -0.87 -4.65 -5.07
C ILE A 31 -0.99 -4.63 -3.55
N VAL A 32 -1.40 -3.50 -3.00
CA VAL A 32 -1.56 -3.35 -1.56
C VAL A 32 -2.83 -2.56 -1.22
N PHE A 33 -3.30 -2.71 0.01
CA PHE A 33 -4.50 -2.02 0.45
C PHE A 33 -4.15 -0.90 1.44
N VAL A 34 -4.07 0.33 0.92
CA VAL A 34 -3.75 1.48 1.75
C VAL A 34 -4.76 1.65 2.89
N LEU A 35 -4.31 1.43 4.11
CA LEU A 35 -5.17 1.55 5.28
C LEU A 35 -5.32 3.02 5.68
N LYS A 36 -4.21 3.67 5.97
CA LYS A 36 -4.21 5.07 6.37
C LYS A 36 -3.09 5.84 5.68
N LYS A 37 -3.26 7.14 5.56
CA LYS A 37 -2.26 7.99 4.92
C LYS A 37 -1.58 8.90 5.94
N GLY A 38 -0.48 8.42 6.51
CA GLY A 38 0.25 9.19 7.50
C GLY A 38 0.58 10.58 7.00
N ASN A 39 1.10 11.42 7.90
CA ASN A 39 1.47 12.78 7.55
C ASN A 39 2.94 12.86 7.14
N ASP A 40 3.75 11.98 7.71
CA ASP A 40 5.18 11.95 7.40
C ASP A 40 5.48 10.98 6.27
N ASN A 41 4.64 11.02 5.23
CA ASN A 41 4.81 10.14 4.09
C ASN A 41 4.81 8.67 4.52
N TRP A 42 4.13 8.38 5.61
CA TRP A 42 4.05 7.02 6.12
C TRP A 42 2.62 6.48 6.03
N ALA A 43 2.30 5.88 4.90
CA ALA A 43 0.97 5.31 4.68
C ALA A 43 0.95 3.82 4.99
N THR A 44 -0.02 3.40 5.80
CA THR A 44 -0.15 2.00 6.17
C THR A 44 -0.73 1.17 5.02
N VAL A 45 -0.28 -0.07 4.90
CA VAL A 45 -0.76 -0.97 3.85
C VAL A 45 -0.84 -2.40 4.35
N MET A 46 -1.64 -3.22 3.66
CA MET A 46 -1.80 -4.62 4.02
C MET A 46 -1.35 -5.53 2.90
N PHE A 47 -0.51 -6.51 3.23
CA PHE A 47 0.00 -7.46 2.24
C PHE A 47 0.11 -8.86 2.84
N ASN A 48 -0.70 -9.78 2.32
CA ASN A 48 -0.69 -11.15 2.80
C ASN A 48 -1.04 -11.21 4.29
N GLY A 49 -1.99 -10.38 4.71
CA GLY A 49 -2.39 -10.36 6.10
C GLY A 49 -1.34 -9.76 7.00
N GLN A 50 -0.51 -8.87 6.43
CA GLN A 50 0.54 -8.23 7.19
C GLN A 50 0.46 -6.71 7.06
N LYS A 51 0.54 -6.01 8.19
CA LYS A 51 0.47 -4.55 8.20
C LYS A 51 1.87 -3.94 8.24
N GLY A 52 2.06 -2.85 7.51
CA GLY A 52 3.35 -2.19 7.49
C GLY A 52 3.25 -0.76 6.99
N LEU A 53 4.37 -0.04 7.06
CA LEU A 53 4.41 1.35 6.61
C LEU A 53 5.19 1.47 5.30
N VAL A 54 4.71 2.34 4.41
CA VAL A 54 5.35 2.55 3.12
C VAL A 54 5.07 3.96 2.60
N PRO A 55 5.96 4.46 1.73
CA PRO A 55 5.84 5.79 1.14
C PRO A 55 4.68 5.88 0.15
N CYS A 56 3.71 6.75 0.46
CA CYS A 56 2.56 6.93 -0.40
C CYS A 56 2.95 7.51 -1.75
N ASN A 57 3.97 8.37 -1.74
CA ASN A 57 4.46 8.99 -2.97
C ASN A 57 4.80 7.94 -4.02
N TYR A 58 5.29 6.80 -3.56
CA TYR A 58 5.66 5.70 -4.46
C TYR A 58 4.52 4.71 -4.62
N LEU A 59 3.32 5.24 -4.83
CA LEU A 59 2.13 4.40 -5.01
C LEU A 59 1.17 5.02 -6.01
N GLU A 60 0.35 4.17 -6.63
CA GLU A 60 -0.63 4.63 -7.61
C GLU A 60 -1.99 4.01 -7.36
N PRO A 61 -3.04 4.84 -7.48
CA PRO A 61 -4.42 4.40 -7.27
C PRO A 61 -4.92 3.47 -8.36
N VAL A 62 -5.22 2.23 -7.99
CA VAL A 62 -5.70 1.23 -8.94
C VAL A 62 -7.22 1.17 -8.96
N SER A 63 -7.83 1.94 -9.86
CA SER A 63 -9.28 1.99 -9.98
C SER A 63 -9.76 1.15 -11.16
N GLY A 64 -10.21 -0.07 -10.88
CA GLY A 64 -10.68 -0.96 -11.92
C GLY A 64 -12.11 -0.65 -12.34
N PRO A 65 -12.62 -1.41 -13.32
CA PRO A 65 -13.98 -1.24 -13.83
C PRO A 65 -15.04 -1.65 -12.82
N SER A 66 -16.06 -0.81 -12.66
CA SER A 66 -17.15 -1.09 -11.71
C SER A 66 -18.37 -0.27 -12.05
N SER A 67 -19.44 -0.45 -11.28
CA SER A 67 -20.69 0.27 -11.49
C SER A 67 -21.04 1.12 -10.27
N GLY A 68 -21.72 2.23 -10.51
CA GLY A 68 -22.10 3.12 -9.42
C GLY A 68 -23.01 4.24 -9.89
N GLY A 1 -13.73 -17.92 0.29
CA GLY A 1 -14.28 -16.60 0.02
C GLY A 1 -13.33 -15.73 -0.77
N SER A 2 -12.50 -14.95 -0.09
CA SER A 2 -11.54 -14.07 -0.75
C SER A 2 -12.26 -13.04 -1.61
N SER A 3 -13.42 -12.60 -1.15
CA SER A 3 -14.22 -11.61 -1.88
C SER A 3 -14.52 -10.40 -1.02
N GLY A 4 -13.99 -9.24 -1.41
CA GLY A 4 -14.21 -8.03 -0.65
C GLY A 4 -13.09 -7.03 -0.85
N SER A 5 -13.45 -5.75 -0.92
CA SER A 5 -12.48 -4.68 -1.11
C SER A 5 -12.17 -3.99 0.22
N SER A 6 -11.27 -4.59 0.99
CA SER A 6 -10.89 -4.04 2.29
C SER A 6 -9.66 -3.14 2.15
N GLY A 7 -9.89 -1.87 1.84
CA GLY A 7 -8.80 -0.93 1.69
C GLY A 7 -8.60 -0.50 0.24
N GLU A 8 -7.78 0.52 0.03
CA GLU A 8 -7.51 1.03 -1.30
C GLU A 8 -6.34 0.28 -1.93
N ALA A 9 -6.59 -0.34 -3.08
CA ALA A 9 -5.56 -1.09 -3.78
C ALA A 9 -4.66 -0.16 -4.59
N HIS A 10 -3.36 -0.20 -4.32
CA HIS A 10 -2.40 0.64 -5.02
C HIS A 10 -1.39 -0.21 -5.79
N ARG A 11 -0.80 0.37 -6.83
CA ARG A 11 0.18 -0.33 -7.65
C ARG A 11 1.58 0.25 -7.44
N VAL A 12 2.56 -0.63 -7.29
CA VAL A 12 3.94 -0.20 -7.08
C VAL A 12 4.62 0.11 -8.42
N LEU A 13 4.79 1.40 -8.69
CA LEU A 13 5.43 1.84 -9.93
C LEU A 13 6.93 1.52 -9.91
N PHE A 14 7.68 2.30 -9.14
CA PHE A 14 9.12 2.11 -9.03
C PHE A 14 9.44 0.92 -8.12
N GLY A 15 10.67 0.42 -8.23
CA GLY A 15 11.08 -0.70 -7.40
C GLY A 15 11.81 -0.27 -6.16
N PHE A 16 11.05 0.09 -5.13
CA PHE A 16 11.64 0.53 -3.86
C PHE A 16 12.08 -0.66 -3.02
N VAL A 17 13.08 -0.44 -2.16
CA VAL A 17 13.58 -1.50 -1.30
C VAL A 17 13.20 -1.26 0.15
N PRO A 18 12.01 -1.75 0.55
CA PRO A 18 11.49 -1.60 1.90
C PRO A 18 12.28 -2.43 2.91
N GLU A 19 13.42 -1.90 3.35
CA GLU A 19 14.26 -2.59 4.31
C GLU A 19 14.13 -1.97 5.71
N THR A 20 13.22 -2.52 6.50
CA THR A 20 12.99 -2.03 7.85
C THR A 20 12.00 -2.92 8.60
N LYS A 21 11.74 -2.58 9.87
CA LYS A 21 10.83 -3.34 10.69
C LYS A 21 9.46 -2.67 10.76
N GLU A 22 9.43 -1.38 10.47
CA GLU A 22 8.18 -0.62 10.49
C GLU A 22 7.43 -0.78 9.18
N GLU A 23 8.17 -0.94 8.09
CA GLU A 23 7.57 -1.11 6.77
C GLU A 23 7.22 -2.57 6.51
N LEU A 24 6.73 -2.84 5.31
CA LEU A 24 6.35 -4.20 4.93
C LEU A 24 6.94 -4.57 3.56
N GLN A 25 7.81 -5.55 3.55
CA GLN A 25 8.45 -6.00 2.32
C GLN A 25 7.40 -6.36 1.27
N VAL A 26 7.36 -5.59 0.19
CA VAL A 26 6.40 -5.82 -0.88
C VAL A 26 7.11 -6.18 -2.18
N MET A 27 6.33 -6.37 -3.24
CA MET A 27 6.89 -6.72 -4.54
C MET A 27 6.48 -5.71 -5.61
N PRO A 28 7.24 -5.66 -6.70
CA PRO A 28 6.96 -4.73 -7.82
C PRO A 28 5.71 -5.13 -8.59
N GLY A 29 4.92 -4.12 -8.97
CA GLY A 29 3.70 -4.37 -9.71
C GLY A 29 2.73 -5.25 -8.95
N ASN A 30 2.65 -5.04 -7.63
CA ASN A 30 1.75 -5.82 -6.79
C ASN A 30 0.56 -4.98 -6.33
N ILE A 31 -0.32 -5.59 -5.57
CA ILE A 31 -1.50 -4.90 -5.06
C ILE A 31 -1.53 -4.92 -3.54
N VAL A 32 -1.58 -3.73 -2.94
CA VAL A 32 -1.61 -3.61 -1.49
C VAL A 32 -2.79 -2.76 -1.03
N PHE A 33 -3.42 -3.15 0.06
CA PHE A 33 -4.57 -2.43 0.60
C PHE A 33 -4.11 -1.35 1.57
N VAL A 34 -4.47 -0.10 1.26
CA VAL A 34 -4.09 1.03 2.10
C VAL A 34 -5.14 1.28 3.18
N LEU A 35 -4.68 1.53 4.41
CA LEU A 35 -5.58 1.79 5.52
C LEU A 35 -5.62 3.28 5.85
N LYS A 36 -4.46 3.82 6.21
CA LYS A 36 -4.35 5.23 6.57
C LYS A 36 -3.37 5.95 5.66
N LYS A 37 -3.50 7.27 5.55
CA LYS A 37 -2.62 8.07 4.71
C LYS A 37 -1.86 9.09 5.54
N GLY A 38 -0.65 8.74 5.97
CA GLY A 38 0.15 9.64 6.77
C GLY A 38 0.41 10.96 6.06
N ASN A 39 1.25 11.80 6.67
CA ASN A 39 1.59 13.10 6.10
C ASN A 39 3.03 13.12 5.61
N ASP A 40 3.87 12.29 6.22
CA ASP A 40 5.27 12.21 5.83
C ASP A 40 5.50 11.12 4.80
N ASN A 41 4.63 11.08 3.79
CA ASN A 41 4.74 10.08 2.73
C ASN A 41 4.79 8.67 3.31
N TRP A 42 3.94 8.42 4.31
CA TRP A 42 3.88 7.11 4.95
C TRP A 42 2.44 6.65 5.11
N ALA A 43 2.08 5.60 4.36
CA ALA A 43 0.73 5.06 4.42
C ALA A 43 0.74 3.61 4.89
N THR A 44 -0.06 3.32 5.91
CA THR A 44 -0.13 1.97 6.46
C THR A 44 -0.92 1.04 5.53
N VAL A 45 -0.21 0.10 4.92
CA VAL A 45 -0.84 -0.86 4.00
C VAL A 45 -0.88 -2.25 4.61
N MET A 46 -1.53 -3.18 3.91
CA MET A 46 -1.64 -4.56 4.38
C MET A 46 -1.31 -5.54 3.27
N PHE A 47 -0.59 -6.61 3.61
CA PHE A 47 -0.21 -7.61 2.64
C PHE A 47 -0.09 -8.99 3.31
N ASN A 48 -0.77 -9.98 2.74
CA ASN A 48 -0.73 -11.33 3.28
C ASN A 48 -1.06 -11.34 4.77
N GLY A 49 -1.92 -10.41 5.18
CA GLY A 49 -2.30 -10.32 6.58
C GLY A 49 -1.23 -9.68 7.44
N GLN A 50 -0.43 -8.81 6.84
CA GLN A 50 0.65 -8.14 7.55
C GLN A 50 0.58 -6.63 7.35
N LYS A 51 0.58 -5.89 8.45
CA LYS A 51 0.52 -4.43 8.40
C LYS A 51 1.92 -3.84 8.36
N GLY A 52 2.06 -2.74 7.62
CA GLY A 52 3.35 -2.08 7.51
C GLY A 52 3.28 -0.76 6.78
N LEU A 53 4.25 0.11 7.02
CA LEU A 53 4.29 1.42 6.38
C LEU A 53 4.93 1.33 5.00
N VAL A 54 4.60 2.29 4.14
CA VAL A 54 5.13 2.32 2.79
C VAL A 54 5.14 3.74 2.23
N PRO A 55 6.03 3.98 1.26
CA PRO A 55 6.16 5.30 0.61
C PRO A 55 4.96 5.64 -0.25
N CYS A 56 4.32 6.77 0.06
CA CYS A 56 3.15 7.21 -0.70
C CYS A 56 3.55 7.73 -2.07
N ASN A 57 4.76 8.28 -2.16
CA ASN A 57 5.27 8.81 -3.41
C ASN A 57 5.54 7.70 -4.41
N TYR A 58 5.90 6.52 -3.91
CA TYR A 58 6.18 5.37 -4.76
C TYR A 58 4.96 4.47 -4.86
N LEU A 59 3.78 5.07 -4.98
CA LEU A 59 2.55 4.31 -5.09
C LEU A 59 1.54 5.05 -5.97
N GLU A 60 0.60 4.29 -6.54
CA GLU A 60 -0.42 4.87 -7.41
C GLU A 60 -1.79 4.24 -7.13
N PRO A 61 -2.83 5.09 -7.09
CA PRO A 61 -4.20 4.64 -6.84
C PRO A 61 -4.77 3.84 -8.00
N VAL A 62 -4.86 2.53 -7.82
CA VAL A 62 -5.39 1.65 -8.86
C VAL A 62 -6.90 1.79 -8.98
N SER A 63 -7.56 2.10 -7.87
CA SER A 63 -9.00 2.26 -7.85
C SER A 63 -9.38 3.73 -7.65
N GLY A 64 -10.40 4.18 -8.39
CA GLY A 64 -10.84 5.56 -8.28
C GLY A 64 -11.81 5.94 -9.37
N PRO A 65 -11.30 6.06 -10.61
CA PRO A 65 -12.13 6.43 -11.76
C PRO A 65 -13.08 5.32 -12.17
N SER A 66 -14.38 5.61 -12.10
CA SER A 66 -15.40 4.63 -12.45
C SER A 66 -15.99 4.94 -13.82
N SER A 67 -15.56 4.17 -14.83
CA SER A 67 -16.05 4.37 -16.19
C SER A 67 -17.32 3.56 -16.44
N GLY A 68 -17.84 3.66 -17.65
CA GLY A 68 -19.06 2.94 -17.99
C GLY A 68 -20.32 3.71 -17.63
N GLY A 1 -9.03 -13.20 -8.02
CA GLY A 1 -10.15 -12.40 -8.47
C GLY A 1 -10.76 -11.57 -7.35
N SER A 2 -9.98 -10.63 -6.81
CA SER A 2 -10.44 -9.78 -5.72
C SER A 2 -11.09 -8.52 -6.27
N SER A 3 -12.34 -8.64 -6.72
CA SER A 3 -13.07 -7.51 -7.27
C SER A 3 -13.85 -6.78 -6.18
N GLY A 4 -13.13 -6.04 -5.35
CA GLY A 4 -13.77 -5.30 -4.27
C GLY A 4 -13.06 -5.49 -2.95
N SER A 5 -12.68 -4.38 -2.31
CA SER A 5 -12.00 -4.42 -1.03
C SER A 5 -12.18 -3.12 -0.26
N SER A 6 -12.06 -3.19 1.06
CA SER A 6 -12.21 -2.02 1.90
C SER A 6 -11.10 -1.00 1.64
N GLY A 7 -9.88 -1.37 1.97
CA GLY A 7 -8.74 -0.49 1.75
C GLY A 7 -8.53 -0.16 0.29
N GLU A 8 -7.99 1.03 0.02
CA GLU A 8 -7.73 1.45 -1.34
C GLU A 8 -6.57 0.68 -1.95
N ALA A 9 -6.88 -0.20 -2.90
CA ALA A 9 -5.87 -1.00 -3.57
C ALA A 9 -4.93 -0.13 -4.40
N HIS A 10 -3.65 -0.20 -4.09
CA HIS A 10 -2.64 0.58 -4.81
C HIS A 10 -1.59 -0.32 -5.44
N ARG A 11 -1.01 0.13 -6.54
CA ARG A 11 0.01 -0.63 -7.25
C ARG A 11 1.37 0.04 -7.15
N VAL A 12 2.40 -0.76 -6.90
CA VAL A 12 3.77 -0.24 -6.77
C VAL A 12 4.30 0.20 -8.12
N LEU A 13 4.93 1.37 -8.15
CA LEU A 13 5.50 1.92 -9.38
C LEU A 13 6.99 1.65 -9.45
N PHE A 14 7.42 0.52 -8.91
CA PHE A 14 8.83 0.16 -8.91
C PHE A 14 9.68 1.26 -8.29
N GLY A 15 9.28 1.72 -7.11
CA GLY A 15 10.02 2.77 -6.44
C GLY A 15 10.97 2.24 -5.38
N PHE A 16 10.78 2.69 -4.15
CA PHE A 16 11.63 2.25 -3.04
C PHE A 16 11.11 0.93 -2.45
N VAL A 17 12.04 0.10 -1.99
CA VAL A 17 11.69 -1.18 -1.40
C VAL A 17 11.91 -1.19 0.11
N PRO A 18 10.89 -0.76 0.87
CA PRO A 18 10.96 -0.69 2.32
C PRO A 18 10.97 -2.08 2.96
N GLU A 19 12.16 -2.69 3.01
CA GLU A 19 12.30 -4.03 3.60
C GLU A 19 12.96 -3.94 4.97
N THR A 20 12.14 -3.89 6.01
CA THR A 20 12.65 -3.82 7.38
C THR A 20 11.64 -4.40 8.36
N LYS A 21 12.03 -4.46 9.64
CA LYS A 21 11.17 -4.99 10.68
C LYS A 21 9.81 -4.31 10.66
N GLU A 22 9.79 -3.01 10.93
CA GLU A 22 8.56 -2.24 10.95
C GLU A 22 8.00 -2.10 9.53
N GLU A 23 8.70 -1.35 8.69
CA GLU A 23 8.27 -1.13 7.32
C GLU A 23 8.18 -2.45 6.57
N LEU A 24 6.97 -2.80 6.14
CA LEU A 24 6.74 -4.04 5.41
C LEU A 24 7.35 -3.96 4.01
N GLN A 25 7.89 -5.09 3.55
CA GLN A 25 8.51 -5.15 2.23
C GLN A 25 7.46 -5.38 1.15
N VAL A 26 7.67 -4.76 -0.01
CA VAL A 26 6.74 -4.90 -1.13
C VAL A 26 7.45 -5.45 -2.36
N MET A 27 6.71 -6.21 -3.18
CA MET A 27 7.27 -6.79 -4.38
C MET A 27 6.97 -5.91 -5.60
N PRO A 28 7.79 -6.07 -6.65
CA PRO A 28 7.63 -5.29 -7.90
C PRO A 28 6.38 -5.68 -8.67
N GLY A 29 5.48 -4.73 -8.83
CA GLY A 29 4.25 -4.99 -9.57
C GLY A 29 3.22 -5.72 -8.72
N ASN A 30 3.12 -5.35 -7.46
CA ASN A 30 2.17 -5.98 -6.54
C ASN A 30 1.06 -5.01 -6.16
N ILE A 31 0.03 -5.53 -5.49
CA ILE A 31 -1.09 -4.71 -5.05
C ILE A 31 -1.24 -4.74 -3.53
N VAL A 32 -1.34 -3.55 -2.94
CA VAL A 32 -1.48 -3.44 -1.49
C VAL A 32 -2.65 -2.53 -1.13
N PHE A 33 -3.43 -2.93 -0.14
CA PHE A 33 -4.57 -2.14 0.30
C PHE A 33 -4.15 -1.08 1.31
N VAL A 34 -4.35 0.18 0.95
CA VAL A 34 -3.98 1.29 1.82
C VAL A 34 -5.04 1.53 2.89
N LEU A 35 -4.68 1.28 4.14
CA LEU A 35 -5.60 1.47 5.26
C LEU A 35 -5.77 2.95 5.58
N LYS A 36 -4.67 3.63 5.87
CA LYS A 36 -4.70 5.04 6.20
C LYS A 36 -3.43 5.74 5.72
N LYS A 37 -3.34 7.04 5.97
CA LYS A 37 -2.18 7.82 5.58
C LYS A 37 -2.18 9.18 6.27
N GLY A 38 -0.98 9.66 6.61
CA GLY A 38 -0.87 10.95 7.26
C GLY A 38 -0.26 12.01 6.36
N ASN A 39 -0.29 11.77 5.06
CA ASN A 39 0.27 12.71 4.09
C ASN A 39 1.69 13.06 4.45
N ASP A 40 2.40 12.13 5.07
CA ASP A 40 3.79 12.35 5.47
C ASP A 40 4.71 11.33 4.79
N ASN A 41 4.42 11.02 3.54
CA ASN A 41 5.22 10.07 2.79
C ASN A 41 5.23 8.71 3.47
N TRP A 42 4.17 8.40 4.20
CA TRP A 42 4.06 7.14 4.92
C TRP A 42 2.61 6.70 5.03
N ALA A 43 2.30 5.54 4.46
CA ALA A 43 0.94 5.00 4.51
C ALA A 43 0.93 3.57 5.03
N THR A 44 -0.09 3.24 5.82
CA THR A 44 -0.21 1.90 6.38
C THR A 44 -0.99 0.98 5.45
N VAL A 45 -0.27 0.11 4.74
CA VAL A 45 -0.89 -0.82 3.81
C VAL A 45 -0.98 -2.21 4.41
N MET A 46 -1.52 -3.16 3.65
CA MET A 46 -1.66 -4.53 4.10
C MET A 46 -1.26 -5.51 3.00
N PHE A 47 -0.36 -6.43 3.33
CA PHE A 47 0.10 -7.42 2.36
C PHE A 47 -0.03 -8.82 2.93
N ASN A 48 -0.93 -9.61 2.36
CA ASN A 48 -1.15 -10.98 2.82
C ASN A 48 -1.40 -11.03 4.32
N GLY A 49 -2.05 -9.98 4.84
CA GLY A 49 -2.34 -9.92 6.27
C GLY A 49 -1.16 -9.39 7.07
N GLN A 50 -0.38 -8.51 6.45
CA GLN A 50 0.77 -7.93 7.12
C GLN A 50 0.72 -6.40 7.07
N LYS A 51 0.62 -5.78 8.24
CA LYS A 51 0.56 -4.33 8.34
C LYS A 51 1.95 -3.73 8.46
N GLY A 52 2.19 -2.67 7.70
CA GLY A 52 3.50 -2.02 7.74
C GLY A 52 3.43 -0.55 7.31
N LEU A 53 4.56 -0.02 6.89
CA LEU A 53 4.63 1.38 6.46
C LEU A 53 5.38 1.50 5.14
N VAL A 54 4.79 2.22 4.19
CA VAL A 54 5.42 2.42 2.89
C VAL A 54 5.16 3.82 2.36
N PRO A 55 6.03 4.29 1.46
CA PRO A 55 5.92 5.63 0.87
C PRO A 55 4.74 5.73 -0.09
N CYS A 56 3.95 6.78 0.06
CA CYS A 56 2.79 7.00 -0.79
C CYS A 56 3.21 7.53 -2.16
N ASN A 57 4.23 8.38 -2.17
CA ASN A 57 4.73 8.96 -3.41
C ASN A 57 5.16 7.87 -4.39
N TYR A 58 5.55 6.73 -3.85
CA TYR A 58 5.99 5.60 -4.67
C TYR A 58 4.85 4.60 -4.88
N LEU A 59 3.63 5.11 -4.94
CA LEU A 59 2.46 4.27 -5.14
C LEU A 59 1.51 4.88 -6.16
N GLU A 60 0.57 4.07 -6.65
CA GLU A 60 -0.40 4.53 -7.64
C GLU A 60 -1.79 3.96 -7.35
N PRO A 61 -2.81 4.82 -7.49
CA PRO A 61 -4.20 4.42 -7.24
C PRO A 61 -4.73 3.47 -8.31
N VAL A 62 -5.17 2.29 -7.88
CA VAL A 62 -5.70 1.29 -8.80
C VAL A 62 -7.23 1.27 -8.77
N SER A 63 -7.78 1.36 -7.57
CA SER A 63 -9.23 1.34 -7.41
C SER A 63 -9.78 2.76 -7.27
N GLY A 64 -10.06 3.38 -8.42
CA GLY A 64 -10.58 4.74 -8.42
C GLY A 64 -11.94 4.83 -7.76
N PRO A 65 -12.98 4.39 -8.49
CA PRO A 65 -14.36 4.41 -8.00
C PRO A 65 -14.59 3.41 -6.86
N SER A 66 -15.46 3.77 -5.93
CA SER A 66 -15.77 2.91 -4.80
C SER A 66 -17.20 3.14 -4.31
N SER A 67 -17.84 2.07 -3.85
CA SER A 67 -19.21 2.16 -3.36
C SER A 67 -19.26 1.93 -1.85
N GLY A 68 -18.40 1.04 -1.36
CA GLY A 68 -18.37 0.75 0.06
C GLY A 68 -17.28 1.53 0.79
N GLY A 1 -8.33 -8.56 17.85
CA GLY A 1 -9.68 -9.10 17.82
C GLY A 1 -10.29 -9.07 16.44
N SER A 2 -9.98 -8.01 15.68
CA SER A 2 -10.50 -7.85 14.33
C SER A 2 -9.82 -8.82 13.37
N SER A 3 -8.55 -8.56 13.07
CA SER A 3 -7.79 -9.40 12.17
C SER A 3 -8.42 -9.42 10.78
N GLY A 4 -8.95 -8.28 10.36
CA GLY A 4 -9.57 -8.18 9.06
C GLY A 4 -8.60 -7.74 7.97
N SER A 5 -9.13 -7.45 6.79
CA SER A 5 -8.30 -7.01 5.67
C SER A 5 -9.14 -6.26 4.64
N SER A 6 -8.85 -4.97 4.48
CA SER A 6 -9.58 -4.14 3.52
C SER A 6 -8.87 -2.81 3.31
N GLY A 7 -9.16 -2.16 2.20
CA GLY A 7 -8.54 -0.87 1.89
C GLY A 7 -8.41 -0.63 0.41
N GLU A 8 -8.04 0.59 0.04
CA GLU A 8 -7.88 0.95 -1.36
C GLU A 8 -6.60 0.34 -1.94
N ALA A 9 -6.77 -0.58 -2.89
CA ALA A 9 -5.64 -1.25 -3.52
C ALA A 9 -4.82 -0.25 -4.35
N HIS A 10 -3.51 -0.21 -4.10
CA HIS A 10 -2.63 0.69 -4.82
C HIS A 10 -1.53 -0.10 -5.54
N ARG A 11 -1.13 0.40 -6.71
CA ARG A 11 -0.09 -0.25 -7.49
C ARG A 11 1.29 0.26 -7.11
N VAL A 12 2.13 -0.63 -6.59
CA VAL A 12 3.48 -0.28 -6.18
C VAL A 12 4.35 0.08 -7.38
N LEU A 13 5.08 1.17 -7.27
CA LEU A 13 5.95 1.62 -8.35
C LEU A 13 7.41 1.62 -7.90
N PHE A 14 8.32 1.42 -8.86
CA PHE A 14 9.75 1.39 -8.56
C PHE A 14 10.22 2.71 -7.98
N GLY A 15 11.09 2.65 -6.98
CA GLY A 15 11.59 3.85 -6.34
C GLY A 15 12.34 3.55 -5.06
N PHE A 16 11.64 3.70 -3.93
CA PHE A 16 12.25 3.46 -2.63
C PHE A 16 12.24 1.97 -2.30
N VAL A 17 13.22 1.53 -1.51
CA VAL A 17 13.32 0.13 -1.12
C VAL A 17 13.17 -0.03 0.39
N PRO A 18 11.92 -0.18 0.84
CA PRO A 18 11.60 -0.35 2.27
C PRO A 18 12.05 -1.70 2.80
N GLU A 19 13.34 -1.81 3.11
CA GLU A 19 13.89 -3.05 3.65
C GLU A 19 14.25 -2.90 5.12
N THR A 20 13.31 -3.27 5.98
CA THR A 20 13.52 -3.18 7.42
C THR A 20 12.49 -4.03 8.18
N LYS A 21 12.87 -4.46 9.38
CA LYS A 21 11.99 -5.29 10.20
C LYS A 21 10.69 -4.55 10.51
N GLU A 22 10.72 -3.23 10.39
CA GLU A 22 9.54 -2.41 10.65
C GLU A 22 8.64 -2.34 9.42
N GLU A 23 9.18 -1.80 8.34
CA GLU A 23 8.42 -1.67 7.10
C GLU A 23 8.22 -3.04 6.44
N LEU A 24 7.05 -3.22 5.82
CA LEU A 24 6.74 -4.48 5.15
C LEU A 24 7.51 -4.61 3.84
N GLN A 25 8.24 -5.72 3.70
CA GLN A 25 9.03 -5.96 2.50
C GLN A 25 8.14 -6.40 1.35
N VAL A 26 7.77 -5.46 0.49
CA VAL A 26 6.92 -5.74 -0.66
C VAL A 26 7.72 -5.74 -1.96
N MET A 27 7.08 -6.18 -3.04
CA MET A 27 7.74 -6.22 -4.34
C MET A 27 7.13 -5.20 -5.28
N PRO A 28 7.89 -4.82 -6.33
CA PRO A 28 7.44 -3.84 -7.32
C PRO A 28 6.32 -4.37 -8.20
N GLY A 29 5.20 -3.67 -8.22
CA GLY A 29 4.08 -4.09 -9.03
C GLY A 29 2.99 -4.76 -8.21
N ASN A 30 3.39 -5.40 -7.12
CA ASN A 30 2.45 -6.09 -6.25
C ASN A 30 1.30 -5.16 -5.85
N ILE A 31 0.22 -5.75 -5.35
CA ILE A 31 -0.95 -4.98 -4.93
C ILE A 31 -1.06 -4.95 -3.41
N VAL A 32 -1.35 -3.77 -2.87
CA VAL A 32 -1.50 -3.61 -1.42
C VAL A 32 -2.69 -2.72 -1.09
N PHE A 33 -3.44 -3.11 -0.06
CA PHE A 33 -4.61 -2.35 0.36
C PHE A 33 -4.22 -1.27 1.37
N VAL A 34 -4.29 -0.02 0.94
CA VAL A 34 -3.95 1.10 1.80
C VAL A 34 -5.02 1.33 2.86
N LEU A 35 -4.59 1.61 4.09
CA LEU A 35 -5.51 1.85 5.19
C LEU A 35 -5.64 3.34 5.48
N LYS A 36 -4.51 3.98 5.76
CA LYS A 36 -4.49 5.41 6.06
C LYS A 36 -3.30 6.09 5.39
N LYS A 37 -3.47 7.35 5.04
CA LYS A 37 -2.40 8.12 4.40
C LYS A 37 -2.00 9.32 5.26
N GLY A 38 -0.89 9.19 5.95
CA GLY A 38 -0.41 10.27 6.80
C GLY A 38 0.19 11.42 6.00
N ASN A 39 0.84 12.35 6.69
CA ASN A 39 1.46 13.49 6.03
C ASN A 39 2.97 13.50 6.27
N ASP A 40 3.55 12.32 6.36
CA ASP A 40 4.98 12.18 6.58
C ASP A 40 5.60 11.15 5.64
N ASN A 41 5.00 11.01 4.46
CA ASN A 41 5.47 10.05 3.47
C ASN A 41 5.49 8.64 4.05
N TRP A 42 4.50 8.33 4.87
CA TRP A 42 4.40 7.02 5.49
C TRP A 42 2.94 6.58 5.63
N ALA A 43 2.55 5.59 4.83
CA ALA A 43 1.19 5.08 4.86
C ALA A 43 1.15 3.62 5.30
N THR A 44 0.04 3.21 5.90
CA THR A 44 -0.12 1.84 6.38
C THR A 44 -0.87 0.99 5.35
N VAL A 45 -0.18 0.01 4.79
CA VAL A 45 -0.77 -0.88 3.80
C VAL A 45 -0.91 -2.30 4.35
N MET A 46 -1.73 -3.10 3.69
CA MET A 46 -1.95 -4.48 4.11
C MET A 46 -1.67 -5.45 2.96
N PHE A 47 -0.85 -6.46 3.23
CA PHE A 47 -0.50 -7.46 2.22
C PHE A 47 -0.75 -8.87 2.74
N ASN A 48 -1.80 -9.50 2.23
CA ASN A 48 -2.15 -10.86 2.65
C ASN A 48 -2.24 -10.96 4.17
N GLY A 49 -2.65 -9.86 4.80
CA GLY A 49 -2.77 -9.85 6.25
C GLY A 49 -1.51 -9.37 6.94
N GLN A 50 -0.68 -8.64 6.21
CA GLN A 50 0.57 -8.12 6.74
C GLN A 50 0.56 -6.59 6.81
N LYS A 51 0.64 -6.07 8.03
CA LYS A 51 0.64 -4.62 8.22
C LYS A 51 2.06 -4.06 8.18
N GLY A 52 2.20 -2.87 7.62
CA GLY A 52 3.50 -2.24 7.53
C GLY A 52 3.43 -0.81 7.01
N LEU A 53 4.57 -0.12 7.00
CA LEU A 53 4.63 1.26 6.54
C LEU A 53 5.32 1.34 5.18
N VAL A 54 4.84 2.23 4.33
CA VAL A 54 5.43 2.41 3.00
C VAL A 54 5.18 3.82 2.47
N PRO A 55 6.04 4.27 1.55
CA PRO A 55 5.92 5.60 0.95
C PRO A 55 4.72 5.72 0.02
N CYS A 56 3.83 6.67 0.33
CA CYS A 56 2.64 6.89 -0.47
C CYS A 56 2.98 7.57 -1.79
N ASN A 57 4.04 8.37 -1.78
CA ASN A 57 4.47 9.08 -2.97
C ASN A 57 4.88 8.11 -4.07
N TYR A 58 5.33 6.93 -3.67
CA TYR A 58 5.75 5.90 -4.61
C TYR A 58 4.64 4.89 -4.85
N LEU A 59 3.40 5.34 -4.71
CA LEU A 59 2.24 4.48 -4.92
C LEU A 59 1.24 5.14 -5.86
N GLU A 60 0.50 4.32 -6.59
CA GLU A 60 -0.51 4.82 -7.53
C GLU A 60 -1.88 4.22 -7.23
N PRO A 61 -2.92 5.07 -7.29
CA PRO A 61 -4.30 4.66 -7.03
C PRO A 61 -4.85 3.75 -8.12
N VAL A 62 -5.27 2.55 -7.74
CA VAL A 62 -5.83 1.59 -8.69
C VAL A 62 -7.35 1.62 -8.67
N SER A 63 -7.93 2.67 -9.27
CA SER A 63 -9.37 2.81 -9.32
C SER A 63 -9.93 2.20 -10.60
N GLY A 64 -11.25 2.29 -10.76
CA GLY A 64 -11.90 1.74 -11.95
C GLY A 64 -12.43 2.83 -12.85
N PRO A 65 -13.03 2.41 -13.99
CA PRO A 65 -13.59 3.35 -14.97
C PRO A 65 -14.85 4.04 -14.45
N SER A 66 -15.51 4.78 -15.33
CA SER A 66 -16.73 5.50 -14.96
C SER A 66 -16.43 6.56 -13.91
N SER A 67 -15.34 7.29 -14.10
CA SER A 67 -14.94 8.33 -13.16
C SER A 67 -14.67 9.64 -13.89
N GLY A 68 -15.09 10.75 -13.28
CA GLY A 68 -14.89 12.05 -13.89
C GLY A 68 -16.13 12.91 -13.84
N GLY A 1 -12.65 9.63 12.91
CA GLY A 1 -13.73 9.20 12.06
C GLY A 1 -13.26 8.64 10.74
N SER A 2 -14.10 7.84 10.09
CA SER A 2 -13.75 7.23 8.81
C SER A 2 -13.81 8.27 7.69
N SER A 3 -12.69 8.46 7.01
CA SER A 3 -12.61 9.42 5.91
C SER A 3 -13.15 8.80 4.62
N GLY A 4 -14.47 8.72 4.52
CA GLY A 4 -15.10 8.16 3.34
C GLY A 4 -14.96 6.65 3.28
N SER A 5 -14.05 6.17 2.43
CA SER A 5 -13.83 4.75 2.27
C SER A 5 -12.53 4.31 2.95
N SER A 6 -12.56 3.14 3.58
CA SER A 6 -11.39 2.62 4.27
C SER A 6 -10.77 1.47 3.50
N GLY A 7 -9.56 1.67 3.00
CA GLY A 7 -8.88 0.63 2.23
C GLY A 7 -8.80 0.95 0.76
N GLU A 8 -7.66 1.50 0.33
CA GLU A 8 -7.46 1.86 -1.06
C GLU A 8 -6.29 1.08 -1.66
N ALA A 9 -6.60 0.14 -2.55
CA ALA A 9 -5.57 -0.67 -3.19
C ALA A 9 -4.67 0.19 -4.08
N HIS A 10 -3.37 -0.05 -3.99
CA HIS A 10 -2.40 0.70 -4.79
C HIS A 10 -1.39 -0.24 -5.44
N ARG A 11 -0.86 0.17 -6.58
CA ARG A 11 0.13 -0.63 -7.30
C ARG A 11 1.51 -0.01 -7.18
N VAL A 12 2.51 -0.85 -6.86
CA VAL A 12 3.88 -0.39 -6.73
C VAL A 12 4.56 -0.26 -8.08
N LEU A 13 5.42 0.74 -8.22
CA LEU A 13 6.13 0.97 -9.47
C LEU A 13 7.64 0.80 -9.27
N PHE A 14 8.01 -0.04 -8.30
CA PHE A 14 9.41 -0.31 -8.02
C PHE A 14 10.18 1.01 -7.80
N GLY A 15 9.51 1.97 -7.20
CA GLY A 15 10.14 3.26 -6.95
C GLY A 15 11.03 3.23 -5.71
N PHE A 16 10.55 2.60 -4.65
CA PHE A 16 11.30 2.52 -3.40
C PHE A 16 11.23 1.10 -2.82
N VAL A 17 12.30 0.70 -2.14
CA VAL A 17 12.35 -0.62 -1.54
C VAL A 17 12.27 -0.53 -0.02
N PRO A 18 11.03 -0.53 0.52
CA PRO A 18 10.80 -0.45 1.96
C PRO A 18 11.21 -1.73 2.69
N GLU A 19 12.50 -1.83 3.01
CA GLU A 19 13.02 -3.00 3.71
C GLU A 19 13.36 -2.65 5.16
N THR A 20 12.41 -2.88 6.05
CA THR A 20 12.61 -2.60 7.47
C THR A 20 11.56 -3.31 8.32
N LYS A 21 11.91 -3.56 9.58
CA LYS A 21 10.99 -4.24 10.50
C LYS A 21 9.71 -3.44 10.67
N GLU A 22 9.78 -2.15 10.36
CA GLU A 22 8.61 -1.28 10.47
C GLU A 22 7.75 -1.35 9.22
N GLU A 23 8.37 -1.15 8.06
CA GLU A 23 7.66 -1.19 6.79
C GLU A 23 7.36 -2.63 6.39
N LEU A 24 6.68 -2.79 5.25
CA LEU A 24 6.34 -4.11 4.75
C LEU A 24 6.95 -4.34 3.37
N GLN A 25 7.72 -5.41 3.24
CA GLN A 25 8.37 -5.74 1.98
C GLN A 25 7.33 -5.97 0.88
N VAL A 26 7.33 -5.08 -0.11
CA VAL A 26 6.39 -5.16 -1.21
C VAL A 26 7.10 -5.51 -2.52
N MET A 27 6.37 -6.10 -3.45
CA MET A 27 6.94 -6.48 -4.74
C MET A 27 6.48 -5.51 -5.84
N PRO A 28 7.24 -5.47 -6.94
CA PRO A 28 6.94 -4.59 -8.07
C PRO A 28 5.70 -5.05 -8.84
N GLY A 29 4.72 -4.15 -8.95
CA GLY A 29 3.50 -4.48 -9.66
C GLY A 29 2.52 -5.26 -8.80
N ASN A 30 2.68 -5.14 -7.48
CA ASN A 30 1.80 -5.84 -6.55
C ASN A 30 0.72 -4.91 -6.01
N ILE A 31 -0.40 -5.48 -5.59
CA ILE A 31 -1.51 -4.71 -5.05
C ILE A 31 -1.48 -4.69 -3.53
N VAL A 32 -1.56 -3.48 -2.96
CA VAL A 32 -1.55 -3.33 -1.51
C VAL A 32 -2.69 -2.43 -1.05
N PHE A 33 -3.50 -2.94 -0.12
CA PHE A 33 -4.62 -2.18 0.41
C PHE A 33 -4.15 -1.12 1.40
N VAL A 34 -4.34 0.15 1.04
CA VAL A 34 -3.93 1.27 1.88
C VAL A 34 -4.98 1.55 2.95
N LEU A 35 -4.67 1.18 4.19
CA LEU A 35 -5.58 1.40 5.30
C LEU A 35 -5.81 2.89 5.54
N LYS A 36 -4.73 3.60 5.89
CA LYS A 36 -4.81 5.03 6.14
C LYS A 36 -3.58 5.75 5.58
N LYS A 37 -3.81 6.93 5.00
CA LYS A 37 -2.72 7.71 4.43
C LYS A 37 -2.09 8.62 5.48
N GLY A 38 -0.83 8.33 5.83
CA GLY A 38 -0.14 9.13 6.82
C GLY A 38 0.16 10.53 6.33
N ASN A 39 0.82 11.32 7.17
CA ASN A 39 1.17 12.70 6.81
C ASN A 39 2.65 12.81 6.48
N ASP A 40 3.45 11.93 7.05
CA ASP A 40 4.89 11.93 6.82
C ASP A 40 5.25 10.97 5.69
N ASN A 41 4.45 10.99 4.62
CA ASN A 41 4.69 10.12 3.47
C ASN A 41 4.83 8.67 3.91
N TRP A 42 4.05 8.28 4.92
CA TRP A 42 4.08 6.91 5.43
C TRP A 42 2.67 6.38 5.63
N ALA A 43 2.19 5.62 4.65
CA ALA A 43 0.85 5.05 4.72
C ALA A 43 0.89 3.59 5.17
N THR A 44 -0.10 3.18 5.95
CA THR A 44 -0.16 1.82 6.45
C THR A 44 -0.97 0.92 5.51
N VAL A 45 -0.28 -0.02 4.87
CA VAL A 45 -0.93 -0.94 3.95
C VAL A 45 -1.04 -2.33 4.56
N MET A 46 -1.60 -3.26 3.78
CA MET A 46 -1.77 -4.64 4.24
C MET A 46 -1.48 -5.63 3.12
N PHE A 47 -0.59 -6.57 3.38
CA PHE A 47 -0.23 -7.59 2.39
C PHE A 47 -0.01 -8.94 3.05
N ASN A 48 -0.64 -9.97 2.51
CA ASN A 48 -0.51 -11.32 3.04
C ASN A 48 -0.86 -11.35 4.52
N GLY A 49 -1.91 -10.61 4.90
CA GLY A 49 -2.34 -10.57 6.27
C GLY A 49 -1.31 -9.92 7.18
N GLN A 50 -0.48 -9.05 6.61
CA GLN A 50 0.55 -8.36 7.38
C GLN A 50 0.31 -6.85 7.36
N LYS A 51 1.12 -6.13 8.12
CA LYS A 51 1.01 -4.68 8.21
C LYS A 51 2.38 -4.01 8.14
N GLY A 52 2.42 -2.80 7.61
CA GLY A 52 3.68 -2.08 7.49
C GLY A 52 3.53 -0.75 6.79
N LEU A 53 4.41 0.20 7.11
CA LEU A 53 4.36 1.52 6.50
C LEU A 53 4.95 1.50 5.09
N VAL A 54 4.53 2.44 4.27
CA VAL A 54 5.02 2.52 2.89
C VAL A 54 4.92 3.95 2.37
N PRO A 55 5.76 4.26 1.37
CA PRO A 55 5.80 5.59 0.75
C PRO A 55 4.54 5.89 -0.07
N CYS A 56 3.99 7.08 0.11
CA CYS A 56 2.79 7.49 -0.61
C CYS A 56 3.14 7.96 -2.02
N ASN A 57 4.25 8.69 -2.14
CA ASN A 57 4.69 9.21 -3.42
C ASN A 57 5.05 8.07 -4.37
N TYR A 58 5.49 6.95 -3.81
CA TYR A 58 5.86 5.78 -4.61
C TYR A 58 4.72 4.77 -4.66
N LEU A 59 3.52 5.26 -4.97
CA LEU A 59 2.35 4.39 -5.06
C LEU A 59 1.34 4.94 -6.06
N GLU A 60 0.65 4.03 -6.75
CA GLU A 60 -0.35 4.44 -7.74
C GLU A 60 -1.74 3.93 -7.35
N PRO A 61 -2.75 4.79 -7.52
CA PRO A 61 -4.14 4.44 -7.20
C PRO A 61 -4.73 3.42 -8.15
N VAL A 62 -5.13 2.27 -7.62
CA VAL A 62 -5.72 1.20 -8.42
C VAL A 62 -7.23 1.28 -8.42
N SER A 63 -7.82 1.07 -7.24
CA SER A 63 -9.27 1.11 -7.10
C SER A 63 -9.77 2.54 -6.95
N GLY A 64 -9.59 3.33 -8.01
CA GLY A 64 -10.03 4.71 -7.99
C GLY A 64 -10.86 5.08 -9.21
N PRO A 65 -11.07 6.39 -9.41
CA PRO A 65 -11.85 6.90 -10.54
C PRO A 65 -11.13 6.70 -11.88
N SER A 66 -11.69 5.82 -12.71
CA SER A 66 -11.09 5.53 -14.01
C SER A 66 -12.00 6.05 -15.14
N SER A 67 -13.30 5.85 -14.97
CA SER A 67 -14.27 6.28 -15.97
C SER A 67 -13.91 5.74 -17.36
N GLY A 68 -14.05 4.43 -17.52
CA GLY A 68 -13.72 3.81 -18.80
C GLY A 68 -14.14 2.35 -18.85
N GLY A 1 -22.75 -11.92 1.01
CA GLY A 1 -21.65 -11.19 0.42
C GLY A 1 -20.31 -11.86 0.67
N SER A 2 -19.31 -11.52 -0.14
CA SER A 2 -17.99 -12.10 -0.01
C SER A 2 -17.03 -11.13 0.67
N SER A 3 -16.89 -9.95 0.07
CA SER A 3 -16.00 -8.92 0.61
C SER A 3 -16.62 -7.54 0.47
N GLY A 4 -16.39 -6.68 1.46
CA GLY A 4 -16.93 -5.34 1.43
C GLY A 4 -15.91 -4.31 0.99
N SER A 5 -16.39 -3.20 0.44
CA SER A 5 -15.52 -2.13 -0.03
C SER A 5 -14.78 -1.49 1.14
N SER A 6 -13.50 -1.82 1.29
CA SER A 6 -12.69 -1.28 2.37
C SER A 6 -11.20 -1.38 2.03
N GLY A 7 -10.52 -0.23 2.06
CA GLY A 7 -9.10 -0.21 1.75
C GLY A 7 -8.83 0.13 0.30
N GLU A 8 -8.11 1.22 0.07
CA GLU A 8 -7.78 1.65 -1.28
C GLU A 8 -6.58 0.88 -1.83
N ALA A 9 -6.84 0.04 -2.82
CA ALA A 9 -5.78 -0.75 -3.44
C ALA A 9 -4.83 0.11 -4.25
N HIS A 10 -3.54 -0.11 -4.08
CA HIS A 10 -2.53 0.65 -4.80
C HIS A 10 -1.46 -0.27 -5.39
N ARG A 11 -0.95 0.10 -6.55
CA ARG A 11 0.08 -0.69 -7.23
C ARG A 11 1.43 0.01 -7.18
N VAL A 12 2.46 -0.72 -6.79
CA VAL A 12 3.81 -0.18 -6.71
C VAL A 12 4.50 -0.19 -8.07
N LEU A 13 5.30 0.83 -8.33
CA LEU A 13 6.01 0.94 -9.60
C LEU A 13 7.53 0.89 -9.37
N PHE A 14 8.06 1.92 -8.73
CA PHE A 14 9.49 1.99 -8.45
C PHE A 14 9.82 3.20 -7.58
N GLY A 15 10.99 3.18 -6.97
CA GLY A 15 11.41 4.27 -6.12
C GLY A 15 12.27 3.82 -4.95
N PHE A 16 11.61 3.48 -3.85
CA PHE A 16 12.32 3.02 -2.65
C PHE A 16 11.93 1.59 -2.30
N VAL A 17 12.88 0.85 -1.74
CA VAL A 17 12.63 -0.53 -1.36
C VAL A 17 12.62 -0.70 0.16
N PRO A 18 11.44 -0.49 0.77
CA PRO A 18 11.27 -0.61 2.22
C PRO A 18 11.39 -2.05 2.71
N GLU A 19 12.62 -2.50 2.92
CA GLU A 19 12.87 -3.86 3.38
C GLU A 19 13.42 -3.85 4.81
N THR A 20 12.54 -4.04 5.78
CA THR A 20 12.95 -4.04 7.18
C THR A 20 11.88 -4.72 8.05
N LYS A 21 12.16 -4.80 9.35
CA LYS A 21 11.23 -5.42 10.28
C LYS A 21 9.87 -4.73 10.25
N GLU A 22 9.84 -3.48 10.70
CA GLU A 22 8.61 -2.70 10.71
C GLU A 22 8.06 -2.52 9.31
N GLU A 23 8.75 -1.70 8.51
CA GLU A 23 8.34 -1.44 7.14
C GLU A 23 8.18 -2.74 6.36
N LEU A 24 7.00 -2.94 5.78
CA LEU A 24 6.72 -4.15 5.01
C LEU A 24 7.36 -4.07 3.63
N GLN A 25 7.83 -5.20 3.13
CA GLN A 25 8.46 -5.27 1.82
C GLN A 25 7.41 -5.21 0.71
N VAL A 26 7.71 -4.44 -0.34
CA VAL A 26 6.80 -4.31 -1.47
C VAL A 26 7.54 -4.42 -2.80
N MET A 27 7.03 -5.27 -3.69
CA MET A 27 7.65 -5.47 -4.99
C MET A 27 6.93 -4.66 -6.07
N PRO A 28 7.63 -4.40 -7.18
CA PRO A 28 7.08 -3.63 -8.30
C PRO A 28 5.98 -4.39 -9.04
N GLY A 29 4.77 -3.83 -9.03
CA GLY A 29 3.66 -4.48 -9.70
C GLY A 29 2.81 -5.32 -8.76
N ASN A 30 2.93 -5.04 -7.47
CA ASN A 30 2.17 -5.78 -6.46
C ASN A 30 0.97 -4.97 -5.98
N ILE A 31 -0.04 -5.67 -5.49
CA ILE A 31 -1.25 -5.02 -4.99
C ILE A 31 -1.24 -4.94 -3.47
N VAL A 32 -1.53 -3.75 -2.94
CA VAL A 32 -1.57 -3.54 -1.50
C VAL A 32 -2.73 -2.64 -1.10
N PHE A 33 -3.49 -3.07 -0.10
CA PHE A 33 -4.63 -2.30 0.38
C PHE A 33 -4.19 -1.22 1.35
N VAL A 34 -4.52 0.04 1.05
CA VAL A 34 -4.16 1.15 1.91
C VAL A 34 -5.19 1.36 3.01
N LEU A 35 -4.75 1.26 4.26
CA LEU A 35 -5.63 1.43 5.41
C LEU A 35 -5.80 2.92 5.74
N LYS A 36 -4.69 3.55 6.12
CA LYS A 36 -4.71 4.98 6.47
C LYS A 36 -3.44 5.67 5.99
N LYS A 37 -3.58 6.93 5.59
CA LYS A 37 -2.43 7.70 5.10
C LYS A 37 -1.87 8.57 6.23
N GLY A 38 -0.77 8.11 6.82
CA GLY A 38 -0.15 8.86 7.90
C GLY A 38 0.73 10.00 7.39
N ASN A 39 1.36 10.71 8.31
CA ASN A 39 2.22 11.83 7.95
C ASN A 39 3.65 11.35 7.70
N ASP A 40 4.54 12.29 7.42
CA ASP A 40 5.94 11.96 7.16
C ASP A 40 6.07 10.96 6.01
N ASN A 41 5.15 11.06 5.05
CA ASN A 41 5.15 10.17 3.89
C ASN A 41 5.13 8.70 4.34
N TRP A 42 4.37 8.42 5.38
CA TRP A 42 4.25 7.06 5.91
C TRP A 42 2.81 6.57 5.85
N ALA A 43 2.51 5.77 4.82
CA ALA A 43 1.17 5.23 4.65
C ALA A 43 1.10 3.78 5.12
N THR A 44 -0.04 3.42 5.70
CA THR A 44 -0.24 2.06 6.20
C THR A 44 -0.91 1.18 5.16
N VAL A 45 -0.26 0.08 4.79
CA VAL A 45 -0.80 -0.84 3.80
C VAL A 45 -0.90 -2.25 4.37
N MET A 46 -1.43 -3.17 3.56
CA MET A 46 -1.57 -4.55 3.98
C MET A 46 -1.20 -5.50 2.84
N PHE A 47 -0.40 -6.52 3.17
CA PHE A 47 0.04 -7.50 2.18
C PHE A 47 0.09 -8.90 2.78
N ASN A 48 -0.73 -9.80 2.26
CA ASN A 48 -0.78 -11.17 2.75
C ASN A 48 -1.13 -11.21 4.24
N GLY A 49 -1.83 -10.18 4.71
CA GLY A 49 -2.22 -10.11 6.10
C GLY A 49 -1.12 -9.53 6.98
N GLN A 50 -0.32 -8.64 6.41
CA GLN A 50 0.78 -8.01 7.15
C GLN A 50 0.69 -6.49 7.05
N LYS A 51 0.59 -5.83 8.20
CA LYS A 51 0.50 -4.38 8.24
C LYS A 51 1.89 -3.76 8.35
N GLY A 52 2.13 -2.71 7.56
CA GLY A 52 3.42 -2.05 7.59
C GLY A 52 3.34 -0.60 7.16
N LEU A 53 4.49 0.01 6.90
CA LEU A 53 4.55 1.40 6.48
C LEU A 53 5.32 1.55 5.17
N VAL A 54 4.81 2.39 4.28
CA VAL A 54 5.46 2.62 3.00
C VAL A 54 5.18 4.03 2.47
N PRO A 55 6.07 4.53 1.60
CA PRO A 55 5.93 5.87 1.02
C PRO A 55 4.77 5.95 0.03
N CYS A 56 4.04 7.06 0.08
CA CYS A 56 2.91 7.25 -0.82
C CYS A 56 3.37 7.77 -2.18
N ASN A 57 4.40 8.61 -2.16
CA ASN A 57 4.94 9.17 -3.40
C ASN A 57 5.28 8.08 -4.40
N TYR A 58 5.60 6.89 -3.89
CA TYR A 58 5.95 5.76 -4.75
C TYR A 58 4.79 4.76 -4.82
N LEU A 59 3.60 5.28 -5.10
CA LEU A 59 2.41 4.43 -5.20
C LEU A 59 1.44 4.98 -6.25
N GLU A 60 0.60 4.10 -6.79
CA GLU A 60 -0.36 4.50 -7.80
C GLU A 60 -1.76 3.96 -7.46
N PRO A 61 -2.78 4.80 -7.63
CA PRO A 61 -4.17 4.43 -7.35
C PRO A 61 -4.71 3.43 -8.36
N VAL A 62 -5.00 2.22 -7.89
CA VAL A 62 -5.54 1.18 -8.76
C VAL A 62 -7.06 1.22 -8.81
N SER A 63 -7.68 1.25 -7.64
CA SER A 63 -9.14 1.30 -7.55
C SER A 63 -9.76 0.05 -8.16
N GLY A 64 -9.24 -1.12 -7.78
CA GLY A 64 -9.75 -2.37 -8.29
C GLY A 64 -10.86 -2.94 -7.44
N PRO A 65 -11.29 -4.17 -7.76
CA PRO A 65 -12.36 -4.85 -7.02
C PRO A 65 -11.92 -5.27 -5.63
N SER A 66 -12.80 -5.97 -4.92
CA SER A 66 -12.50 -6.43 -3.56
C SER A 66 -12.46 -7.95 -3.50
N SER A 67 -11.35 -8.51 -3.97
CA SER A 67 -11.17 -9.97 -3.96
C SER A 67 -10.42 -10.43 -2.73
N GLY A 68 -11.13 -11.08 -1.81
CA GLY A 68 -10.50 -11.55 -0.60
C GLY A 68 -11.37 -12.54 0.16
N GLY A 1 -7.38 -13.66 -3.86
CA GLY A 1 -8.31 -14.53 -3.16
C GLY A 1 -8.60 -14.06 -1.76
N SER A 2 -9.43 -13.01 -1.64
CA SER A 2 -9.79 -12.46 -0.34
C SER A 2 -11.07 -11.64 -0.43
N SER A 3 -11.72 -11.42 0.70
CA SER A 3 -12.96 -10.66 0.75
C SER A 3 -12.80 -9.42 1.62
N GLY A 4 -13.81 -8.55 1.60
CA GLY A 4 -13.76 -7.34 2.38
C GLY A 4 -13.09 -6.19 1.64
N SER A 5 -13.67 -5.00 1.74
CA SER A 5 -13.12 -3.83 1.06
C SER A 5 -12.87 -2.71 2.06
N SER A 6 -11.82 -2.85 2.86
CA SER A 6 -11.48 -1.84 3.86
C SER A 6 -10.08 -1.28 3.59
N GLY A 7 -9.87 -0.80 2.37
CA GLY A 7 -8.58 -0.23 2.02
C GLY A 7 -8.47 0.06 0.53
N GLU A 8 -7.73 1.12 0.19
CA GLU A 8 -7.55 1.50 -1.20
C GLU A 8 -6.37 0.76 -1.83
N ALA A 9 -6.65 -0.09 -2.81
CA ALA A 9 -5.62 -0.86 -3.48
C ALA A 9 -4.73 0.04 -4.34
N HIS A 10 -3.43 -0.04 -4.13
CA HIS A 10 -2.48 0.76 -4.88
C HIS A 10 -1.35 -0.11 -5.44
N ARG A 11 -0.80 0.31 -6.58
CA ARG A 11 0.28 -0.44 -7.22
C ARG A 11 1.60 0.28 -7.04
N VAL A 12 2.66 -0.50 -6.80
CA VAL A 12 3.99 0.06 -6.61
C VAL A 12 4.75 0.15 -7.92
N LEU A 13 5.60 1.17 -8.04
CA LEU A 13 6.38 1.37 -9.26
C LEU A 13 7.87 1.40 -8.94
N PHE A 14 8.29 2.45 -8.23
CA PHE A 14 9.70 2.59 -7.85
C PHE A 14 9.90 3.82 -6.97
N GLY A 15 11.07 3.91 -6.35
CA GLY A 15 11.36 5.04 -5.48
C GLY A 15 12.10 4.63 -4.22
N PHE A 16 11.38 4.61 -3.10
CA PHE A 16 11.97 4.24 -1.82
C PHE A 16 11.86 2.73 -1.58
N VAL A 17 12.85 2.16 -0.92
CA VAL A 17 12.86 0.73 -0.63
C VAL A 17 12.65 0.47 0.86
N PRO A 18 11.38 0.38 1.28
CA PRO A 18 11.04 0.13 2.68
C PRO A 18 11.39 -1.28 3.13
N GLU A 19 12.67 -1.50 3.42
CA GLU A 19 13.14 -2.82 3.86
C GLU A 19 13.63 -2.76 5.30
N THR A 20 12.74 -3.14 6.23
CA THR A 20 13.08 -3.13 7.65
C THR A 20 12.13 -4.02 8.44
N LYS A 21 12.40 -4.15 9.74
CA LYS A 21 11.56 -4.97 10.61
C LYS A 21 10.14 -4.43 10.66
N GLU A 22 10.00 -3.11 10.68
CA GLU A 22 8.70 -2.47 10.72
C GLU A 22 8.11 -2.34 9.32
N GLU A 23 8.71 -1.47 8.52
CA GLU A 23 8.24 -1.24 7.15
C GLU A 23 8.15 -2.56 6.39
N LEU A 24 6.99 -2.81 5.77
CA LEU A 24 6.78 -4.03 5.00
C LEU A 24 7.45 -3.93 3.63
N GLN A 25 8.00 -5.05 3.17
CA GLN A 25 8.66 -5.10 1.87
C GLN A 25 7.66 -5.33 0.76
N VAL A 26 7.58 -4.38 -0.17
CA VAL A 26 6.65 -4.49 -1.30
C VAL A 26 7.40 -4.60 -2.62
N MET A 27 6.88 -5.41 -3.52
CA MET A 27 7.51 -5.61 -4.83
C MET A 27 6.88 -4.68 -5.86
N PRO A 28 7.63 -4.42 -6.95
CA PRO A 28 7.17 -3.55 -8.03
C PRO A 28 6.05 -4.17 -8.84
N GLY A 29 4.84 -3.63 -8.70
CA GLY A 29 3.70 -4.15 -9.42
C GLY A 29 2.83 -5.06 -8.57
N ASN A 30 2.79 -4.78 -7.27
CA ASN A 30 2.00 -5.58 -6.34
C ASN A 30 0.77 -4.80 -5.88
N ILE A 31 -0.15 -5.50 -5.22
CA ILE A 31 -1.37 -4.88 -4.73
C ILE A 31 -1.40 -4.87 -3.19
N VAL A 32 -1.74 -3.72 -2.63
CA VAL A 32 -1.80 -3.57 -1.18
C VAL A 32 -2.97 -2.69 -0.76
N PHE A 33 -3.73 -3.14 0.23
CA PHE A 33 -4.88 -2.39 0.71
C PHE A 33 -4.45 -1.29 1.68
N VAL A 34 -4.52 -0.05 1.21
CA VAL A 34 -4.14 1.10 2.04
C VAL A 34 -5.16 1.36 3.14
N LEU A 35 -4.73 1.26 4.38
CA LEU A 35 -5.61 1.49 5.52
C LEU A 35 -5.70 2.98 5.85
N LYS A 36 -4.55 3.59 6.12
CA LYS A 36 -4.51 5.02 6.44
C LYS A 36 -3.29 5.67 5.81
N LYS A 37 -3.29 7.00 5.75
CA LYS A 37 -2.19 7.76 5.16
C LYS A 37 -2.35 9.26 5.43
N GLY A 38 -1.25 9.99 5.31
CA GLY A 38 -1.29 11.42 5.54
C GLY A 38 -0.58 11.82 6.81
N ASN A 39 0.39 11.01 7.23
CA ASN A 39 1.14 11.28 8.44
C ASN A 39 2.62 10.95 8.25
N ASP A 40 3.46 11.97 8.26
CA ASP A 40 4.91 11.79 8.09
C ASP A 40 5.20 11.07 6.78
N ASN A 41 4.35 11.30 5.78
CA ASN A 41 4.53 10.67 4.47
C ASN A 41 4.57 9.16 4.60
N TRP A 42 3.94 8.63 5.64
CA TRP A 42 3.90 7.19 5.88
C TRP A 42 2.48 6.65 5.80
N ALA A 43 2.22 5.84 4.79
CA ALA A 43 0.89 5.26 4.59
C ALA A 43 0.88 3.78 4.96
N THR A 44 0.02 3.41 5.90
CA THR A 44 -0.08 2.03 6.35
C THR A 44 -0.86 1.18 5.34
N VAL A 45 -0.35 -0.01 5.05
CA VAL A 45 -0.99 -0.91 4.10
C VAL A 45 -0.96 -2.35 4.61
N MET A 46 -1.74 -3.21 3.96
CA MET A 46 -1.79 -4.62 4.34
C MET A 46 -1.43 -5.51 3.16
N PHE A 47 -0.57 -6.50 3.41
CA PHE A 47 -0.15 -7.43 2.37
C PHE A 47 -0.25 -8.88 2.85
N ASN A 48 -1.32 -9.56 2.44
CA ASN A 48 -1.53 -10.94 2.83
C ASN A 48 -1.70 -11.07 4.34
N GLY A 49 -2.26 -10.03 4.95
CA GLY A 49 -2.47 -10.04 6.39
C GLY A 49 -1.36 -9.32 7.14
N GLN A 50 -0.22 -9.15 6.47
CA GLN A 50 0.92 -8.48 7.09
C GLN A 50 0.87 -6.98 6.85
N LYS A 51 0.73 -6.21 7.92
CA LYS A 51 0.67 -4.75 7.82
C LYS A 51 2.07 -4.15 7.90
N GLY A 52 2.19 -2.91 7.43
CA GLY A 52 3.48 -2.24 7.45
C GLY A 52 3.38 -0.78 7.05
N LEU A 53 4.51 -0.18 6.68
CA LEU A 53 4.55 1.21 6.28
C LEU A 53 5.16 1.36 4.90
N VAL A 54 4.63 2.30 4.12
CA VAL A 54 5.13 2.54 2.77
C VAL A 54 4.88 3.99 2.35
N PRO A 55 5.69 4.48 1.39
CA PRO A 55 5.58 5.85 0.88
C PRO A 55 4.31 6.05 0.05
N CYS A 56 3.74 7.25 0.13
CA CYS A 56 2.54 7.57 -0.61
C CYS A 56 2.88 8.15 -1.98
N ASN A 57 3.82 9.07 -2.02
CA ASN A 57 4.24 9.69 -3.27
C ASN A 57 4.71 8.64 -4.27
N TYR A 58 5.17 7.51 -3.76
CA TYR A 58 5.66 6.42 -4.61
C TYR A 58 4.59 5.33 -4.74
N LEU A 59 3.37 5.73 -5.09
CA LEU A 59 2.28 4.79 -5.25
C LEU A 59 1.35 5.22 -6.38
N GLU A 60 0.68 4.25 -6.99
CA GLU A 60 -0.23 4.54 -8.09
C GLU A 60 -1.61 3.92 -7.83
N PRO A 61 -2.67 4.69 -8.10
CA PRO A 61 -4.05 4.24 -7.90
C PRO A 61 -4.46 3.17 -8.89
N VAL A 62 -4.49 1.92 -8.43
CA VAL A 62 -4.88 0.80 -9.28
C VAL A 62 -6.25 1.01 -9.89
N SER A 63 -6.42 0.54 -11.12
CA SER A 63 -7.69 0.68 -11.83
C SER A 63 -8.38 -0.67 -11.97
N GLY A 64 -8.95 -1.15 -10.86
CA GLY A 64 -9.64 -2.43 -10.88
C GLY A 64 -11.06 -2.32 -11.39
N PRO A 65 -11.78 -3.44 -11.41
CA PRO A 65 -13.17 -3.49 -11.88
C PRO A 65 -14.13 -2.79 -10.92
N SER A 66 -15.21 -2.23 -11.47
CA SER A 66 -16.19 -1.54 -10.65
C SER A 66 -17.58 -2.14 -10.84
N SER A 67 -18.54 -1.66 -10.05
CA SER A 67 -19.91 -2.17 -10.13
C SER A 67 -20.86 -1.09 -10.66
N GLY A 68 -22.02 -1.52 -11.13
CA GLY A 68 -22.99 -0.58 -11.66
C GLY A 68 -23.55 -1.02 -13.00
N GLY A 1 -10.53 -5.70 16.80
CA GLY A 1 -10.82 -6.82 15.93
C GLY A 1 -10.25 -6.65 14.53
N SER A 2 -11.14 -6.59 13.54
CA SER A 2 -10.73 -6.43 12.15
C SER A 2 -10.72 -4.95 11.76
N SER A 3 -9.64 -4.53 11.11
CA SER A 3 -9.51 -3.13 10.68
C SER A 3 -9.14 -3.06 9.20
N GLY A 4 -10.15 -3.12 8.35
CA GLY A 4 -9.91 -3.06 6.92
C GLY A 4 -10.81 -2.04 6.22
N SER A 5 -11.26 -1.05 6.98
CA SER A 5 -12.13 -0.01 6.44
C SER A 5 -11.34 0.96 5.56
N SER A 6 -12.01 1.54 4.56
CA SER A 6 -11.38 2.47 3.66
C SER A 6 -10.09 1.88 3.07
N GLY A 7 -10.23 0.71 2.46
CA GLY A 7 -9.08 0.05 1.86
C GLY A 7 -9.02 0.23 0.36
N GLU A 8 -8.04 1.00 -0.11
CA GLU A 8 -7.89 1.26 -1.54
C GLU A 8 -6.72 0.45 -2.10
N ALA A 9 -6.93 -0.14 -3.28
CA ALA A 9 -5.91 -0.94 -3.93
C ALA A 9 -4.95 -0.05 -4.73
N HIS A 10 -3.68 -0.10 -4.37
CA HIS A 10 -2.67 0.69 -5.06
C HIS A 10 -1.55 -0.20 -5.61
N ARG A 11 -0.97 0.21 -6.73
CA ARG A 11 0.12 -0.55 -7.34
C ARG A 11 1.48 -0.01 -6.94
N VAL A 12 2.29 -0.85 -6.34
CA VAL A 12 3.63 -0.46 -5.89
C VAL A 12 4.55 -0.20 -7.08
N LEU A 13 5.45 0.76 -6.93
CA LEU A 13 6.39 1.11 -7.99
C LEU A 13 7.83 0.97 -7.52
N PHE A 14 8.65 0.27 -8.29
CA PHE A 14 10.05 0.05 -7.95
C PHE A 14 10.77 1.39 -7.76
N GLY A 15 11.75 1.40 -6.86
CA GLY A 15 12.50 2.62 -6.61
C GLY A 15 12.93 2.74 -5.16
N PHE A 16 12.23 2.02 -4.28
CA PHE A 16 12.54 2.06 -2.85
C PHE A 16 12.55 0.65 -2.27
N VAL A 17 13.34 0.45 -1.21
CA VAL A 17 13.43 -0.85 -0.56
C VAL A 17 13.06 -0.75 0.91
N PRO A 18 11.76 -0.88 1.21
CA PRO A 18 11.25 -0.82 2.59
C PRO A 18 11.67 -2.02 3.41
N GLU A 19 12.91 -2.00 3.90
CA GLU A 19 13.42 -3.10 4.71
C GLU A 19 13.57 -2.66 6.16
N THR A 20 12.53 -2.92 6.96
CA THR A 20 12.54 -2.56 8.37
C THR A 20 11.40 -3.23 9.13
N LYS A 21 11.60 -3.44 10.42
CA LYS A 21 10.58 -4.08 11.25
C LYS A 21 9.29 -3.28 11.24
N GLU A 22 9.39 -1.99 10.89
CA GLU A 22 8.23 -1.11 10.83
C GLU A 22 7.51 -1.25 9.48
N GLU A 23 8.28 -1.17 8.41
CA GLU A 23 7.72 -1.29 7.06
C GLU A 23 7.41 -2.74 6.71
N LEU A 24 6.77 -2.94 5.56
CA LEU A 24 6.42 -4.29 5.12
C LEU A 24 7.15 -4.63 3.82
N GLN A 25 7.99 -5.66 3.88
CA GLN A 25 8.74 -6.09 2.71
C GLN A 25 7.82 -6.38 1.54
N VAL A 26 7.77 -5.46 0.58
CA VAL A 26 6.93 -5.61 -0.59
C VAL A 26 7.76 -5.89 -1.84
N MET A 27 7.07 -6.13 -2.96
CA MET A 27 7.76 -6.41 -4.22
C MET A 27 7.33 -5.42 -5.29
N PRO A 28 8.17 -5.27 -6.33
CA PRO A 28 7.91 -4.36 -7.44
C PRO A 28 6.75 -4.83 -8.32
N GLY A 29 5.69 -4.03 -8.36
CA GLY A 29 4.53 -4.38 -9.16
C GLY A 29 3.54 -5.23 -8.39
N ASN A 30 3.41 -4.97 -7.10
CA ASN A 30 2.49 -5.72 -6.26
C ASN A 30 1.24 -4.90 -5.94
N ILE A 31 0.28 -5.52 -5.29
CA ILE A 31 -0.97 -4.85 -4.92
C ILE A 31 -1.18 -4.87 -3.41
N VAL A 32 -1.39 -3.69 -2.84
CA VAL A 32 -1.61 -3.58 -1.40
C VAL A 32 -2.87 -2.76 -1.10
N PHE A 33 -3.37 -2.88 0.13
CA PHE A 33 -4.56 -2.16 0.54
C PHE A 33 -4.21 -1.04 1.52
N VAL A 34 -4.26 0.19 1.05
CA VAL A 34 -3.96 1.35 1.87
C VAL A 34 -5.01 1.54 2.96
N LEU A 35 -4.61 1.36 4.22
CA LEU A 35 -5.52 1.51 5.35
C LEU A 35 -5.65 2.98 5.74
N LYS A 36 -4.54 3.58 6.15
CA LYS A 36 -4.53 4.98 6.55
C LYS A 36 -3.23 5.65 6.15
N LYS A 37 -3.31 6.92 5.76
CA LYS A 37 -2.14 7.68 5.35
C LYS A 37 -1.85 8.82 6.34
N GLY A 38 -0.70 8.73 7.00
CA GLY A 38 -0.33 9.76 7.96
C GLY A 38 0.51 10.85 7.34
N ASN A 39 1.74 11.01 7.83
CA ASN A 39 2.64 12.03 7.32
C ASN A 39 4.05 11.46 7.13
N ASP A 40 4.98 12.33 6.72
CA ASP A 40 6.35 11.92 6.50
C ASP A 40 6.44 10.87 5.40
N ASN A 41 5.56 10.97 4.42
CA ASN A 41 5.53 10.03 3.30
C ASN A 41 5.47 8.60 3.81
N TRP A 42 4.70 8.37 4.86
CA TRP A 42 4.56 7.04 5.44
C TRP A 42 3.09 6.66 5.59
N ALA A 43 2.63 5.74 4.75
CA ALA A 43 1.24 5.30 4.80
C ALA A 43 1.15 3.81 5.16
N THR A 44 0.07 3.44 5.84
CA THR A 44 -0.13 2.05 6.24
C THR A 44 -0.85 1.26 5.15
N VAL A 45 -0.39 0.04 4.91
CA VAL A 45 -0.99 -0.82 3.89
C VAL A 45 -1.12 -2.25 4.40
N MET A 46 -1.68 -3.12 3.57
CA MET A 46 -1.87 -4.52 3.92
C MET A 46 -1.41 -5.43 2.79
N PHE A 47 -0.81 -6.56 3.16
CA PHE A 47 -0.32 -7.52 2.17
C PHE A 47 -0.37 -8.94 2.73
N ASN A 48 -1.35 -9.71 2.28
CA ASN A 48 -1.51 -11.08 2.74
C ASN A 48 -1.66 -11.14 4.25
N GLY A 49 -2.24 -10.09 4.83
CA GLY A 49 -2.44 -10.05 6.26
C GLY A 49 -1.24 -9.48 6.99
N GLN A 50 -0.45 -8.67 6.29
CA GLN A 50 0.74 -8.07 6.88
C GLN A 50 0.67 -6.54 6.80
N LYS A 51 0.72 -5.89 7.95
CA LYS A 51 0.66 -4.43 8.00
C LYS A 51 2.08 -3.84 8.03
N GLY A 52 2.23 -2.67 7.41
CA GLY A 52 3.53 -2.02 7.38
C GLY A 52 3.48 -0.67 6.68
N LEU A 53 4.37 0.23 7.07
CA LEU A 53 4.43 1.56 6.47
C LEU A 53 5.13 1.52 5.11
N VAL A 54 4.72 2.41 4.21
CA VAL A 54 5.31 2.49 2.88
C VAL A 54 5.18 3.89 2.30
N PRO A 55 6.06 4.21 1.34
CA PRO A 55 6.06 5.52 0.68
C PRO A 55 4.86 5.71 -0.23
N CYS A 56 3.93 6.57 0.19
CA CYS A 56 2.73 6.83 -0.60
C CYS A 56 3.09 7.47 -1.94
N ASN A 57 4.19 8.20 -1.97
CA ASN A 57 4.64 8.86 -3.19
C ASN A 57 4.97 7.83 -4.28
N TYR A 58 5.39 6.64 -3.85
CA TYR A 58 5.73 5.58 -4.78
C TYR A 58 4.57 4.62 -4.97
N LEU A 59 3.35 5.14 -4.83
CA LEU A 59 2.14 4.33 -4.97
C LEU A 59 1.21 4.93 -6.01
N GLU A 60 0.50 4.07 -6.73
CA GLU A 60 -0.43 4.51 -7.76
C GLU A 60 -1.83 3.94 -7.52
N PRO A 61 -2.85 4.80 -7.67
CA PRO A 61 -4.25 4.39 -7.47
C PRO A 61 -4.74 3.45 -8.55
N VAL A 62 -5.12 2.23 -8.16
CA VAL A 62 -5.61 1.24 -9.10
C VAL A 62 -7.12 1.35 -9.29
N SER A 63 -7.80 1.89 -8.26
CA SER A 63 -9.24 2.05 -8.32
C SER A 63 -9.64 3.05 -9.40
N GLY A 64 -8.94 4.17 -9.45
CA GLY A 64 -9.23 5.18 -10.45
C GLY A 64 -8.02 6.03 -10.78
N PRO A 65 -8.16 6.88 -11.81
CA PRO A 65 -7.07 7.76 -12.26
C PRO A 65 -6.78 8.87 -11.27
N SER A 66 -5.56 9.39 -11.30
CA SER A 66 -5.15 10.46 -10.40
C SER A 66 -5.91 11.74 -10.69
N SER A 67 -5.83 12.20 -11.93
CA SER A 67 -6.51 13.42 -12.34
C SER A 67 -7.37 13.17 -13.59
N GLY A 68 -8.52 13.85 -13.65
CA GLY A 68 -9.41 13.70 -14.78
C GLY A 68 -10.26 14.92 -15.02
N GLY A 1 -5.02 -10.19 17.97
CA GLY A 1 -4.01 -9.18 17.69
C GLY A 1 -4.45 -8.21 16.62
N SER A 2 -3.52 -7.35 16.21
CA SER A 2 -3.81 -6.35 15.18
C SER A 2 -4.20 -7.03 13.86
N SER A 3 -5.40 -6.71 13.37
CA SER A 3 -5.89 -7.28 12.12
C SER A 3 -6.03 -6.21 11.05
N GLY A 4 -7.05 -5.37 11.18
CA GLY A 4 -7.26 -4.31 10.21
C GLY A 4 -8.46 -4.58 9.32
N SER A 5 -8.59 -3.80 8.25
CA SER A 5 -9.70 -3.95 7.32
C SER A 5 -9.28 -3.58 5.90
N SER A 6 -10.21 -3.71 4.96
CA SER A 6 -9.93 -3.40 3.57
C SER A 6 -9.39 -1.98 3.43
N GLY A 7 -8.76 -1.71 2.29
CA GLY A 7 -8.21 -0.38 2.05
C GLY A 7 -8.07 -0.06 0.58
N GLU A 8 -7.41 1.05 0.27
CA GLU A 8 -7.21 1.46 -1.11
C GLU A 8 -6.08 0.67 -1.77
N ALA A 9 -6.43 -0.19 -2.72
CA ALA A 9 -5.45 -1.00 -3.41
C ALA A 9 -4.51 -0.13 -4.25
N HIS A 10 -3.25 -0.11 -3.88
CA HIS A 10 -2.25 0.69 -4.60
C HIS A 10 -1.16 -0.21 -5.18
N ARG A 11 -0.51 0.28 -6.23
CA ARG A 11 0.55 -0.48 -6.90
C ARG A 11 1.90 0.22 -6.74
N VAL A 12 2.92 -0.57 -6.43
CA VAL A 12 4.27 -0.03 -6.25
C VAL A 12 4.82 0.51 -7.56
N LEU A 13 5.60 1.59 -7.46
CA LEU A 13 6.19 2.21 -8.65
C LEU A 13 7.69 2.45 -8.44
N PHE A 14 8.39 2.72 -9.53
CA PHE A 14 9.83 2.98 -9.46
C PHE A 14 10.57 1.79 -8.83
N GLY A 15 9.94 0.62 -8.89
CA GLY A 15 10.55 -0.57 -8.31
C GLY A 15 10.98 -0.36 -6.87
N PHE A 16 10.02 0.04 -6.03
CA PHE A 16 10.30 0.27 -4.62
C PHE A 16 10.38 -1.04 -3.85
N VAL A 17 11.56 -1.33 -3.30
CA VAL A 17 11.77 -2.56 -2.55
C VAL A 17 11.94 -2.26 -1.06
N PRO A 18 10.82 -2.20 -0.33
CA PRO A 18 10.82 -1.93 1.11
C PRO A 18 11.41 -3.09 1.91
N GLU A 19 12.72 -3.06 2.11
CA GLU A 19 13.40 -4.11 2.87
C GLU A 19 13.70 -3.65 4.29
N THR A 20 12.79 -3.94 5.21
CA THR A 20 12.95 -3.55 6.61
C THR A 20 11.85 -4.14 7.48
N LYS A 21 12.09 -4.19 8.78
CA LYS A 21 11.12 -4.72 9.72
C LYS A 21 9.94 -3.76 9.90
N GLU A 22 10.23 -2.46 9.79
CA GLU A 22 9.20 -1.45 9.94
C GLU A 22 8.24 -1.46 8.75
N GLU A 23 8.80 -1.51 7.55
CA GLU A 23 7.99 -1.53 6.34
C GLU A 23 7.66 -2.96 5.93
N LEU A 24 6.58 -3.12 5.17
CA LEU A 24 6.15 -4.44 4.71
C LEU A 24 6.74 -4.75 3.32
N GLN A 25 7.53 -5.82 3.26
CA GLN A 25 8.15 -6.22 2.00
C GLN A 25 7.09 -6.46 0.92
N VAL A 26 7.34 -5.95 -0.27
CA VAL A 26 6.42 -6.11 -1.39
C VAL A 26 7.17 -6.27 -2.71
N MET A 27 6.42 -6.42 -3.79
CA MET A 27 7.01 -6.58 -5.11
C MET A 27 6.50 -5.49 -6.06
N PRO A 28 7.27 -5.24 -7.14
CA PRO A 28 6.92 -4.23 -8.14
C PRO A 28 5.71 -4.63 -8.98
N GLY A 29 4.65 -3.83 -8.89
CA GLY A 29 3.45 -4.12 -9.65
C GLY A 29 2.45 -4.95 -8.85
N ASN A 30 2.61 -4.96 -7.53
CA ASN A 30 1.73 -5.73 -6.66
C ASN A 30 0.52 -4.90 -6.24
N ILE A 31 -0.36 -5.51 -5.46
CA ILE A 31 -1.55 -4.81 -4.98
C ILE A 31 -1.63 -4.83 -3.46
N VAL A 32 -1.54 -3.65 -2.86
CA VAL A 32 -1.60 -3.52 -1.40
C VAL A 32 -2.73 -2.59 -0.98
N PHE A 33 -3.53 -3.05 -0.02
CA PHE A 33 -4.65 -2.26 0.48
C PHE A 33 -4.18 -1.22 1.50
N VAL A 34 -4.36 0.05 1.17
CA VAL A 34 -3.96 1.13 2.06
C VAL A 34 -5.03 1.41 3.11
N LEU A 35 -4.64 1.34 4.38
CA LEU A 35 -5.57 1.58 5.48
C LEU A 35 -5.72 3.08 5.74
N LYS A 36 -4.64 3.70 6.22
CA LYS A 36 -4.66 5.13 6.51
C LYS A 36 -3.63 5.87 5.65
N LYS A 37 -3.54 7.17 5.84
CA LYS A 37 -2.60 8.00 5.09
C LYS A 37 -1.82 8.92 6.02
N GLY A 38 -0.59 8.52 6.37
CA GLY A 38 0.23 9.31 7.25
C GLY A 38 0.48 10.71 6.71
N ASN A 39 1.32 11.47 7.39
CA ASN A 39 1.64 12.84 6.97
C ASN A 39 3.10 12.94 6.56
N ASP A 40 3.93 12.07 7.10
CA ASP A 40 5.35 12.07 6.79
C ASP A 40 5.65 11.14 5.61
N ASN A 41 4.85 11.26 4.55
CA ASN A 41 5.02 10.43 3.36
C ASN A 41 5.08 8.95 3.74
N TRP A 42 4.21 8.54 4.66
CA TRP A 42 4.17 7.16 5.10
C TRP A 42 2.73 6.67 5.27
N ALA A 43 2.26 5.89 4.30
CA ALA A 43 0.90 5.38 4.34
C ALA A 43 0.89 3.89 4.72
N THR A 44 -0.02 3.53 5.61
CA THR A 44 -0.13 2.14 6.07
C THR A 44 -0.77 1.27 5.00
N VAL A 45 -0.40 0.00 4.98
CA VAL A 45 -0.94 -0.95 4.01
C VAL A 45 -1.04 -2.35 4.59
N MET A 46 -1.79 -3.21 3.92
CA MET A 46 -1.96 -4.60 4.37
C MET A 46 -1.72 -5.58 3.24
N PHE A 47 -0.98 -6.64 3.54
CA PHE A 47 -0.67 -7.66 2.53
C PHE A 47 -0.59 -9.04 3.18
N ASN A 48 -1.48 -9.94 2.75
CA ASN A 48 -1.53 -11.29 3.28
C ASN A 48 -1.70 -11.28 4.79
N GLY A 49 -2.37 -10.25 5.29
CA GLY A 49 -2.60 -10.15 6.72
C GLY A 49 -1.50 -9.37 7.42
N GLN A 50 -0.39 -9.17 6.73
CA GLN A 50 0.75 -8.44 7.29
C GLN A 50 0.63 -6.95 6.99
N LYS A 51 0.61 -6.14 8.04
CA LYS A 51 0.51 -4.69 7.88
C LYS A 51 1.89 -4.04 7.93
N GLY A 52 2.03 -2.92 7.24
CA GLY A 52 3.30 -2.21 7.21
C GLY A 52 3.16 -0.78 6.71
N LEU A 53 4.29 -0.18 6.36
CA LEU A 53 4.29 1.20 5.86
C LEU A 53 4.89 1.26 4.46
N VAL A 54 4.44 2.24 3.68
CA VAL A 54 4.93 2.41 2.31
C VAL A 54 4.79 3.87 1.86
N PRO A 55 5.63 4.26 0.88
CA PRO A 55 5.62 5.62 0.35
C PRO A 55 4.37 5.92 -0.47
N CYS A 56 3.91 7.16 -0.41
CA CYS A 56 2.72 7.57 -1.14
C CYS A 56 3.07 7.99 -2.56
N ASN A 57 4.04 8.90 -2.68
CA ASN A 57 4.46 9.39 -3.99
C ASN A 57 4.89 8.23 -4.89
N TYR A 58 5.33 7.14 -4.27
CA TYR A 58 5.77 5.96 -5.02
C TYR A 58 4.65 4.91 -5.09
N LEU A 59 3.41 5.39 -5.04
CA LEU A 59 2.26 4.49 -5.10
C LEU A 59 1.23 5.01 -6.10
N GLU A 60 0.54 4.08 -6.76
CA GLU A 60 -0.47 4.44 -7.75
C GLU A 60 -1.82 3.86 -7.37
N PRO A 61 -2.89 4.67 -7.51
CA PRO A 61 -4.25 4.27 -7.19
C PRO A 61 -4.79 3.23 -8.16
N VAL A 62 -4.77 1.96 -7.74
CA VAL A 62 -5.27 0.88 -8.58
C VAL A 62 -6.79 0.78 -8.52
N SER A 63 -7.44 1.30 -9.54
CA SER A 63 -8.90 1.27 -9.61
C SER A 63 -9.38 1.13 -11.05
N GLY A 64 -10.51 0.44 -11.22
CA GLY A 64 -11.06 0.25 -12.55
C GLY A 64 -10.88 -1.16 -13.06
N PRO A 65 -11.65 -2.10 -12.50
CA PRO A 65 -11.58 -3.52 -12.88
C PRO A 65 -12.13 -3.76 -14.27
N SER A 66 -13.08 -2.93 -14.69
CA SER A 66 -13.70 -3.06 -16.00
C SER A 66 -12.82 -2.41 -17.07
N SER A 67 -12.55 -3.16 -18.13
CA SER A 67 -11.73 -2.66 -19.23
C SER A 67 -12.52 -1.71 -20.12
N GLY A 68 -13.42 -2.28 -20.92
CA GLY A 68 -14.23 -1.48 -21.81
C GLY A 68 -15.00 -2.31 -22.81
N GLY A 1 -13.45 -17.50 3.59
CA GLY A 1 -12.74 -16.25 3.79
C GLY A 1 -13.61 -15.04 3.48
N SER A 2 -13.03 -13.86 3.61
CA SER A 2 -13.76 -12.62 3.36
C SER A 2 -13.08 -11.81 2.26
N SER A 3 -13.28 -12.23 1.01
CA SER A 3 -12.68 -11.55 -0.12
C SER A 3 -13.40 -10.22 -0.40
N GLY A 4 -12.83 -9.14 0.11
CA GLY A 4 -13.43 -7.83 -0.09
C GLY A 4 -12.39 -6.73 -0.22
N SER A 5 -12.82 -5.48 -0.06
CA SER A 5 -11.93 -4.34 -0.17
C SER A 5 -11.71 -3.69 1.19
N SER A 6 -10.80 -4.24 1.97
CA SER A 6 -10.50 -3.72 3.30
C SER A 6 -9.84 -2.34 3.20
N GLY A 7 -9.12 -2.11 2.11
CA GLY A 7 -8.44 -0.84 1.92
C GLY A 7 -8.42 -0.41 0.46
N GLU A 8 -7.62 0.60 0.15
CA GLU A 8 -7.51 1.10 -1.20
C GLU A 8 -6.36 0.43 -1.95
N ALA A 9 -6.70 -0.28 -3.03
CA ALA A 9 -5.70 -0.97 -3.84
C ALA A 9 -4.83 0.02 -4.60
N HIS A 10 -3.51 -0.21 -4.57
CA HIS A 10 -2.58 0.65 -5.26
C HIS A 10 -1.48 -0.17 -5.96
N ARG A 11 -1.05 0.31 -7.11
CA ARG A 11 -0.01 -0.37 -7.88
C ARG A 11 1.38 0.09 -7.44
N VAL A 12 2.17 -0.84 -6.90
CA VAL A 12 3.52 -0.54 -6.45
C VAL A 12 4.44 -0.25 -7.62
N LEU A 13 5.34 0.72 -7.44
CA LEU A 13 6.28 1.09 -8.49
C LEU A 13 7.72 0.92 -8.02
N PHE A 14 8.61 0.60 -8.94
CA PHE A 14 10.02 0.42 -8.62
C PHE A 14 10.57 1.63 -7.87
N GLY A 15 11.37 1.37 -6.83
CA GLY A 15 11.95 2.45 -6.05
C GLY A 15 12.60 1.95 -4.78
N PHE A 16 12.09 2.40 -3.64
CA PHE A 16 12.63 2.01 -2.34
C PHE A 16 11.99 0.71 -1.87
N VAL A 17 12.80 -0.16 -1.27
CA VAL A 17 12.32 -1.44 -0.77
C VAL A 17 12.33 -1.47 0.76
N PRO A 18 11.23 -1.01 1.38
CA PRO A 18 11.09 -0.97 2.83
C PRO A 18 10.96 -2.37 3.44
N GLU A 19 12.09 -2.96 3.81
CA GLU A 19 12.10 -4.28 4.40
C GLU A 19 12.51 -4.23 5.87
N THR A 20 11.53 -4.21 6.76
CA THR A 20 11.79 -4.15 8.19
C THR A 20 10.60 -4.64 8.99
N LYS A 21 10.74 -4.70 10.31
CA LYS A 21 9.67 -5.14 11.18
C LYS A 21 8.38 -4.36 10.91
N GLU A 22 8.44 -3.05 11.16
CA GLU A 22 7.28 -2.20 10.95
C GLU A 22 7.00 -2.02 9.46
N GLU A 23 7.85 -1.24 8.79
CA GLU A 23 7.69 -0.99 7.37
C GLU A 23 7.72 -2.30 6.58
N LEU A 24 6.63 -2.58 5.88
CA LEU A 24 6.51 -3.79 5.08
C LEU A 24 6.98 -3.55 3.64
N GLN A 25 7.62 -4.55 3.07
CA GLN A 25 8.12 -4.44 1.69
C GLN A 25 7.07 -4.92 0.70
N VAL A 26 7.27 -4.59 -0.57
CA VAL A 26 6.34 -4.98 -1.62
C VAL A 26 7.07 -5.19 -2.95
N MET A 27 6.40 -5.87 -3.87
CA MET A 27 6.99 -6.14 -5.19
C MET A 27 6.45 -5.17 -6.23
N PRO A 28 7.20 -5.01 -7.34
CA PRO A 28 6.82 -4.12 -8.42
C PRO A 28 5.61 -4.62 -9.20
N GLY A 29 4.54 -3.82 -9.21
CA GLY A 29 3.34 -4.21 -9.92
C GLY A 29 2.41 -5.06 -9.07
N ASN A 30 2.47 -4.86 -7.75
CA ASN A 30 1.63 -5.62 -6.83
C ASN A 30 0.45 -4.78 -6.36
N ILE A 31 -0.44 -5.41 -5.59
CA ILE A 31 -1.62 -4.71 -5.07
C ILE A 31 -1.67 -4.79 -3.55
N VAL A 32 -1.81 -3.64 -2.91
CA VAL A 32 -1.88 -3.57 -1.45
C VAL A 32 -3.03 -2.69 -0.99
N PHE A 33 -3.75 -3.14 0.03
CA PHE A 33 -4.89 -2.40 0.56
C PHE A 33 -4.42 -1.37 1.59
N VAL A 34 -4.63 -0.09 1.28
CA VAL A 34 -4.23 0.98 2.18
C VAL A 34 -5.23 1.14 3.31
N LEU A 35 -4.73 1.22 4.54
CA LEU A 35 -5.58 1.38 5.71
C LEU A 35 -5.64 2.84 6.15
N LYS A 36 -4.48 3.48 6.24
CA LYS A 36 -4.40 4.87 6.65
C LYS A 36 -3.37 5.63 5.81
N LYS A 37 -3.35 6.94 5.93
CA LYS A 37 -2.41 7.78 5.20
C LYS A 37 -1.93 8.95 6.05
N GLY A 38 -0.67 9.33 5.87
CA GLY A 38 -0.10 10.43 6.64
C GLY A 38 0.70 11.37 5.77
N ASN A 39 1.04 12.54 6.32
CA ASN A 39 1.80 13.53 5.60
C ASN A 39 3.29 13.46 5.97
N ASP A 40 3.73 12.26 6.34
CA ASP A 40 5.12 12.05 6.72
C ASP A 40 5.77 10.98 5.84
N ASN A 41 5.26 10.85 4.61
CA ASN A 41 5.80 9.88 3.67
C ASN A 41 5.69 8.46 4.24
N TRP A 42 4.64 8.22 5.01
CA TRP A 42 4.43 6.91 5.62
C TRP A 42 2.95 6.56 5.63
N ALA A 43 2.57 5.57 4.82
CA ALA A 43 1.18 5.12 4.74
C ALA A 43 1.05 3.67 5.18
N THR A 44 -0.08 3.36 5.83
CA THR A 44 -0.33 2.00 6.30
C THR A 44 -0.96 1.15 5.20
N VAL A 45 -0.35 0.00 4.93
CA VAL A 45 -0.85 -0.91 3.90
C VAL A 45 -1.00 -2.32 4.45
N MET A 46 -1.47 -3.24 3.60
CA MET A 46 -1.66 -4.62 4.01
C MET A 46 -1.30 -5.57 2.87
N PHE A 47 -0.43 -6.54 3.17
CA PHE A 47 0.00 -7.51 2.17
C PHE A 47 -0.08 -8.93 2.72
N ASN A 48 -1.06 -9.69 2.26
CA ASN A 48 -1.24 -11.07 2.71
C ASN A 48 -1.39 -11.13 4.22
N GLY A 49 -1.92 -10.06 4.81
CA GLY A 49 -2.10 -10.01 6.25
C GLY A 49 -0.87 -9.50 6.97
N GLN A 50 -0.36 -8.36 6.52
CA GLN A 50 0.83 -7.76 7.13
C GLN A 50 0.77 -6.25 7.05
N LYS A 51 0.70 -5.60 8.21
CA LYS A 51 0.63 -4.15 8.27
C LYS A 51 2.04 -3.55 8.34
N GLY A 52 2.28 -2.50 7.56
CA GLY A 52 3.57 -1.86 7.55
C GLY A 52 3.54 -0.50 6.90
N LEU A 53 4.44 0.39 7.32
CA LEU A 53 4.51 1.73 6.76
C LEU A 53 5.31 1.75 5.46
N VAL A 54 4.89 2.58 4.52
CA VAL A 54 5.57 2.70 3.24
C VAL A 54 5.36 4.07 2.62
N PRO A 55 6.29 4.48 1.74
CA PRO A 55 6.22 5.77 1.06
C PRO A 55 5.09 5.84 0.04
N CYS A 56 4.17 6.78 0.24
CA CYS A 56 3.04 6.95 -0.65
C CYS A 56 3.50 7.44 -2.02
N ASN A 57 4.61 8.17 -2.04
CA ASN A 57 5.16 8.71 -3.28
C ASN A 57 5.40 7.59 -4.29
N TYR A 58 5.73 6.41 -3.79
CA TYR A 58 6.00 5.25 -4.64
C TYR A 58 4.76 4.37 -4.77
N LEU A 59 3.61 5.00 -4.99
CA LEU A 59 2.35 4.28 -5.13
C LEU A 59 1.44 4.97 -6.14
N GLU A 60 0.78 4.16 -6.97
CA GLU A 60 -0.13 4.69 -7.98
C GLU A 60 -1.54 4.14 -7.78
N PRO A 61 -2.54 5.04 -7.92
CA PRO A 61 -3.95 4.67 -7.76
C PRO A 61 -4.45 3.78 -8.90
N VAL A 62 -4.61 2.49 -8.61
CA VAL A 62 -5.08 1.54 -9.61
C VAL A 62 -6.47 1.92 -10.12
N SER A 63 -7.28 2.49 -9.23
CA SER A 63 -8.63 2.90 -9.60
C SER A 63 -8.61 3.81 -10.82
N GLY A 64 -9.63 3.67 -11.67
CA GLY A 64 -9.71 4.48 -12.87
C GLY A 64 -9.48 3.67 -14.13
N PRO A 65 -9.72 4.31 -15.30
CA PRO A 65 -9.54 3.66 -16.60
C PRO A 65 -8.08 3.38 -16.92
N SER A 66 -7.84 2.59 -17.96
CA SER A 66 -6.48 2.25 -18.37
C SER A 66 -5.69 3.50 -18.73
N SER A 67 -6.00 4.08 -19.88
CA SER A 67 -5.31 5.27 -20.34
C SER A 67 -6.15 6.03 -21.36
N GLY A 68 -5.81 7.30 -21.59
CA GLY A 68 -6.54 8.10 -22.56
C GLY A 68 -6.95 9.45 -21.99
N GLY A 1 -14.66 -10.68 0.46
CA GLY A 1 -13.38 -10.06 0.14
C GLY A 1 -13.09 -8.86 1.02
N SER A 2 -13.92 -7.84 0.92
CA SER A 2 -13.74 -6.62 1.70
C SER A 2 -15.04 -6.22 2.39
N SER A 3 -15.27 -6.75 3.58
CA SER A 3 -16.47 -6.45 4.34
C SER A 3 -16.16 -5.53 5.52
N GLY A 4 -16.93 -4.46 5.64
CA GLY A 4 -16.72 -3.53 6.73
C GLY A 4 -15.83 -2.36 6.34
N SER A 5 -14.55 -2.66 6.07
CA SER A 5 -13.60 -1.64 5.67
C SER A 5 -13.32 -1.70 4.18
N SER A 6 -13.11 -0.54 3.58
CA SER A 6 -12.83 -0.46 2.15
C SER A 6 -11.40 0.02 1.90
N GLY A 7 -10.47 -0.93 1.82
CA GLY A 7 -9.08 -0.59 1.59
C GLY A 7 -8.82 -0.16 0.16
N GLU A 8 -8.18 0.99 0.00
CA GLU A 8 -7.87 1.51 -1.32
C GLU A 8 -6.69 0.76 -1.95
N ALA A 9 -6.95 0.09 -3.06
CA ALA A 9 -5.91 -0.65 -3.76
C ALA A 9 -4.92 0.28 -4.45
N HIS A 10 -3.63 -0.01 -4.27
CA HIS A 10 -2.59 0.81 -4.89
C HIS A 10 -1.50 -0.07 -5.50
N ARG A 11 -0.96 0.38 -6.63
CA ARG A 11 0.09 -0.37 -7.31
C ARG A 11 1.47 0.01 -6.79
N VAL A 12 2.20 -0.99 -6.27
CA VAL A 12 3.53 -0.75 -5.73
C VAL A 12 4.51 -0.40 -6.84
N LEU A 13 4.87 0.89 -6.92
CA LEU A 13 5.80 1.35 -7.93
C LEU A 13 7.23 1.00 -7.56
N PHE A 14 8.05 0.71 -8.57
CA PHE A 14 9.44 0.36 -8.34
C PHE A 14 10.28 1.59 -8.02
N GLY A 15 11.48 1.37 -7.50
CA GLY A 15 12.36 2.48 -7.15
C GLY A 15 12.97 2.32 -5.78
N PHE A 16 12.14 2.41 -4.74
CA PHE A 16 12.61 2.29 -3.37
C PHE A 16 12.32 0.89 -2.83
N VAL A 17 13.26 0.35 -2.06
CA VAL A 17 13.11 -0.98 -1.48
C VAL A 17 12.94 -0.90 0.04
N PRO A 18 11.69 -0.74 0.49
CA PRO A 18 11.37 -0.65 1.92
C PRO A 18 11.56 -1.97 2.64
N GLU A 19 12.81 -2.26 3.00
CA GLU A 19 13.13 -3.51 3.70
C GLU A 19 13.59 -3.21 5.12
N THR A 20 12.65 -3.26 6.06
CA THR A 20 12.95 -3.00 7.46
C THR A 20 11.92 -3.65 8.38
N LYS A 21 12.31 -3.91 9.61
CA LYS A 21 11.42 -4.52 10.59
C LYS A 21 10.11 -3.73 10.70
N GLU A 22 10.19 -2.42 10.47
CA GLU A 22 9.02 -1.56 10.55
C GLU A 22 8.22 -1.62 9.24
N GLU A 23 8.84 -1.18 8.15
CA GLU A 23 8.19 -1.17 6.86
C GLU A 23 7.79 -2.59 6.44
N LEU A 24 7.00 -2.68 5.38
CA LEU A 24 6.55 -3.98 4.87
C LEU A 24 7.26 -4.34 3.57
N GLN A 25 7.80 -5.55 3.52
CA GLN A 25 8.51 -6.02 2.34
C GLN A 25 7.55 -6.22 1.17
N VAL A 26 7.38 -5.17 0.37
CA VAL A 26 6.48 -5.23 -0.78
C VAL A 26 7.26 -5.28 -2.09
N MET A 27 6.81 -6.14 -3.00
CA MET A 27 7.47 -6.28 -4.29
C MET A 27 6.86 -5.35 -5.33
N PRO A 28 7.62 -5.06 -6.39
CA PRO A 28 7.17 -4.18 -7.48
C PRO A 28 6.06 -4.81 -8.32
N GLY A 29 4.96 -4.07 -8.48
CA GLY A 29 3.85 -4.58 -9.26
C GLY A 29 2.74 -5.15 -8.40
N ASN A 30 3.13 -5.81 -7.30
CA ASN A 30 2.16 -6.40 -6.40
C ASN A 30 1.11 -5.39 -5.97
N ILE A 31 -0.04 -5.88 -5.52
CA ILE A 31 -1.13 -5.01 -5.08
C ILE A 31 -1.22 -4.97 -3.57
N VAL A 32 -1.51 -3.80 -3.02
CA VAL A 32 -1.63 -3.62 -1.58
C VAL A 32 -2.89 -2.84 -1.22
N PHE A 33 -3.28 -2.91 0.04
CA PHE A 33 -4.47 -2.21 0.52
C PHE A 33 -4.11 -1.15 1.54
N VAL A 34 -4.31 0.12 1.18
CA VAL A 34 -4.01 1.22 2.07
C VAL A 34 -5.09 1.39 3.13
N LEU A 35 -4.70 1.21 4.40
CA LEU A 35 -5.63 1.35 5.51
C LEU A 35 -5.78 2.81 5.93
N LYS A 36 -4.65 3.46 6.20
CA LYS A 36 -4.65 4.86 6.61
C LYS A 36 -3.45 5.59 6.02
N LYS A 37 -3.72 6.70 5.34
CA LYS A 37 -2.67 7.51 4.73
C LYS A 37 -2.09 8.50 5.73
N GLY A 38 -0.90 8.21 6.23
CA GLY A 38 -0.26 9.11 7.19
C GLY A 38 0.63 10.13 6.52
N ASN A 39 1.05 11.14 7.29
CA ASN A 39 1.91 12.19 6.76
C ASN A 39 3.36 11.74 6.73
N ASP A 40 4.25 12.66 6.37
CA ASP A 40 5.68 12.36 6.30
C ASP A 40 5.96 11.29 5.26
N ASN A 41 5.09 11.21 4.26
CA ASN A 41 5.24 10.23 3.19
C ASN A 41 5.15 8.80 3.74
N TRP A 42 4.27 8.61 4.72
CA TRP A 42 4.09 7.30 5.33
C TRP A 42 2.64 6.85 5.23
N ALA A 43 2.41 5.74 4.53
CA ALA A 43 1.07 5.20 4.36
C ALA A 43 1.00 3.74 4.80
N THR A 44 -0.02 3.41 5.58
CA THR A 44 -0.20 2.05 6.07
C THR A 44 -0.86 1.17 5.01
N VAL A 45 -0.20 0.07 4.67
CA VAL A 45 -0.71 -0.86 3.68
C VAL A 45 -0.93 -2.25 4.27
N MET A 46 -1.47 -3.15 3.47
CA MET A 46 -1.73 -4.52 3.92
C MET A 46 -1.25 -5.52 2.88
N PHE A 47 -0.49 -6.52 3.34
CA PHE A 47 0.02 -7.56 2.45
C PHE A 47 0.19 -8.87 3.20
N ASN A 48 -0.46 -9.92 2.70
CA ASN A 48 -0.38 -11.24 3.32
C ASN A 48 -0.82 -11.18 4.77
N GLY A 49 -1.76 -10.28 5.07
CA GLY A 49 -2.23 -10.15 6.43
C GLY A 49 -1.22 -9.49 7.35
N GLN A 50 -0.32 -8.70 6.76
CA GLN A 50 0.72 -8.02 7.53
C GLN A 50 0.65 -6.52 7.31
N LYS A 51 0.68 -5.76 8.41
CA LYS A 51 0.62 -4.31 8.35
C LYS A 51 2.02 -3.71 8.38
N GLY A 52 2.19 -2.59 7.68
CA GLY A 52 3.49 -1.93 7.66
C GLY A 52 3.40 -0.51 7.14
N LEU A 53 4.53 0.03 6.70
CA LEU A 53 4.58 1.40 6.20
C LEU A 53 5.35 1.46 4.88
N VAL A 54 4.96 2.39 4.02
CA VAL A 54 5.61 2.56 2.72
C VAL A 54 5.46 3.99 2.21
N PRO A 55 6.38 4.40 1.33
CA PRO A 55 6.37 5.75 0.76
C PRO A 55 5.22 5.94 -0.22
N CYS A 56 4.26 6.78 0.16
CA CYS A 56 3.10 7.05 -0.68
C CYS A 56 3.53 7.57 -2.04
N ASN A 57 4.68 8.25 -2.08
CA ASN A 57 5.21 8.81 -3.32
C ASN A 57 5.46 7.69 -4.34
N TYR A 58 5.75 6.50 -3.84
CA TYR A 58 6.02 5.36 -4.71
C TYR A 58 4.80 4.46 -4.83
N LEU A 59 3.62 5.08 -4.90
CA LEU A 59 2.37 4.33 -5.01
C LEU A 59 1.44 4.99 -6.02
N GLU A 60 0.60 4.18 -6.65
CA GLU A 60 -0.34 4.69 -7.65
C GLU A 60 -1.75 4.16 -7.38
N PRO A 61 -2.74 5.05 -7.51
CA PRO A 61 -4.15 4.70 -7.28
C PRO A 61 -4.70 3.78 -8.35
N VAL A 62 -4.92 2.52 -8.00
CA VAL A 62 -5.45 1.53 -8.94
C VAL A 62 -6.97 1.58 -8.98
N SER A 63 -7.51 2.43 -9.84
CA SER A 63 -8.95 2.57 -9.98
C SER A 63 -9.49 1.63 -11.05
N GLY A 64 -9.41 0.32 -10.79
CA GLY A 64 -9.88 -0.66 -11.75
C GLY A 64 -11.37 -0.53 -12.01
N PRO A 65 -12.18 -0.91 -11.01
CA PRO A 65 -13.65 -0.85 -11.11
C PRO A 65 -14.17 0.59 -11.12
N SER A 66 -15.24 0.81 -11.88
CA SER A 66 -15.83 2.14 -11.98
C SER A 66 -16.72 2.42 -10.78
N SER A 67 -16.17 3.11 -9.79
CA SER A 67 -16.92 3.45 -8.58
C SER A 67 -18.03 4.45 -8.89
N GLY A 68 -19.25 4.09 -8.52
CA GLY A 68 -20.38 4.97 -8.77
C GLY A 68 -20.67 5.16 -10.25
N GLY A 1 -18.27 -2.66 7.37
CA GLY A 1 -19.40 -3.30 8.01
C GLY A 1 -19.88 -4.53 7.27
N SER A 2 -20.67 -5.36 7.94
CA SER A 2 -21.19 -6.59 7.33
C SER A 2 -20.06 -7.42 6.74
N SER A 3 -18.87 -7.32 7.35
CA SER A 3 -17.71 -8.06 6.89
C SER A 3 -17.45 -7.79 5.40
N GLY A 4 -17.77 -6.58 4.96
CA GLY A 4 -17.56 -6.22 3.57
C GLY A 4 -16.12 -5.92 3.26
N SER A 5 -15.87 -5.36 2.07
CA SER A 5 -14.51 -5.03 1.65
C SER A 5 -14.16 -3.60 2.02
N SER A 6 -12.86 -3.30 2.04
CA SER A 6 -12.40 -1.97 2.39
C SER A 6 -10.90 -1.83 2.13
N GLY A 7 -10.44 -0.60 2.01
CA GLY A 7 -9.02 -0.35 1.76
C GLY A 7 -8.74 -0.02 0.30
N GLU A 8 -8.11 1.12 0.07
CA GLU A 8 -7.79 1.55 -1.29
C GLU A 8 -6.53 0.86 -1.79
N ALA A 9 -6.69 -0.03 -2.76
CA ALA A 9 -5.57 -0.76 -3.33
C ALA A 9 -4.72 0.15 -4.21
N HIS A 10 -3.41 0.06 -4.05
CA HIS A 10 -2.47 0.86 -4.83
C HIS A 10 -1.39 0.00 -5.46
N ARG A 11 -1.02 0.34 -6.69
CA ARG A 11 0.01 -0.41 -7.40
C ARG A 11 1.39 0.16 -7.14
N VAL A 12 2.36 -0.71 -6.92
CA VAL A 12 3.73 -0.28 -6.65
C VAL A 12 4.57 -0.32 -7.92
N LEU A 13 4.93 0.87 -8.42
CA LEU A 13 5.74 0.98 -9.63
C LEU A 13 7.22 0.85 -9.31
N PHE A 14 7.74 1.82 -8.55
CA PHE A 14 9.15 1.80 -8.17
C PHE A 14 9.47 2.98 -7.26
N GLY A 15 10.74 3.10 -6.87
CA GLY A 15 11.16 4.19 -6.01
C GLY A 15 12.02 3.71 -4.85
N PHE A 16 11.45 3.72 -3.64
CA PHE A 16 12.18 3.28 -2.46
C PHE A 16 11.76 1.87 -2.06
N VAL A 17 12.72 1.12 -1.51
CA VAL A 17 12.45 -0.26 -1.09
C VAL A 17 12.46 -0.37 0.43
N PRO A 18 11.28 -0.14 1.03
CA PRO A 18 11.11 -0.22 2.49
C PRO A 18 11.22 -1.64 3.02
N GLU A 19 12.45 -2.13 3.14
CA GLU A 19 12.69 -3.48 3.63
C GLU A 19 13.24 -3.46 5.05
N THR A 20 12.35 -3.57 6.04
CA THR A 20 12.75 -3.56 7.43
C THR A 20 11.68 -4.20 8.32
N LYS A 21 11.95 -4.25 9.62
CA LYS A 21 11.02 -4.84 10.57
C LYS A 21 9.67 -4.12 10.53
N GLU A 22 9.64 -2.90 11.05
CA GLU A 22 8.42 -2.10 11.07
C GLU A 22 7.84 -1.95 9.66
N GLU A 23 8.58 -1.27 8.80
CA GLU A 23 8.15 -1.05 7.43
C GLU A 23 7.83 -2.37 6.74
N LEU A 24 7.29 -2.29 5.53
CA LEU A 24 6.95 -3.48 4.77
C LEU A 24 7.33 -3.33 3.30
N GLN A 25 8.21 -4.21 2.82
CA GLN A 25 8.66 -4.17 1.44
C GLN A 25 7.59 -4.74 0.51
N VAL A 26 7.77 -4.51 -0.79
CA VAL A 26 6.83 -5.00 -1.80
C VAL A 26 7.52 -5.27 -3.13
N MET A 27 6.77 -5.80 -4.07
CA MET A 27 7.32 -6.11 -5.40
C MET A 27 6.69 -5.22 -6.46
N PRO A 28 7.40 -5.08 -7.60
CA PRO A 28 6.93 -4.25 -8.72
C PRO A 28 5.72 -4.85 -9.42
N GLY A 29 4.56 -4.25 -9.21
CA GLY A 29 3.34 -4.74 -9.82
C GLY A 29 2.47 -5.52 -8.85
N ASN A 30 2.63 -5.24 -7.56
CA ASN A 30 1.85 -5.92 -6.54
C ASN A 30 0.66 -5.06 -6.11
N ILE A 31 -0.32 -5.71 -5.48
CA ILE A 31 -1.52 -5.01 -5.02
C ILE A 31 -1.57 -4.96 -3.50
N VAL A 32 -1.49 -3.75 -2.94
CA VAL A 32 -1.53 -3.55 -1.50
C VAL A 32 -2.67 -2.63 -1.11
N PHE A 33 -3.46 -3.05 -0.12
CA PHE A 33 -4.59 -2.27 0.34
C PHE A 33 -4.14 -1.21 1.35
N VAL A 34 -4.45 0.04 1.07
CA VAL A 34 -4.07 1.14 1.96
C VAL A 34 -5.11 1.35 3.05
N LEU A 35 -4.65 1.38 4.29
CA LEU A 35 -5.55 1.57 5.44
C LEU A 35 -5.71 3.05 5.75
N LYS A 36 -4.61 3.69 6.14
CA LYS A 36 -4.64 5.11 6.47
C LYS A 36 -3.46 5.84 5.83
N LYS A 37 -3.73 7.00 5.25
CA LYS A 37 -2.70 7.80 4.60
C LYS A 37 -2.09 8.80 5.58
N GLY A 38 -0.87 8.52 6.03
CA GLY A 38 -0.20 9.39 6.97
C GLY A 38 0.00 10.79 6.41
N ASN A 39 0.48 11.70 7.25
CA ASN A 39 0.73 13.07 6.83
C ASN A 39 2.16 13.25 6.35
N ASP A 40 3.07 12.46 6.91
CA ASP A 40 4.48 12.54 6.54
C ASP A 40 4.83 11.47 5.51
N ASN A 41 3.97 11.34 4.49
CA ASN A 41 4.19 10.35 3.44
C ASN A 41 4.39 8.96 4.03
N TRP A 42 3.55 8.60 4.98
CA TRP A 42 3.64 7.29 5.63
C TRP A 42 2.27 6.61 5.66
N ALA A 43 1.99 5.82 4.64
CA ALA A 43 0.72 5.10 4.56
C ALA A 43 0.88 3.64 4.98
N THR A 44 -0.07 3.15 5.78
CA THR A 44 -0.03 1.78 6.24
C THR A 44 -0.81 0.86 5.31
N VAL A 45 -0.12 -0.10 4.70
CA VAL A 45 -0.75 -1.03 3.79
C VAL A 45 -0.84 -2.42 4.41
N MET A 46 -1.60 -3.31 3.77
CA MET A 46 -1.78 -4.67 4.27
C MET A 46 -1.34 -5.68 3.21
N PHE A 47 -0.39 -6.54 3.57
CA PHE A 47 0.10 -7.57 2.67
C PHE A 47 0.26 -8.90 3.37
N ASN A 48 -0.37 -9.94 2.84
CA ASN A 48 -0.31 -11.27 3.42
C ASN A 48 -0.85 -11.26 4.85
N GLY A 49 -1.91 -10.48 5.07
CA GLY A 49 -2.51 -10.40 6.39
C GLY A 49 -1.59 -9.77 7.41
N GLN A 50 -0.70 -8.90 6.95
CA GLN A 50 0.25 -8.23 7.83
C GLN A 50 0.09 -6.71 7.72
N LYS A 51 0.83 -5.99 8.57
CA LYS A 51 0.78 -4.54 8.58
C LYS A 51 2.17 -3.94 8.54
N GLY A 52 2.32 -2.83 7.83
CA GLY A 52 3.62 -2.18 7.73
C GLY A 52 3.50 -0.71 7.37
N LEU A 53 4.61 -0.13 6.90
CA LEU A 53 4.63 1.27 6.52
C LEU A 53 5.34 1.47 5.18
N VAL A 54 4.80 2.34 4.35
CA VAL A 54 5.38 2.63 3.04
C VAL A 54 5.05 4.03 2.59
N PRO A 55 5.89 4.58 1.70
CA PRO A 55 5.71 5.94 1.16
C PRO A 55 4.51 6.02 0.22
N CYS A 56 3.92 7.23 0.14
CA CYS A 56 2.77 7.45 -0.71
C CYS A 56 3.19 7.96 -2.09
N ASN A 57 4.25 8.76 -2.10
CA ASN A 57 4.76 9.33 -3.35
C ASN A 57 5.14 8.21 -4.33
N TYR A 58 5.47 7.05 -3.80
CA TYR A 58 5.85 5.91 -4.63
C TYR A 58 4.70 4.90 -4.73
N LEU A 59 3.53 5.39 -5.11
CA LEU A 59 2.35 4.54 -5.24
C LEU A 59 1.38 5.11 -6.27
N GLU A 60 0.65 4.23 -6.93
CA GLU A 60 -0.32 4.66 -7.94
C GLU A 60 -1.71 4.12 -7.61
N PRO A 61 -2.73 4.97 -7.77
CA PRO A 61 -4.13 4.61 -7.51
C PRO A 61 -4.67 3.61 -8.52
N VAL A 62 -5.02 2.42 -8.04
CA VAL A 62 -5.56 1.38 -8.91
C VAL A 62 -7.06 1.52 -9.09
N SER A 63 -7.47 2.17 -10.18
CA SER A 63 -8.88 2.38 -10.46
C SER A 63 -9.54 3.21 -9.35
N GLY A 64 -8.74 4.02 -8.66
CA GLY A 64 -9.27 4.84 -7.59
C GLY A 64 -9.45 6.28 -7.99
N PRO A 65 -10.11 7.07 -7.13
CA PRO A 65 -10.37 8.48 -7.38
C PRO A 65 -9.10 9.33 -7.33
N SER A 66 -8.57 9.67 -8.50
CA SER A 66 -7.36 10.47 -8.59
C SER A 66 -7.34 11.30 -9.87
N SER A 67 -6.32 12.13 -10.01
CA SER A 67 -6.18 12.97 -11.19
C SER A 67 -4.76 13.53 -11.31
N GLY A 68 -4.40 13.96 -12.52
CA GLY A 68 -3.07 14.50 -12.72
C GLY A 68 -2.84 14.93 -14.16
N GLY A 1 -3.65 -9.00 14.52
CA GLY A 1 -3.72 -7.57 14.78
C GLY A 1 -5.05 -6.98 14.38
N SER A 2 -5.33 -6.97 13.08
CA SER A 2 -6.58 -6.41 12.58
C SER A 2 -7.22 -7.36 11.57
N SER A 3 -8.54 -7.54 11.68
CA SER A 3 -9.28 -8.41 10.78
C SER A 3 -9.93 -7.61 9.66
N GLY A 4 -9.59 -7.97 8.42
CA GLY A 4 -10.14 -7.28 7.27
C GLY A 4 -9.23 -6.18 6.76
N SER A 5 -9.52 -5.69 5.55
CA SER A 5 -8.72 -4.63 4.95
C SER A 5 -9.61 -3.51 4.43
N SER A 6 -10.29 -3.76 3.32
CA SER A 6 -11.17 -2.77 2.72
C SER A 6 -10.44 -1.44 2.52
N GLY A 7 -9.16 -1.52 2.15
CA GLY A 7 -8.38 -0.32 1.95
C GLY A 7 -8.20 0.01 0.48
N GLU A 8 -7.52 1.11 0.19
CA GLU A 8 -7.29 1.54 -1.18
C GLU A 8 -6.18 0.72 -1.83
N ALA A 9 -6.54 -0.06 -2.85
CA ALA A 9 -5.58 -0.89 -3.55
C ALA A 9 -4.60 -0.04 -4.35
N HIS A 10 -3.33 -0.12 -3.98
CA HIS A 10 -2.29 0.65 -4.67
C HIS A 10 -1.26 -0.29 -5.32
N ARG A 11 -0.58 0.22 -6.34
CA ARG A 11 0.42 -0.57 -7.04
C ARG A 11 1.82 0.03 -6.86
N VAL A 12 2.78 -0.81 -6.54
CA VAL A 12 4.16 -0.36 -6.34
C VAL A 12 4.77 0.14 -7.64
N LEU A 13 5.61 1.17 -7.54
CA LEU A 13 6.26 1.75 -8.71
C LEU A 13 7.75 1.92 -8.46
N PHE A 14 8.51 2.09 -9.54
CA PHE A 14 9.96 2.27 -9.46
C PHE A 14 10.60 1.09 -8.74
N GLY A 15 9.93 -0.05 -8.76
CA GLY A 15 10.46 -1.25 -8.11
C GLY A 15 10.86 -0.99 -6.67
N PHE A 16 9.91 -0.48 -5.87
CA PHE A 16 10.17 -0.19 -4.47
C PHE A 16 10.16 -1.47 -3.64
N VAL A 17 11.31 -1.79 -3.06
CA VAL A 17 11.44 -2.99 -2.24
C VAL A 17 11.60 -2.63 -0.76
N PRO A 18 10.45 -2.48 -0.06
CA PRO A 18 10.43 -2.14 1.36
C PRO A 18 10.94 -3.28 2.24
N GLU A 19 12.20 -3.20 2.65
CA GLU A 19 12.80 -4.22 3.50
C GLU A 19 13.10 -3.67 4.89
N THR A 20 12.18 -3.85 5.82
CA THR A 20 12.34 -3.37 7.18
C THR A 20 11.27 -3.96 8.11
N LYS A 21 11.41 -3.68 9.40
CA LYS A 21 10.46 -4.18 10.38
C LYS A 21 9.18 -3.36 10.36
N GLU A 22 9.31 -2.06 10.11
CA GLU A 22 8.16 -1.16 10.06
C GLU A 22 7.36 -1.37 8.78
N GLU A 23 8.05 -1.27 7.64
CA GLU A 23 7.41 -1.44 6.34
C GLU A 23 7.02 -2.90 6.11
N LEU A 24 6.31 -3.16 5.03
CA LEU A 24 5.88 -4.51 4.69
C LEU A 24 6.45 -4.96 3.35
N GLN A 25 7.23 -6.03 3.38
CA GLN A 25 7.85 -6.55 2.18
C GLN A 25 6.80 -6.80 1.09
N VAL A 26 7.13 -6.45 -0.14
CA VAL A 26 6.22 -6.62 -1.27
C VAL A 26 6.98 -6.91 -2.56
N MET A 27 6.25 -7.11 -3.64
CA MET A 27 6.85 -7.39 -4.94
C MET A 27 6.58 -6.26 -5.92
N PRO A 28 7.42 -6.16 -6.96
CA PRO A 28 7.29 -5.12 -7.99
C PRO A 28 6.06 -5.33 -8.87
N GLY A 29 5.10 -4.41 -8.76
CA GLY A 29 3.88 -4.50 -9.55
C GLY A 29 2.77 -5.24 -8.83
N ASN A 30 2.89 -5.32 -7.50
CA ASN A 30 1.89 -5.99 -6.69
C ASN A 30 0.80 -5.03 -6.24
N ILE A 31 -0.20 -5.54 -5.54
CA ILE A 31 -1.30 -4.72 -5.05
C ILE A 31 -1.41 -4.79 -3.54
N VAL A 32 -1.62 -3.63 -2.91
CA VAL A 32 -1.74 -3.57 -1.46
C VAL A 32 -2.88 -2.63 -1.05
N PHE A 33 -3.64 -3.05 -0.05
CA PHE A 33 -4.77 -2.26 0.44
C PHE A 33 -4.32 -1.26 1.49
N VAL A 34 -4.45 0.03 1.17
CA VAL A 34 -4.06 1.09 2.09
C VAL A 34 -5.12 1.32 3.14
N LEU A 35 -4.71 1.31 4.41
CA LEU A 35 -5.62 1.53 5.52
C LEU A 35 -5.71 3.01 5.88
N LYS A 36 -4.60 3.56 6.36
CA LYS A 36 -4.55 4.97 6.73
C LYS A 36 -3.37 5.67 6.07
N LYS A 37 -3.54 6.94 5.75
CA LYS A 37 -2.48 7.73 5.12
C LYS A 37 -1.77 8.61 6.14
N GLY A 38 -0.45 8.51 6.18
CA GLY A 38 0.33 9.30 7.12
C GLY A 38 0.61 10.69 6.59
N ASN A 39 1.51 11.40 7.28
CA ASN A 39 1.87 12.76 6.88
C ASN A 39 3.33 12.83 6.47
N ASP A 40 4.15 11.93 7.02
CA ASP A 40 5.57 11.90 6.70
C ASP A 40 5.84 10.97 5.52
N ASN A 41 5.05 11.11 4.47
CA ASN A 41 5.20 10.29 3.27
C ASN A 41 5.23 8.80 3.64
N TRP A 42 4.37 8.42 4.58
CA TRP A 42 4.30 7.01 5.02
C TRP A 42 2.85 6.59 5.22
N ALA A 43 2.36 5.73 4.32
CA ALA A 43 0.99 5.25 4.40
C ALA A 43 0.95 3.79 4.84
N THR A 44 -0.11 3.41 5.54
CA THR A 44 -0.27 2.05 6.02
C THR A 44 -0.98 1.18 4.99
N VAL A 45 -0.50 -0.04 4.80
CA VAL A 45 -1.09 -0.97 3.84
C VAL A 45 -1.28 -2.35 4.46
N MET A 46 -1.81 -3.27 3.66
CA MET A 46 -2.05 -4.64 4.13
C MET A 46 -1.72 -5.65 3.04
N PHE A 47 -1.13 -6.77 3.43
CA PHE A 47 -0.76 -7.82 2.48
C PHE A 47 -0.81 -9.19 3.14
N ASN A 48 -1.87 -9.95 2.85
CA ASN A 48 -2.04 -11.27 3.41
C ASN A 48 -2.18 -11.21 4.93
N GLY A 49 -2.96 -10.24 5.41
CA GLY A 49 -3.16 -10.09 6.84
C GLY A 49 -1.94 -9.53 7.53
N GLN A 50 -1.30 -8.55 6.91
CA GLN A 50 -0.12 -7.91 7.47
C GLN A 50 -0.27 -6.40 7.52
N LYS A 51 0.71 -5.74 8.12
CA LYS A 51 0.68 -4.28 8.23
C LYS A 51 2.09 -3.70 8.10
N GLY A 52 2.20 -2.62 7.33
CA GLY A 52 3.49 -1.98 7.13
C GLY A 52 3.39 -0.65 6.42
N LEU A 53 4.33 0.24 6.70
CA LEU A 53 4.33 1.57 6.07
C LEU A 53 4.86 1.49 4.64
N VAL A 54 4.46 2.47 3.82
CA VAL A 54 4.89 2.51 2.43
C VAL A 54 4.88 3.94 1.90
N PRO A 55 5.70 4.20 0.86
CA PRO A 55 5.78 5.51 0.24
C PRO A 55 4.52 5.90 -0.53
N CYS A 56 4.02 7.10 -0.28
CA CYS A 56 2.81 7.57 -0.95
C CYS A 56 3.14 8.10 -2.35
N ASN A 57 4.38 8.54 -2.54
CA ASN A 57 4.81 9.07 -3.82
C ASN A 57 5.17 7.95 -4.79
N TYR A 58 5.60 6.82 -4.23
CA TYR A 58 5.97 5.66 -5.04
C TYR A 58 4.81 4.67 -5.14
N LEU A 59 3.60 5.18 -5.00
CA LEU A 59 2.40 4.34 -5.07
C LEU A 59 1.38 4.93 -6.03
N GLU A 60 0.63 4.07 -6.71
CA GLU A 60 -0.38 4.50 -7.66
C GLU A 60 -1.75 3.95 -7.28
N PRO A 61 -2.79 4.80 -7.38
CA PRO A 61 -4.16 4.42 -7.05
C PRO A 61 -4.74 3.45 -8.07
N VAL A 62 -4.84 2.18 -7.68
CA VAL A 62 -5.39 1.14 -8.55
C VAL A 62 -6.90 1.11 -8.48
N SER A 63 -7.55 2.00 -9.22
CA SER A 63 -9.00 2.07 -9.24
C SER A 63 -9.51 2.69 -10.54
N GLY A 64 -10.80 2.55 -10.79
CA GLY A 64 -11.38 3.10 -12.01
C GLY A 64 -10.90 2.38 -13.25
N PRO A 65 -11.22 2.95 -14.42
CA PRO A 65 -10.83 2.37 -15.71
C PRO A 65 -9.33 2.48 -15.97
N SER A 66 -8.90 2.11 -17.16
CA SER A 66 -7.50 2.16 -17.53
C SER A 66 -6.65 1.38 -16.53
N SER A 67 -7.05 0.13 -16.27
CA SER A 67 -6.33 -0.72 -15.34
C SER A 67 -5.43 -1.72 -16.07
N GLY A 68 -5.94 -2.22 -17.19
CA GLY A 68 -5.18 -3.18 -17.97
C GLY A 68 -4.73 -2.62 -19.31
N GLY A 1 -5.61 -10.95 15.25
CA GLY A 1 -4.55 -9.98 15.09
C GLY A 1 -4.99 -8.78 14.26
N SER A 2 -5.14 -8.98 12.96
CA SER A 2 -5.55 -7.91 12.07
C SER A 2 -6.57 -8.41 11.04
N SER A 3 -7.53 -7.57 10.70
CA SER A 3 -8.56 -7.93 9.73
C SER A 3 -8.72 -6.86 8.67
N GLY A 4 -8.64 -7.26 7.41
CA GLY A 4 -8.77 -6.31 6.32
C GLY A 4 -10.20 -6.21 5.81
N SER A 5 -10.78 -5.02 5.91
CA SER A 5 -12.15 -4.80 5.46
C SER A 5 -12.17 -4.17 4.07
N SER A 6 -11.67 -2.94 3.98
CA SER A 6 -11.63 -2.22 2.72
C SER A 6 -10.51 -1.18 2.71
N GLY A 7 -9.51 -1.42 1.87
CA GLY A 7 -8.39 -0.50 1.78
C GLY A 7 -8.09 -0.08 0.36
N GLU A 8 -7.65 1.16 0.17
CA GLU A 8 -7.33 1.67 -1.14
C GLU A 8 -6.12 0.95 -1.73
N ALA A 9 -6.39 -0.08 -2.53
CA ALA A 9 -5.32 -0.85 -3.16
C ALA A 9 -4.46 0.03 -4.06
N HIS A 10 -3.15 -0.02 -3.84
CA HIS A 10 -2.21 0.78 -4.63
C HIS A 10 -1.26 -0.12 -5.41
N ARG A 11 -0.72 0.40 -6.50
CA ARG A 11 0.21 -0.35 -7.34
C ARG A 11 1.63 0.14 -7.14
N VAL A 12 2.54 -0.79 -6.83
CA VAL A 12 3.93 -0.46 -6.61
C VAL A 12 4.58 0.05 -7.89
N LEU A 13 5.49 1.00 -7.75
CA LEU A 13 6.19 1.58 -8.90
C LEU A 13 7.70 1.63 -8.65
N PHE A 14 8.47 1.62 -9.73
CA PHE A 14 9.92 1.68 -9.64
C PHE A 14 10.46 0.48 -8.85
N GLY A 15 9.66 -0.57 -8.78
CA GLY A 15 10.06 -1.77 -8.05
C GLY A 15 10.52 -1.46 -6.65
N PHE A 16 9.65 -0.83 -5.85
CA PHE A 16 9.98 -0.48 -4.49
C PHE A 16 9.89 -1.70 -3.58
N VAL A 17 11.03 -2.07 -3.00
CA VAL A 17 11.09 -3.22 -2.10
C VAL A 17 11.36 -2.79 -0.66
N PRO A 18 10.27 -2.49 0.07
CA PRO A 18 10.36 -2.06 1.47
C PRO A 18 10.79 -3.19 2.40
N GLU A 19 12.10 -3.30 2.60
CA GLU A 19 12.65 -4.34 3.47
C GLU A 19 13.05 -3.76 4.82
N THR A 20 12.14 -3.83 5.78
CA THR A 20 12.39 -3.30 7.12
C THR A 20 11.40 -3.87 8.13
N LYS A 21 11.83 -3.98 9.39
CA LYS A 21 10.97 -4.50 10.44
C LYS A 21 9.64 -3.76 10.48
N GLU A 22 9.66 -2.49 10.06
CA GLU A 22 8.45 -1.68 10.05
C GLU A 22 7.68 -1.88 8.75
N GLU A 23 8.21 -1.32 7.67
CA GLU A 23 7.57 -1.44 6.36
C GLU A 23 7.37 -2.91 5.98
N LEU A 24 6.20 -3.23 5.46
CA LEU A 24 5.89 -4.60 5.04
C LEU A 24 6.50 -4.91 3.68
N GLN A 25 7.31 -5.95 3.63
CA GLN A 25 7.95 -6.36 2.39
C GLN A 25 6.92 -6.70 1.32
N VAL A 26 7.23 -6.37 0.08
CA VAL A 26 6.32 -6.65 -1.04
C VAL A 26 7.10 -6.98 -2.30
N MET A 27 6.37 -7.25 -3.38
CA MET A 27 6.98 -7.58 -4.66
C MET A 27 6.81 -6.44 -5.67
N PRO A 28 7.67 -6.42 -6.69
CA PRO A 28 7.64 -5.39 -7.74
C PRO A 28 6.41 -5.52 -8.63
N GLY A 29 5.50 -4.56 -8.55
CA GLY A 29 4.31 -4.59 -9.37
C GLY A 29 3.19 -5.40 -8.73
N ASN A 30 3.06 -5.27 -7.42
CA ASN A 30 2.03 -6.01 -6.68
C ASN A 30 0.95 -5.04 -6.18
N ILE A 31 -0.07 -5.60 -5.53
CA ILE A 31 -1.17 -4.81 -5.00
C ILE A 31 -1.18 -4.84 -3.48
N VAL A 32 -1.48 -3.69 -2.87
CA VAL A 32 -1.52 -3.60 -1.42
C VAL A 32 -2.63 -2.65 -0.97
N PHE A 33 -3.55 -3.16 -0.16
CA PHE A 33 -4.67 -2.36 0.34
C PHE A 33 -4.19 -1.37 1.40
N VAL A 34 -4.43 -0.08 1.15
CA VAL A 34 -4.04 0.96 2.08
C VAL A 34 -5.12 1.22 3.12
N LEU A 35 -4.70 1.33 4.39
CA LEU A 35 -5.64 1.58 5.48
C LEU A 35 -5.69 3.06 5.83
N LYS A 36 -4.57 3.59 6.32
CA LYS A 36 -4.49 4.99 6.69
C LYS A 36 -3.43 5.72 5.86
N LYS A 37 -3.67 6.99 5.58
CA LYS A 37 -2.73 7.79 4.80
C LYS A 37 -1.92 8.71 5.71
N GLY A 38 -0.72 8.27 6.05
CA GLY A 38 0.14 9.07 6.91
C GLY A 38 0.42 10.44 6.34
N ASN A 39 1.25 11.21 7.04
CA ASN A 39 1.58 12.56 6.59
C ASN A 39 3.06 12.65 6.20
N ASP A 40 3.87 11.78 6.80
CA ASP A 40 5.30 11.76 6.51
C ASP A 40 5.62 10.78 5.39
N ASN A 41 4.84 10.85 4.32
CA ASN A 41 5.03 9.97 3.17
C ASN A 41 5.08 8.51 3.61
N TRP A 42 4.29 8.18 4.63
CA TRP A 42 4.24 6.81 5.14
C TRP A 42 2.80 6.34 5.31
N ALA A 43 2.29 5.64 4.29
CA ALA A 43 0.93 5.13 4.32
C ALA A 43 0.89 3.67 4.76
N THR A 44 -0.11 3.32 5.55
CA THR A 44 -0.25 1.96 6.04
C THR A 44 -0.95 1.07 5.01
N VAL A 45 -0.39 -0.11 4.79
CA VAL A 45 -0.96 -1.06 3.83
C VAL A 45 -1.21 -2.42 4.47
N MET A 46 -1.75 -3.34 3.69
CA MET A 46 -2.05 -4.68 4.18
C MET A 46 -1.73 -5.73 3.12
N PHE A 47 -1.12 -6.83 3.55
CA PHE A 47 -0.76 -7.91 2.63
C PHE A 47 -0.75 -9.26 3.35
N ASN A 48 -1.68 -10.13 2.97
CA ASN A 48 -1.78 -11.45 3.59
C ASN A 48 -1.90 -11.34 5.10
N GLY A 49 -2.55 -10.27 5.56
CA GLY A 49 -2.72 -10.08 6.99
C GLY A 49 -1.47 -9.54 7.65
N GLN A 50 -0.88 -8.50 7.07
CA GLN A 50 0.33 -7.90 7.61
C GLN A 50 0.34 -6.40 7.39
N LYS A 51 0.50 -5.64 8.48
CA LYS A 51 0.54 -4.19 8.40
C LYS A 51 1.96 -3.69 8.17
N GLY A 52 2.08 -2.60 7.42
CA GLY A 52 3.39 -2.04 7.13
C GLY A 52 3.30 -0.67 6.46
N LEU A 53 4.30 0.17 6.70
CA LEU A 53 4.33 1.50 6.12
C LEU A 53 4.91 1.47 4.71
N VAL A 54 4.50 2.42 3.88
CA VAL A 54 4.99 2.50 2.51
C VAL A 54 4.92 3.93 1.99
N PRO A 55 5.75 4.23 0.98
CA PRO A 55 5.79 5.56 0.37
C PRO A 55 4.55 5.87 -0.46
N CYS A 56 4.06 7.10 -0.35
CA CYS A 56 2.88 7.52 -1.08
C CYS A 56 3.23 7.96 -2.50
N ASN A 57 4.43 8.53 -2.64
CA ASN A 57 4.89 9.00 -3.95
C ASN A 57 5.24 7.83 -4.86
N TYR A 58 5.60 6.71 -4.25
CA TYR A 58 5.97 5.51 -5.01
C TYR A 58 4.80 4.54 -5.09
N LEU A 59 3.59 5.07 -4.99
CA LEU A 59 2.38 4.25 -5.05
C LEU A 59 1.33 4.89 -5.96
N GLU A 60 0.65 4.05 -6.74
CA GLU A 60 -0.38 4.53 -7.65
C GLU A 60 -1.77 4.06 -7.22
N PRO A 61 -2.76 4.95 -7.28
CA PRO A 61 -4.14 4.65 -6.90
C PRO A 61 -4.81 3.69 -7.88
N VAL A 62 -4.98 2.44 -7.46
CA VAL A 62 -5.62 1.44 -8.30
C VAL A 62 -7.13 1.47 -8.15
N SER A 63 -7.80 2.06 -9.13
CA SER A 63 -9.26 2.16 -9.10
C SER A 63 -9.86 1.66 -10.42
N GLY A 64 -9.20 1.98 -11.52
CA GLY A 64 -9.68 1.56 -12.82
C GLY A 64 -8.58 1.51 -13.86
N PRO A 65 -8.11 2.69 -14.30
CA PRO A 65 -7.06 2.81 -15.30
C PRO A 65 -5.70 2.36 -14.76
N SER A 66 -5.28 1.15 -15.15
CA SER A 66 -4.00 0.60 -14.71
C SER A 66 -2.93 0.78 -15.78
N SER A 67 -1.69 0.50 -15.42
CA SER A 67 -0.57 0.63 -16.34
C SER A 67 -0.09 -0.73 -16.81
N GLY A 68 -0.42 -1.07 -18.06
CA GLY A 68 -0.02 -2.35 -18.61
C GLY A 68 -0.74 -3.52 -17.96
N GLY A 1 -23.41 -4.61 6.86
CA GLY A 1 -23.19 -3.19 6.63
C GLY A 1 -22.90 -2.43 7.91
N SER A 2 -21.62 -2.28 8.24
CA SER A 2 -21.23 -1.57 9.45
C SER A 2 -20.55 -0.25 9.11
N SER A 3 -19.92 -0.20 7.94
CA SER A 3 -19.23 1.01 7.50
C SER A 3 -18.13 1.41 8.49
N GLY A 4 -17.36 0.42 8.94
CA GLY A 4 -16.30 0.69 9.88
C GLY A 4 -14.93 0.72 9.23
N SER A 5 -14.46 -0.45 8.80
CA SER A 5 -13.16 -0.55 8.15
C SER A 5 -13.28 -0.43 6.63
N SER A 6 -12.15 -0.32 5.96
CA SER A 6 -12.13 -0.19 4.50
C SER A 6 -10.71 -0.30 3.96
N GLY A 7 -10.59 -0.31 2.64
CA GLY A 7 -9.29 -0.42 2.01
C GLY A 7 -9.28 0.07 0.57
N GLU A 8 -8.10 0.26 0.02
CA GLU A 8 -7.96 0.74 -1.35
C GLU A 8 -6.73 0.12 -2.03
N ALA A 9 -6.97 -0.65 -3.08
CA ALA A 9 -5.90 -1.29 -3.81
C ALA A 9 -5.05 -0.27 -4.57
N HIS A 10 -3.73 -0.36 -4.41
CA HIS A 10 -2.82 0.55 -5.07
C HIS A 10 -1.71 -0.21 -5.78
N ARG A 11 -1.18 0.38 -6.85
CA ARG A 11 -0.12 -0.24 -7.63
C ARG A 11 1.25 0.29 -7.19
N VAL A 12 2.10 -0.63 -6.71
CA VAL A 12 3.43 -0.26 -6.25
C VAL A 12 4.36 0.00 -7.43
N LEU A 13 5.05 1.13 -7.40
CA LEU A 13 5.98 1.49 -8.47
C LEU A 13 7.41 1.17 -8.08
N PHE A 14 8.11 0.45 -8.95
CA PHE A 14 9.49 0.07 -8.70
C PHE A 14 10.34 1.29 -8.35
N GLY A 15 11.18 1.16 -7.34
CA GLY A 15 12.03 2.25 -6.92
C GLY A 15 12.58 2.07 -5.51
N PHE A 16 11.68 2.05 -4.53
CA PHE A 16 12.08 1.89 -3.14
C PHE A 16 11.53 0.58 -2.57
N VAL A 17 12.43 -0.26 -2.05
CA VAL A 17 12.03 -1.53 -1.47
C VAL A 17 12.20 -1.53 0.04
N PRO A 18 11.15 -1.08 0.75
CA PRO A 18 11.15 -1.02 2.22
C PRO A 18 11.13 -2.40 2.86
N GLU A 19 12.31 -2.99 3.01
CA GLU A 19 12.42 -4.32 3.61
C GLU A 19 13.02 -4.24 5.01
N THR A 20 12.16 -4.16 6.02
CA THR A 20 12.61 -4.08 7.41
C THR A 20 11.55 -4.60 8.37
N LYS A 21 11.87 -4.61 9.65
CA LYS A 21 10.95 -5.08 10.68
C LYS A 21 9.60 -4.35 10.56
N GLU A 22 9.62 -3.05 10.83
CA GLU A 22 8.40 -2.24 10.76
C GLU A 22 7.91 -2.14 9.32
N GLU A 23 8.63 -1.38 8.51
CA GLU A 23 8.26 -1.19 7.10
C GLU A 23 8.12 -2.53 6.40
N LEU A 24 6.96 -2.75 5.77
CA LEU A 24 6.70 -3.98 5.06
C LEU A 24 7.32 -3.96 3.67
N GLN A 25 7.76 -5.13 3.20
CA GLN A 25 8.38 -5.23 1.88
C GLN A 25 7.34 -5.56 0.82
N VAL A 26 7.43 -4.89 -0.32
CA VAL A 26 6.49 -5.11 -1.42
C VAL A 26 7.23 -5.31 -2.73
N MET A 27 6.56 -5.94 -3.69
CA MET A 27 7.15 -6.21 -5.00
C MET A 27 6.67 -5.17 -6.02
N PRO A 28 7.45 -5.01 -7.10
CA PRO A 28 7.12 -4.07 -8.18
C PRO A 28 5.90 -4.50 -8.98
N GLY A 29 4.87 -3.68 -8.97
CA GLY A 29 3.65 -4.00 -9.70
C GLY A 29 2.70 -4.87 -8.90
N ASN A 30 2.74 -4.74 -7.58
CA ASN A 30 1.88 -5.53 -6.71
C ASN A 30 0.64 -4.72 -6.31
N ILE A 31 -0.29 -5.39 -5.63
CA ILE A 31 -1.52 -4.74 -5.18
C ILE A 31 -1.65 -4.80 -3.67
N VAL A 32 -1.43 -3.65 -3.03
CA VAL A 32 -1.53 -3.56 -1.57
C VAL A 32 -2.71 -2.69 -1.15
N PHE A 33 -3.41 -3.12 -0.11
CA PHE A 33 -4.56 -2.38 0.39
C PHE A 33 -4.12 -1.29 1.36
N VAL A 34 -4.39 -0.03 1.00
CA VAL A 34 -4.02 1.10 1.84
C VAL A 34 -5.10 1.39 2.87
N LEU A 35 -4.71 1.37 4.15
CA LEU A 35 -5.66 1.64 5.23
C LEU A 35 -5.79 3.14 5.48
N LYS A 36 -4.71 3.77 5.92
CA LYS A 36 -4.71 5.20 6.19
C LYS A 36 -3.52 5.89 5.52
N LYS A 37 -3.40 7.19 5.74
CA LYS A 37 -2.31 7.95 5.16
C LYS A 37 -1.36 8.46 6.25
N GLY A 38 -0.32 9.18 5.83
CA GLY A 38 0.65 9.69 6.79
C GLY A 38 1.08 11.12 6.45
N ASN A 39 1.48 11.87 7.47
CA ASN A 39 1.93 13.24 7.27
C ASN A 39 3.37 13.28 6.76
N ASP A 40 4.18 12.34 7.23
CA ASP A 40 5.57 12.26 6.83
C ASP A 40 5.75 11.28 5.68
N ASN A 41 4.75 11.18 4.81
CA ASN A 41 4.79 10.28 3.68
C ASN A 41 4.87 8.82 4.14
N TRP A 42 4.16 8.51 5.22
CA TRP A 42 4.14 7.16 5.77
C TRP A 42 2.73 6.57 5.72
N ALA A 43 2.44 5.84 4.65
CA ALA A 43 1.13 5.22 4.50
C ALA A 43 1.13 3.79 5.02
N THR A 44 0.06 3.41 5.71
CA THR A 44 -0.06 2.07 6.27
C THR A 44 -0.80 1.14 5.30
N VAL A 45 -0.06 0.20 4.72
CA VAL A 45 -0.65 -0.75 3.79
C VAL A 45 -0.79 -2.13 4.42
N MET A 46 -1.42 -3.06 3.70
CA MET A 46 -1.61 -4.41 4.18
C MET A 46 -1.26 -5.44 3.11
N PHE A 47 -0.48 -6.44 3.49
CA PHE A 47 -0.08 -7.49 2.56
C PHE A 47 0.07 -8.83 3.27
N ASN A 48 -0.71 -9.81 2.84
CA ASN A 48 -0.68 -11.14 3.43
C ASN A 48 -1.07 -11.08 4.91
N GLY A 49 -2.09 -10.28 5.22
CA GLY A 49 -2.55 -10.16 6.58
C GLY A 49 -1.50 -9.56 7.49
N GLN A 50 -0.63 -8.73 6.93
CA GLN A 50 0.44 -8.08 7.70
C GLN A 50 0.46 -6.58 7.44
N LYS A 51 0.51 -5.80 8.52
CA LYS A 51 0.54 -4.35 8.42
C LYS A 51 1.97 -3.84 8.38
N GLY A 52 2.15 -2.64 7.87
CA GLY A 52 3.48 -2.05 7.78
C GLY A 52 3.46 -0.63 7.27
N LEU A 53 4.61 0.01 7.23
CA LEU A 53 4.73 1.39 6.75
C LEU A 53 5.52 1.45 5.45
N VAL A 54 5.07 2.30 4.54
CA VAL A 54 5.74 2.47 3.25
C VAL A 54 5.52 3.86 2.69
N PRO A 55 6.44 4.29 1.81
CA PRO A 55 6.37 5.62 1.18
C PRO A 55 5.22 5.74 0.18
N CYS A 56 4.17 6.45 0.57
CA CYS A 56 3.01 6.64 -0.29
C CYS A 56 3.41 7.22 -1.64
N ASN A 57 4.45 8.04 -1.62
CA ASN A 57 4.94 8.68 -2.85
C ASN A 57 5.30 7.63 -3.90
N TYR A 58 5.64 6.43 -3.43
CA TYR A 58 6.00 5.34 -4.33
C TYR A 58 4.80 4.41 -4.57
N LEU A 59 3.64 5.00 -4.84
CA LEU A 59 2.42 4.24 -5.08
C LEU A 59 1.52 4.95 -6.08
N GLU A 60 0.59 4.21 -6.67
CA GLU A 60 -0.34 4.78 -7.64
C GLU A 60 -1.74 4.21 -7.44
N PRO A 61 -2.75 5.10 -7.50
CA PRO A 61 -4.15 4.70 -7.33
C PRO A 61 -4.67 3.88 -8.50
N VAL A 62 -4.87 2.59 -8.28
CA VAL A 62 -5.36 1.69 -9.32
C VAL A 62 -6.85 1.94 -9.59
N SER A 63 -7.13 2.63 -10.69
CA SER A 63 -8.51 2.94 -11.07
C SER A 63 -8.92 2.16 -12.31
N GLY A 64 -10.06 1.50 -12.23
CA GLY A 64 -10.56 0.72 -13.36
C GLY A 64 -11.02 -0.66 -12.96
N PRO A 65 -12.17 -0.73 -12.28
CA PRO A 65 -12.75 -1.99 -11.81
C PRO A 65 -13.27 -2.85 -12.96
N SER A 66 -12.59 -3.96 -13.21
CA SER A 66 -12.98 -4.87 -14.29
C SER A 66 -12.11 -6.12 -14.29
N SER A 67 -12.75 -7.28 -14.47
CA SER A 67 -12.04 -8.55 -14.48
C SER A 67 -11.28 -8.74 -15.79
N GLY A 68 -10.14 -9.40 -15.72
CA GLY A 68 -9.33 -9.63 -16.90
C GLY A 68 -7.85 -9.52 -16.63
N GLY A 1 -13.89 -12.77 9.53
CA GLY A 1 -12.59 -12.14 9.36
C GLY A 1 -12.71 -10.66 9.03
N SER A 2 -13.48 -10.35 8.00
CA SER A 2 -13.67 -8.96 7.58
C SER A 2 -15.06 -8.46 7.96
N SER A 3 -15.11 -7.56 8.95
CA SER A 3 -16.38 -7.01 9.41
C SER A 3 -16.84 -5.86 8.50
N GLY A 4 -17.13 -6.20 7.25
CA GLY A 4 -17.57 -5.19 6.30
C GLY A 4 -16.61 -4.03 6.20
N SER A 5 -15.39 -4.31 5.74
CA SER A 5 -14.37 -3.27 5.59
C SER A 5 -13.48 -3.55 4.39
N SER A 6 -12.63 -2.59 4.06
CA SER A 6 -11.73 -2.72 2.91
C SER A 6 -10.71 -1.59 2.89
N GLY A 7 -9.76 -1.67 1.95
CA GLY A 7 -8.74 -0.65 1.84
C GLY A 7 -8.47 -0.26 0.40
N GLU A 8 -8.02 0.97 0.21
CA GLU A 8 -7.72 1.47 -1.13
C GLU A 8 -6.48 0.79 -1.71
N ALA A 9 -6.70 -0.09 -2.67
CA ALA A 9 -5.59 -0.82 -3.30
C ALA A 9 -4.70 0.14 -4.08
N HIS A 10 -3.39 -0.12 -4.04
CA HIS A 10 -2.42 0.71 -4.74
C HIS A 10 -1.38 -0.15 -5.45
N ARG A 11 -0.91 0.33 -6.60
CA ARG A 11 0.08 -0.39 -7.38
C ARG A 11 1.46 0.22 -7.21
N VAL A 12 2.48 -0.63 -7.11
CA VAL A 12 3.85 -0.17 -6.94
C VAL A 12 4.49 0.15 -8.29
N LEU A 13 5.36 1.15 -8.30
CA LEU A 13 6.04 1.55 -9.53
C LEU A 13 7.56 1.45 -9.37
N PHE A 14 8.13 2.34 -8.56
CA PHE A 14 9.56 2.33 -8.32
C PHE A 14 10.03 0.99 -7.76
N GLY A 15 11.32 0.87 -7.50
CA GLY A 15 11.86 -0.37 -6.97
C GLY A 15 12.19 -0.26 -5.49
N PHE A 16 11.31 0.39 -4.74
CA PHE A 16 11.51 0.56 -3.30
C PHE A 16 11.15 -0.72 -2.55
N VAL A 17 12.15 -1.32 -1.91
CA VAL A 17 11.94 -2.55 -1.15
C VAL A 17 12.04 -2.30 0.34
N PRO A 18 10.91 -1.93 0.96
CA PRO A 18 10.84 -1.66 2.39
C PRO A 18 11.01 -2.91 3.24
N GLU A 19 12.25 -3.29 3.50
CA GLU A 19 12.54 -4.47 4.29
C GLU A 19 12.93 -4.10 5.72
N THR A 20 11.94 -4.07 6.61
CA THR A 20 12.18 -3.72 8.01
C THR A 20 11.01 -4.13 8.88
N LYS A 21 11.19 -4.02 10.19
CA LYS A 21 10.14 -4.37 11.14
C LYS A 21 8.83 -3.66 10.80
N GLU A 22 8.83 -2.34 10.97
CA GLU A 22 7.64 -1.54 10.68
C GLU A 22 7.26 -1.65 9.20
N GLU A 23 8.03 -1.00 8.35
CA GLU A 23 7.77 -1.02 6.91
C GLU A 23 7.70 -2.46 6.39
N LEU A 24 6.57 -2.81 5.80
CA LEU A 24 6.38 -4.15 5.27
C LEU A 24 6.89 -4.24 3.82
N GLN A 25 7.74 -5.22 3.56
CA GLN A 25 8.29 -5.42 2.22
C GLN A 25 7.18 -5.66 1.20
N VAL A 26 7.42 -5.24 -0.04
CA VAL A 26 6.44 -5.42 -1.11
C VAL A 26 7.12 -5.74 -2.43
N MET A 27 6.39 -6.42 -3.31
CA MET A 27 6.92 -6.80 -4.62
C MET A 27 6.46 -5.81 -5.69
N PRO A 28 7.20 -5.78 -6.81
CA PRO A 28 6.88 -4.89 -7.93
C PRO A 28 5.62 -5.32 -8.68
N GLY A 29 4.70 -4.38 -8.86
CA GLY A 29 3.46 -4.68 -9.56
C GLY A 29 2.48 -5.45 -8.68
N ASN A 30 2.62 -5.30 -7.38
CA ASN A 30 1.74 -5.98 -6.43
C ASN A 30 0.56 -5.10 -6.05
N ILE A 31 -0.46 -5.71 -5.43
CA ILE A 31 -1.65 -4.99 -5.02
C ILE A 31 -1.84 -5.07 -3.51
N VAL A 32 -1.58 -3.96 -2.82
CA VAL A 32 -1.73 -3.92 -1.37
C VAL A 32 -2.81 -2.93 -0.96
N PHE A 33 -3.67 -3.34 -0.04
CA PHE A 33 -4.75 -2.50 0.43
C PHE A 33 -4.24 -1.45 1.42
N VAL A 34 -4.54 -0.18 1.14
CA VAL A 34 -4.10 0.91 2.00
C VAL A 34 -5.11 1.17 3.10
N LEU A 35 -4.62 1.33 4.33
CA LEU A 35 -5.47 1.59 5.48
C LEU A 35 -5.42 3.05 5.88
N LYS A 36 -4.20 3.57 6.05
CA LYS A 36 -4.01 4.96 6.43
C LYS A 36 -3.35 5.75 5.31
N LYS A 37 -3.29 7.07 5.46
CA LYS A 37 -2.69 7.94 4.46
C LYS A 37 -2.05 9.16 5.12
N GLY A 38 -0.89 9.56 4.59
CA GLY A 38 -0.20 10.71 5.14
C GLY A 38 0.88 10.33 6.14
N ASN A 39 0.99 11.08 7.21
CA ASN A 39 1.99 10.82 8.24
C ASN A 39 3.40 10.95 7.67
N ASP A 40 3.65 12.05 6.96
CA ASP A 40 4.96 12.30 6.36
C ASP A 40 5.30 11.23 5.32
N ASN A 41 4.42 11.09 4.33
CA ASN A 41 4.62 10.10 3.27
C ASN A 41 4.78 8.70 3.86
N TRP A 42 3.78 8.28 4.62
CA TRP A 42 3.80 6.95 5.24
C TRP A 42 2.39 6.37 5.36
N ALA A 43 1.96 5.65 4.32
CA ALA A 43 0.64 5.05 4.31
C ALA A 43 0.71 3.57 4.69
N THR A 44 -0.21 3.16 5.57
CA THR A 44 -0.25 1.76 6.02
C THR A 44 -0.84 0.86 4.95
N VAL A 45 -0.21 -0.29 4.73
CA VAL A 45 -0.68 -1.25 3.74
C VAL A 45 -0.84 -2.64 4.35
N MET A 46 -1.64 -3.47 3.70
CA MET A 46 -1.89 -4.83 4.17
C MET A 46 -1.44 -5.85 3.14
N PHE A 47 -0.70 -6.87 3.60
CA PHE A 47 -0.21 -7.92 2.71
C PHE A 47 -0.27 -9.28 3.40
N ASN A 48 -1.19 -10.12 2.97
CA ASN A 48 -1.35 -11.45 3.53
C ASN A 48 -1.63 -11.38 5.03
N GLY A 49 -2.47 -10.42 5.42
CA GLY A 49 -2.81 -10.25 6.82
C GLY A 49 -1.67 -9.63 7.62
N GLN A 50 -1.01 -8.65 7.02
CA GLN A 50 0.10 -7.97 7.68
C GLN A 50 -0.12 -6.46 7.72
N LYS A 51 0.77 -5.74 8.40
CA LYS A 51 0.68 -4.29 8.49
C LYS A 51 2.05 -3.65 8.40
N GLY A 52 2.16 -2.60 7.59
CA GLY A 52 3.42 -1.90 7.43
C GLY A 52 3.26 -0.55 6.77
N LEU A 53 4.24 0.33 7.00
CA LEU A 53 4.19 1.67 6.41
C LEU A 53 4.95 1.71 5.09
N VAL A 54 4.54 2.61 4.20
CA VAL A 54 5.18 2.75 2.90
C VAL A 54 5.01 4.16 2.36
N PRO A 55 5.93 4.57 1.46
CA PRO A 55 5.90 5.90 0.85
C PRO A 55 4.74 6.08 -0.11
N CYS A 56 3.98 7.14 0.07
CA CYS A 56 2.83 7.43 -0.79
C CYS A 56 3.28 7.99 -2.13
N ASN A 57 4.44 8.64 -2.14
CA ASN A 57 4.98 9.23 -3.36
C ASN A 57 5.45 8.15 -4.32
N TYR A 58 5.81 6.99 -3.78
CA TYR A 58 6.28 5.88 -4.58
C TYR A 58 5.16 4.87 -4.82
N LEU A 59 3.93 5.34 -4.78
CA LEU A 59 2.76 4.48 -4.99
C LEU A 59 1.80 5.10 -5.99
N GLU A 60 0.84 4.31 -6.46
CA GLU A 60 -0.15 4.79 -7.41
C GLU A 60 -1.54 4.24 -7.08
N PRO A 61 -2.55 5.11 -7.16
CA PRO A 61 -3.94 4.73 -6.88
C PRO A 61 -4.52 3.81 -7.95
N VAL A 62 -5.05 2.67 -7.51
CA VAL A 62 -5.63 1.70 -8.42
C VAL A 62 -7.15 1.74 -8.36
N SER A 63 -7.70 1.71 -7.14
CA SER A 63 -9.14 1.74 -6.95
C SER A 63 -9.70 3.12 -7.30
N GLY A 64 -10.49 3.17 -8.36
CA GLY A 64 -11.09 4.42 -8.78
C GLY A 64 -12.33 4.78 -7.97
N PRO A 65 -12.84 6.00 -8.18
CA PRO A 65 -14.02 6.49 -7.48
C PRO A 65 -15.30 5.78 -7.92
N SER A 66 -16.34 5.87 -7.10
CA SER A 66 -17.62 5.23 -7.40
C SER A 66 -18.70 6.27 -7.63
N SER A 67 -18.40 7.26 -8.46
CA SER A 67 -19.35 8.33 -8.77
C SER A 67 -20.00 8.10 -10.13
N GLY A 68 -19.19 7.75 -11.12
CA GLY A 68 -19.71 7.51 -12.45
C GLY A 68 -19.33 8.61 -13.42
N GLY A 1 -14.64 -10.64 15.10
CA GLY A 1 -14.27 -10.81 13.71
C GLY A 1 -15.26 -10.15 12.76
N SER A 2 -15.57 -10.83 11.66
CA SER A 2 -16.50 -10.30 10.67
C SER A 2 -15.98 -8.99 10.10
N SER A 3 -14.68 -8.91 9.88
CA SER A 3 -14.06 -7.71 9.35
C SER A 3 -12.99 -8.06 8.30
N GLY A 4 -13.14 -7.51 7.11
CA GLY A 4 -12.19 -7.78 6.04
C GLY A 4 -11.22 -6.64 5.83
N SER A 5 -10.67 -6.54 4.63
CA SER A 5 -9.72 -5.49 4.29
C SER A 5 -10.44 -4.21 3.87
N SER A 6 -11.14 -4.28 2.75
CA SER A 6 -11.87 -3.13 2.23
C SER A 6 -10.95 -1.91 2.11
N GLY A 7 -9.68 -2.16 1.86
CA GLY A 7 -8.72 -1.08 1.73
C GLY A 7 -8.53 -0.65 0.28
N GLU A 8 -7.89 0.50 0.09
CA GLU A 8 -7.65 1.02 -1.25
C GLU A 8 -6.42 0.37 -1.87
N ALA A 9 -6.63 -0.38 -2.94
CA ALA A 9 -5.53 -1.06 -3.63
C ALA A 9 -4.69 -0.07 -4.42
N HIS A 10 -3.37 -0.21 -4.31
CA HIS A 10 -2.46 0.67 -5.02
C HIS A 10 -1.40 -0.13 -5.77
N ARG A 11 -0.97 0.39 -6.91
CA ARG A 11 0.04 -0.28 -7.73
C ARG A 11 1.43 0.27 -7.44
N VAL A 12 2.35 -0.61 -7.07
CA VAL A 12 3.72 -0.21 -6.77
C VAL A 12 4.49 0.12 -8.05
N LEU A 13 5.11 1.30 -8.06
CA LEU A 13 5.87 1.75 -9.22
C LEU A 13 7.37 1.63 -8.95
N PHE A 14 7.88 2.42 -8.01
CA PHE A 14 9.28 2.41 -7.66
C PHE A 14 9.73 1.00 -7.26
N GLY A 15 11.04 0.81 -7.14
CA GLY A 15 11.57 -0.48 -6.76
C GLY A 15 12.13 -0.50 -5.35
N PHE A 16 11.40 0.10 -4.42
CA PHE A 16 11.83 0.16 -3.02
C PHE A 16 11.41 -1.10 -2.28
N VAL A 17 12.37 -1.72 -1.58
CA VAL A 17 12.10 -2.93 -0.82
C VAL A 17 12.17 -2.66 0.68
N PRO A 18 11.03 -2.25 1.26
CA PRO A 18 10.93 -1.96 2.69
C PRO A 18 11.03 -3.22 3.55
N GLU A 19 12.26 -3.68 3.77
CA GLU A 19 12.49 -4.87 4.58
C GLU A 19 13.04 -4.50 5.95
N THR A 20 12.15 -4.37 6.92
CA THR A 20 12.54 -4.02 8.28
C THR A 20 11.52 -4.50 9.30
N LYS A 21 11.95 -4.62 10.54
CA LYS A 21 11.06 -5.08 11.62
C LYS A 21 9.78 -4.25 11.66
N GLU A 22 9.88 -3.00 11.23
CA GLU A 22 8.73 -2.10 11.21
C GLU A 22 7.98 -2.20 9.88
N GLU A 23 8.57 -1.63 8.84
CA GLU A 23 7.95 -1.64 7.52
C GLU A 23 7.65 -3.07 7.08
N LEU A 24 6.96 -3.22 5.95
CA LEU A 24 6.61 -4.53 5.43
C LEU A 24 7.11 -4.70 4.01
N GLN A 25 8.02 -5.63 3.80
CA GLN A 25 8.58 -5.90 2.49
C GLN A 25 7.47 -6.15 1.46
N VAL A 26 7.73 -5.77 0.22
CA VAL A 26 6.75 -5.96 -0.85
C VAL A 26 7.44 -6.31 -2.17
N MET A 27 6.64 -6.57 -3.19
CA MET A 27 7.17 -6.92 -4.51
C MET A 27 6.77 -5.88 -5.54
N PRO A 28 7.54 -5.81 -6.64
CA PRO A 28 7.29 -4.86 -7.72
C PRO A 28 6.03 -5.20 -8.51
N GLY A 29 5.16 -4.20 -8.68
CA GLY A 29 3.92 -4.40 -9.42
C GLY A 29 2.92 -5.23 -8.64
N ASN A 30 2.81 -4.96 -7.34
CA ASN A 30 1.89 -5.68 -6.48
C ASN A 30 0.68 -4.81 -6.11
N ILE A 31 -0.28 -5.40 -5.41
CA ILE A 31 -1.47 -4.68 -4.99
C ILE A 31 -1.63 -4.71 -3.48
N VAL A 32 -1.33 -3.59 -2.83
CA VAL A 32 -1.45 -3.49 -1.38
C VAL A 32 -2.63 -2.61 -0.98
N PHE A 33 -3.42 -3.09 -0.04
CA PHE A 33 -4.59 -2.35 0.43
C PHE A 33 -4.19 -1.32 1.48
N VAL A 34 -4.14 -0.06 1.07
CA VAL A 34 -3.77 1.03 1.97
C VAL A 34 -4.88 1.29 2.99
N LEU A 35 -4.50 1.41 4.26
CA LEU A 35 -5.46 1.66 5.32
C LEU A 35 -5.59 3.16 5.59
N LYS A 36 -4.53 3.76 6.12
CA LYS A 36 -4.52 5.18 6.42
C LYS A 36 -3.49 5.91 5.56
N LYS A 37 -3.75 7.18 5.28
CA LYS A 37 -2.85 7.99 4.48
C LYS A 37 -2.70 9.39 5.06
N GLY A 38 -1.49 9.74 5.47
CA GLY A 38 -1.24 11.04 6.04
C GLY A 38 -0.37 11.91 5.16
N ASN A 39 0.32 12.87 5.77
CA ASN A 39 1.20 13.77 5.03
C ASN A 39 2.61 13.73 5.58
N ASP A 40 3.14 12.52 5.75
CA ASP A 40 4.50 12.34 6.27
C ASP A 40 5.30 11.40 5.39
N ASN A 41 4.97 11.37 4.10
CA ASN A 41 5.66 10.50 3.14
C ASN A 41 5.59 9.04 3.59
N TRP A 42 4.53 8.70 4.31
CA TRP A 42 4.33 7.33 4.80
C TRP A 42 2.86 6.96 4.79
N ALA A 43 2.59 5.66 4.63
CA ALA A 43 1.22 5.17 4.60
C ALA A 43 1.15 3.71 5.04
N THR A 44 0.10 3.37 5.78
CA THR A 44 -0.08 2.01 6.27
C THR A 44 -0.77 1.14 5.23
N VAL A 45 -0.28 -0.08 5.06
CA VAL A 45 -0.85 -1.01 4.09
C VAL A 45 -1.04 -2.39 4.71
N MET A 46 -1.64 -3.30 3.95
CA MET A 46 -1.87 -4.67 4.42
C MET A 46 -1.49 -5.68 3.34
N PHE A 47 -0.56 -6.57 3.68
CA PHE A 47 -0.11 -7.59 2.74
C PHE A 47 -0.08 -8.97 3.41
N ASN A 48 -0.95 -9.87 2.95
CA ASN A 48 -1.02 -11.21 3.50
C ASN A 48 -1.34 -11.17 4.99
N GLY A 49 -2.28 -10.31 5.37
CA GLY A 49 -2.66 -10.19 6.76
C GLY A 49 -1.53 -9.68 7.63
N GLN A 50 -0.78 -8.70 7.11
CA GLN A 50 0.34 -8.13 7.84
C GLN A 50 0.33 -6.61 7.73
N LYS A 51 0.55 -5.93 8.86
CA LYS A 51 0.57 -4.48 8.89
C LYS A 51 1.99 -3.96 8.63
N GLY A 52 2.08 -2.86 7.88
CA GLY A 52 3.37 -2.27 7.57
C GLY A 52 3.26 -0.83 7.10
N LEU A 53 4.38 -0.25 6.71
CA LEU A 53 4.40 1.13 6.23
C LEU A 53 5.19 1.24 4.92
N VAL A 54 4.71 2.09 4.02
CA VAL A 54 5.38 2.29 2.74
C VAL A 54 5.25 3.74 2.28
N PRO A 55 6.18 4.18 1.42
CA PRO A 55 6.19 5.54 0.89
C PRO A 55 5.04 5.79 -0.09
N CYS A 56 4.05 6.56 0.36
CA CYS A 56 2.90 6.88 -0.47
C CYS A 56 3.33 7.52 -1.78
N ASN A 57 4.41 8.28 -1.74
CA ASN A 57 4.93 8.95 -2.92
C ASN A 57 5.20 7.95 -4.05
N TYR A 58 5.61 6.74 -3.66
CA TYR A 58 5.90 5.69 -4.63
C TYR A 58 4.73 4.72 -4.75
N LEU A 59 3.52 5.27 -4.86
CA LEU A 59 2.32 4.44 -4.98
C LEU A 59 1.29 5.13 -5.88
N GLU A 60 0.63 4.34 -6.71
CA GLU A 60 -0.39 4.86 -7.61
C GLU A 60 -1.76 4.28 -7.29
N PRO A 61 -2.79 5.15 -7.30
CA PRO A 61 -4.17 4.74 -7.01
C PRO A 61 -4.76 3.86 -8.10
N VAL A 62 -5.13 2.64 -7.74
CA VAL A 62 -5.71 1.70 -8.69
C VAL A 62 -7.23 1.80 -8.70
N SER A 63 -7.80 2.19 -7.56
CA SER A 63 -9.25 2.33 -7.44
C SER A 63 -9.66 3.80 -7.34
N GLY A 64 -10.74 4.15 -8.01
CA GLY A 64 -11.22 5.53 -7.98
C GLY A 64 -12.72 5.61 -7.88
N PRO A 65 -13.26 6.84 -8.00
CA PRO A 65 -14.70 7.09 -7.92
C PRO A 65 -15.45 6.54 -9.13
N SER A 66 -16.41 5.66 -8.89
CA SER A 66 -17.20 5.07 -9.96
C SER A 66 -18.69 5.18 -9.67
N SER A 67 -19.40 5.93 -10.50
CA SER A 67 -20.83 6.12 -10.32
C SER A 67 -21.61 5.09 -11.13
N GLY A 68 -22.80 4.74 -10.64
CA GLY A 68 -23.64 3.77 -11.33
C GLY A 68 -25.09 4.17 -11.34
#